data_1DED
#
_entry.id   1DED
#
_cell.length_a   64.930
_cell.length_b   73.830
_cell.length_c   79.050
_cell.angle_alpha   85.10
_cell.angle_beta   105.40
_cell.angle_gamma   100.50
#
_symmetry.space_group_name_H-M   'P 1'
#
loop_
_entity.id
_entity.type
_entity.pdbx_description
1 polymer 'CYCLODEXTRIN GLUCANOTRANSFERASE'
2 branched 4,6-dideoxy-4-{[(1S,4R,5S,6S)-4,5,6-trihydroxy-3-(hydroxymethyl)cyclohex-2-en-1-yl]amino}-alpha-D-glucopyranose-(1-4)-alpha-D-glucopyranose-(1-4)-beta-D-glucopyranose
3 non-polymer 'CALCIUM ION'
4 water water
#
_entity_poly.entity_id   1
_entity_poly.type   'polypeptide(L)'
_entity_poly.pdbx_seq_one_letter_code
;APDTSVSNKQNFSTDVIYQIFTDRFSDGNPANNPTGAAFDGSCTNLRLYCGGDWQGIINKINDGYLTGMGITAIWISQPV
ENIYSVINYSGVNNTAYHGYWARDFKKTNPAYGTMQDFKNLIDTAHAHNIKVIIDFAPNHTSPASSDDPSFAENGRLYDN
GNLLGGYTNDTQNLFHHYGGTDFSTIENGIYKNLYDLADLNHNNSSVDVYLKDAIKMWLDLGVDGIRVDAVKNMPFGWQK
SFMATINNYKPVFTFGEWFLGVNEISPEYHQFANESGMSLLDFRFAQKARQVFRDNTDNMYGLKAMLEGSEVDYAQVNDQ
VTFIDNHDMERFHTSNGDRRKLEQALAFTLTSRGVPAIYYGSEQYMSGGNDPDNRARLPSFSTTTTAYQVIQKLAPLRKS
NPAIAYGSTHERWINNDVIIYERKFGNNVAVVAINRNMNTPASITGLVTSLPRGSYNDVLGGILNGNTLTVGAGGAASNF
TLAPGGTAVWQYTTDATTPIIGNVGPMMAKPGVTITIDGRGFGSGKGTVYFGTTAVTGADIVAWEDTQIQVKIPAVPGGI
YDIRVANAAGAASNIYDNFEVLTGDQVTVRFVINNATTALGQNVFLTGNVSELGNWDPNNAIGPMYNQVVYQYPTWYYDV
SVPAGQTIEFKFLKKQGSTVTWEGGANRTFTTPTSGTATVNVNWQP
;
_entity_poly.pdbx_strand_id   A,B
#
# COMPACT_ATOMS: atom_id res chain seq x y z
N ALA A 1 -15.80 -10.09 22.12
CA ALA A 1 -16.83 -9.07 22.10
C ALA A 1 -16.53 -8.23 20.84
N PRO A 2 -17.36 -7.34 20.29
CA PRO A 2 -17.03 -6.56 19.10
C PRO A 2 -15.92 -5.55 19.29
N ASP A 3 -15.28 -5.14 18.21
CA ASP A 3 -14.24 -4.12 18.26
C ASP A 3 -14.76 -2.83 18.86
N THR A 4 -16.07 -2.56 18.79
CA THR A 4 -16.65 -1.33 19.30
C THR A 4 -17.16 -1.42 20.73
N SER A 5 -17.18 -2.54 21.44
CA SER A 5 -17.51 -2.51 22.87
C SER A 5 -16.66 -1.54 23.70
N VAL A 6 -17.32 -0.96 24.71
CA VAL A 6 -16.68 -0.10 25.72
C VAL A 6 -15.62 -0.90 26.53
N SER A 7 -15.72 -2.25 26.50
CA SER A 7 -14.77 -3.12 27.15
C SER A 7 -13.50 -3.25 26.37
N ASN A 8 -13.42 -2.75 25.14
CA ASN A 8 -12.18 -2.78 24.40
C ASN A 8 -11.25 -1.66 24.84
N LYS A 9 -10.59 -1.90 25.97
CA LYS A 9 -9.59 -0.99 26.54
C LYS A 9 -8.35 -0.94 25.69
N GLN A 10 -8.05 -1.90 24.81
CA GLN A 10 -6.80 -1.85 24.08
C GLN A 10 -6.76 -0.97 22.85
N ASN A 11 -7.82 -0.75 22.09
CA ASN A 11 -7.73 0.03 20.85
C ASN A 11 -8.84 1.04 20.90
N PHE A 12 -8.56 2.25 20.49
CA PHE A 12 -9.52 3.33 20.55
C PHE A 12 -9.77 3.96 19.18
N SER A 13 -9.41 3.46 17.99
CA SER A 13 -9.67 4.24 16.79
C SER A 13 -11.16 4.26 16.43
N THR A 14 -12.04 3.50 17.10
CA THR A 14 -13.49 3.64 16.88
C THR A 14 -14.10 4.69 17.83
N ASP A 15 -13.25 5.39 18.61
CA ASP A 15 -13.71 6.32 19.61
C ASP A 15 -13.43 7.73 19.27
N VAL A 16 -14.17 8.62 19.96
CA VAL A 16 -13.90 10.06 19.89
C VAL A 16 -13.73 10.43 21.38
N ILE A 17 -12.63 11.13 21.66
CA ILE A 17 -12.24 11.44 23.04
C ILE A 17 -12.62 12.88 23.28
N TYR A 18 -13.17 13.13 24.46
CA TYR A 18 -13.44 14.47 24.93
C TYR A 18 -12.48 14.73 26.11
N GLN A 19 -11.51 15.62 25.93
CA GLN A 19 -10.54 15.97 26.93
C GLN A 19 -11.07 16.95 27.95
N ILE A 20 -11.30 16.51 29.17
CA ILE A 20 -11.82 17.36 30.24
C ILE A 20 -10.78 17.81 31.28
N PHE A 21 -10.62 19.13 31.43
CA PHE A 21 -9.92 19.68 32.59
C PHE A 21 -11.00 19.62 33.69
N THR A 22 -10.99 18.64 34.58
CA THR A 22 -12.02 18.45 35.59
C THR A 22 -12.42 19.72 36.32
N ASP A 23 -11.49 20.60 36.63
CA ASP A 23 -11.84 21.75 37.41
C ASP A 23 -12.66 22.78 36.64
N ARG A 24 -12.63 22.74 35.33
CA ARG A 24 -13.20 23.78 34.51
C ARG A 24 -14.43 23.28 33.74
N PHE A 25 -14.94 22.12 34.13
CA PHE A 25 -16.02 21.53 33.41
C PHE A 25 -17.23 21.66 34.30
N SER A 26 -17.43 20.93 35.40
CA SER A 26 -18.63 21.11 36.17
C SER A 26 -18.53 20.77 37.61
N ASP A 27 -19.01 21.70 38.42
CA ASP A 27 -19.02 21.53 39.84
C ASP A 27 -20.31 20.87 40.26
N GLY A 28 -20.26 19.55 40.29
CA GLY A 28 -21.35 18.71 40.70
C GLY A 28 -21.45 18.61 42.20
N ASN A 29 -20.41 18.96 42.95
CA ASN A 29 -20.48 18.88 44.40
C ASN A 29 -19.67 20.05 44.97
N PRO A 30 -20.36 21.04 45.57
CA PRO A 30 -19.71 22.20 46.19
C PRO A 30 -19.11 21.94 47.55
N ALA A 31 -19.55 20.95 48.32
CA ALA A 31 -18.97 20.64 49.61
C ALA A 31 -17.55 20.09 49.47
N ASN A 32 -17.11 19.59 48.30
CA ASN A 32 -15.70 19.20 48.17
C ASN A 32 -14.86 20.36 47.63
N ASN A 33 -15.37 21.58 47.55
CA ASN A 33 -14.57 22.66 46.95
C ASN A 33 -13.55 23.19 47.93
N PRO A 34 -12.28 23.39 47.51
CA PRO A 34 -11.29 24.10 48.30
C PRO A 34 -11.81 25.44 48.84
N THR A 35 -11.25 25.89 49.94
CA THR A 35 -11.65 27.12 50.55
C THR A 35 -10.52 28.15 50.59
N GLY A 36 -10.84 29.37 50.99
CA GLY A 36 -9.84 30.39 51.22
C GLY A 36 -9.26 30.91 49.93
N ALA A 37 -7.96 31.14 49.99
CA ALA A 37 -7.21 31.66 48.85
C ALA A 37 -6.96 30.64 47.74
N ALA A 38 -7.24 29.36 47.97
CA ALA A 38 -7.13 28.30 46.96
C ALA A 38 -8.37 28.30 46.06
N PHE A 39 -9.42 29.11 46.28
CA PHE A 39 -10.68 28.98 45.54
C PHE A 39 -11.25 30.24 44.95
N ASP A 40 -11.85 30.06 43.78
CA ASP A 40 -12.50 31.12 43.06
C ASP A 40 -13.63 30.60 42.17
N GLY A 41 -14.82 30.45 42.77
CA GLY A 41 -16.04 30.03 42.08
C GLY A 41 -16.47 30.97 40.95
N SER A 42 -16.02 32.22 40.85
CA SER A 42 -16.35 32.98 39.65
C SER A 42 -15.50 32.62 38.42
N CYS A 43 -14.45 31.85 38.74
CA CYS A 43 -13.41 31.41 37.84
C CYS A 43 -12.92 32.56 36.98
N THR A 44 -12.70 33.72 37.58
CA THR A 44 -12.11 34.84 36.85
C THR A 44 -10.58 34.82 36.99
N ASN A 45 -10.06 34.25 38.08
CA ASN A 45 -8.63 34.03 38.25
C ASN A 45 -8.42 32.54 37.91
N LEU A 46 -7.90 32.33 36.71
CA LEU A 46 -7.73 30.99 36.15
C LEU A 46 -6.60 30.12 36.74
N ARG A 47 -5.79 30.59 37.71
CA ARG A 47 -4.80 29.69 38.32
C ARG A 47 -5.39 29.17 39.61
N LEU A 48 -6.64 29.49 39.95
CA LEU A 48 -7.21 29.04 41.21
C LEU A 48 -8.16 27.89 40.95
N TYR A 49 -8.64 27.22 42.00
CA TYR A 49 -9.64 26.22 41.77
C TYR A 49 -11.00 26.91 41.51
N CYS A 50 -11.82 26.41 40.57
CA CYS A 50 -13.21 26.83 40.36
C CYS A 50 -14.20 25.80 40.92
N GLY A 51 -13.81 24.54 41.11
CA GLY A 51 -14.64 23.62 41.86
C GLY A 51 -15.25 22.44 41.14
N GLY A 52 -15.06 22.40 39.83
CA GLY A 52 -15.43 21.30 38.96
C GLY A 52 -14.90 19.95 39.45
N ASP A 53 -15.64 18.87 39.22
CA ASP A 53 -15.31 17.58 39.85
C ASP A 53 -15.88 16.40 39.13
N TRP A 54 -15.71 15.21 39.72
CA TRP A 54 -16.16 13.99 39.12
C TRP A 54 -17.67 13.87 39.15
N GLN A 55 -18.37 14.32 40.19
CA GLN A 55 -19.82 14.34 40.18
C GLN A 55 -20.33 15.24 39.02
N GLY A 56 -19.62 16.29 38.65
CA GLY A 56 -20.04 17.18 37.58
C GLY A 56 -19.90 16.53 36.22
N ILE A 57 -19.05 15.52 36.10
CA ILE A 57 -18.92 14.81 34.84
C ILE A 57 -20.00 13.73 34.82
N ILE A 58 -20.20 12.97 35.91
CA ILE A 58 -21.28 12.00 36.03
C ILE A 58 -22.62 12.65 35.62
N ASN A 59 -22.83 13.90 36.02
CA ASN A 59 -24.01 14.70 35.70
C ASN A 59 -24.08 15.01 34.23
N LYS A 60 -22.99 15.34 33.53
CA LYS A 60 -23.13 15.62 32.12
C LYS A 60 -23.08 14.42 31.17
N ILE A 61 -22.87 13.24 31.75
CA ILE A 61 -23.01 11.96 31.07
C ILE A 61 -24.49 11.66 31.19
N ASN A 62 -25.00 11.65 32.44
CA ASN A 62 -26.36 11.34 32.79
C ASN A 62 -27.43 12.20 32.13
N ASP A 63 -27.24 13.49 32.12
CA ASP A 63 -28.19 14.36 31.46
C ASP A 63 -28.03 14.36 29.94
N GLY A 64 -27.10 13.54 29.46
CA GLY A 64 -26.88 13.34 28.04
C GLY A 64 -26.06 14.40 27.32
N TYR A 65 -25.35 15.34 27.96
CA TYR A 65 -24.65 16.33 27.19
C TYR A 65 -23.50 15.71 26.40
N LEU A 66 -22.84 14.74 27.07
CA LEU A 66 -21.68 14.13 26.48
C LEU A 66 -22.12 13.08 25.50
N THR A 67 -22.99 12.18 25.91
CA THR A 67 -23.49 11.10 25.07
C THR A 67 -24.24 11.64 23.84
N GLY A 68 -24.90 12.78 23.99
CA GLY A 68 -25.63 13.41 22.91
C GLY A 68 -24.71 13.80 21.78
N MET A 69 -23.46 14.07 22.14
CA MET A 69 -22.47 14.49 21.18
C MET A 69 -21.81 13.32 20.47
N GLY A 70 -21.98 12.09 20.96
CA GLY A 70 -21.40 10.88 20.38
C GLY A 70 -20.01 10.55 20.93
N ILE A 71 -19.66 11.22 22.01
CA ILE A 71 -18.39 11.06 22.68
C ILE A 71 -18.39 9.67 23.25
N THR A 72 -17.31 8.93 23.04
CA THR A 72 -17.26 7.59 23.61
C THR A 72 -16.05 7.46 24.52
N ALA A 73 -15.19 8.47 24.66
CA ALA A 73 -14.10 8.36 25.60
C ALA A 73 -13.90 9.71 26.21
N ILE A 74 -13.59 9.72 27.49
CA ILE A 74 -13.42 10.92 28.28
C ILE A 74 -11.96 10.85 28.78
N TRP A 75 -11.20 11.91 28.64
CA TRP A 75 -9.83 11.95 29.11
C TRP A 75 -9.90 12.99 30.20
N ILE A 76 -9.71 12.61 31.44
CA ILE A 76 -9.80 13.57 32.55
C ILE A 76 -8.45 13.93 33.19
N SER A 77 -8.41 15.03 33.95
CA SER A 77 -7.24 15.47 34.69
C SER A 77 -6.71 14.40 35.63
N GLN A 78 -5.41 14.37 35.96
CA GLN A 78 -4.78 13.35 36.80
C GLN A 78 -5.52 13.24 38.12
N PRO A 79 -5.94 12.02 38.51
CA PRO A 79 -6.86 11.74 39.62
C PRO A 79 -6.31 11.75 41.04
N VAL A 80 -5.00 11.89 41.07
CA VAL A 80 -4.11 11.65 42.18
C VAL A 80 -4.09 12.82 43.14
N GLU A 81 -4.00 12.56 44.43
CA GLU A 81 -3.88 13.64 45.39
C GLU A 81 -2.72 14.56 45.10
N ASN A 82 -3.03 15.86 45.07
CA ASN A 82 -2.08 16.94 44.82
C ASN A 82 -1.71 17.78 46.05
N ILE A 83 -0.73 18.67 45.91
CA ILE A 83 -0.37 19.52 47.03
C ILE A 83 -1.50 20.52 47.28
N TYR A 84 -1.67 20.78 48.56
CA TYR A 84 -2.69 21.71 49.01
C TYR A 84 -2.26 23.16 49.04
N SER A 85 -0.98 23.50 48.90
CA SER A 85 -0.57 24.88 49.02
C SER A 85 -0.95 25.85 47.89
N VAL A 86 -1.18 27.11 48.24
CA VAL A 86 -1.42 28.14 47.27
C VAL A 86 -0.05 28.68 47.09
N ILE A 87 0.48 28.74 45.89
CA ILE A 87 1.83 29.19 45.70
C ILE A 87 1.82 30.55 45.03
N ASN A 88 2.61 31.47 45.58
CA ASN A 88 2.73 32.76 44.98
C ASN A 88 3.89 32.75 44.02
N TYR A 89 3.69 33.26 42.81
CA TYR A 89 4.71 33.36 41.79
C TYR A 89 4.56 34.76 41.22
N SER A 90 5.47 35.65 41.61
CA SER A 90 5.54 37.03 41.11
C SER A 90 4.22 37.72 41.39
N GLY A 91 3.81 37.62 42.65
CA GLY A 91 2.53 38.20 43.01
C GLY A 91 1.39 37.25 42.69
N VAL A 92 1.43 36.43 41.63
CA VAL A 92 0.30 35.61 41.25
C VAL A 92 0.16 34.34 42.07
N ASN A 93 -0.97 34.18 42.74
CA ASN A 93 -1.25 32.95 43.45
C ASN A 93 -1.68 31.88 42.45
N ASN A 94 -1.28 30.63 42.75
CA ASN A 94 -1.45 29.49 41.88
C ASN A 94 -1.80 28.26 42.66
N THR A 95 -2.68 27.37 42.19
CA THR A 95 -3.04 26.16 42.89
C THR A 95 -2.82 24.93 41.99
N ALA A 96 -3.01 23.72 42.50
CA ALA A 96 -2.87 22.50 41.77
C ALA A 96 -4.16 22.13 41.04
N TYR A 97 -4.97 23.06 40.50
CA TYR A 97 -6.26 22.75 39.87
C TYR A 97 -6.19 21.77 38.70
N HIS A 98 -5.08 21.90 37.93
CA HIS A 98 -4.74 21.05 36.79
C HIS A 98 -4.39 19.61 37.13
N GLY A 99 -4.12 19.28 38.41
CA GLY A 99 -3.90 17.88 38.79
C GLY A 99 -2.50 17.41 38.55
N TYR A 100 -1.68 18.24 37.92
CA TYR A 100 -0.27 17.92 37.66
C TYR A 100 0.77 18.02 38.79
N TRP A 101 0.45 18.53 39.97
CA TRP A 101 1.45 18.65 41.03
C TRP A 101 1.11 17.66 42.13
N ALA A 102 1.41 16.39 41.90
CA ALA A 102 1.13 15.27 42.79
C ALA A 102 1.90 15.15 44.08
N ARG A 103 1.36 14.45 45.08
CA ARG A 103 2.07 14.16 46.32
C ARG A 103 1.69 12.77 46.73
N ASP A 104 0.54 12.20 46.32
CA ASP A 104 0.28 10.82 46.66
C ASP A 104 -0.49 10.23 45.48
N PHE A 105 0.19 9.34 44.77
CA PHE A 105 -0.36 8.71 43.57
C PHE A 105 -1.30 7.56 43.87
N LYS A 106 -1.44 7.19 45.14
CA LYS A 106 -2.36 6.15 45.58
C LYS A 106 -3.65 6.70 46.22
N LYS A 107 -3.90 8.01 46.21
CA LYS A 107 -5.10 8.59 46.79
C LYS A 107 -5.76 9.51 45.78
N THR A 108 -7.05 9.88 45.89
CA THR A 108 -7.62 10.86 44.99
C THR A 108 -7.35 12.28 45.46
N ASN A 109 -7.42 13.22 44.51
CA ASN A 109 -7.42 14.63 44.81
C ASN A 109 -8.83 14.84 45.34
N PRO A 110 -9.06 15.11 46.62
CA PRO A 110 -10.41 15.21 47.20
C PRO A 110 -11.31 16.36 46.71
N ALA A 111 -10.76 17.35 45.99
CA ALA A 111 -11.50 18.42 45.37
C ALA A 111 -12.24 17.87 44.16
N TYR A 112 -11.68 16.79 43.61
CA TYR A 112 -12.28 16.11 42.49
C TYR A 112 -13.26 15.12 43.06
N GLY A 113 -12.85 14.42 44.11
CA GLY A 113 -13.76 13.48 44.71
C GLY A 113 -13.05 12.44 45.48
N THR A 114 -13.84 11.57 46.07
CA THR A 114 -13.34 10.50 46.89
C THR A 114 -13.02 9.30 45.97
N MET A 115 -12.59 8.18 46.53
CA MET A 115 -12.30 6.97 45.79
C MET A 115 -13.61 6.43 45.23
N GLN A 116 -14.65 6.46 46.09
CA GLN A 116 -16.00 6.08 45.74
C GLN A 116 -16.55 6.98 44.66
N ASP A 117 -16.27 8.29 44.68
CA ASP A 117 -16.61 9.11 43.54
C ASP A 117 -15.86 8.73 42.26
N PHE A 118 -14.59 8.33 42.26
CA PHE A 118 -13.94 7.91 41.02
C PHE A 118 -14.61 6.62 40.51
N LYS A 119 -14.85 5.60 41.36
CA LYS A 119 -15.55 4.37 40.98
C LYS A 119 -16.91 4.67 40.36
N ASN A 120 -17.74 5.50 40.99
CA ASN A 120 -19.01 5.91 40.40
C ASN A 120 -18.79 6.55 39.05
N LEU A 121 -17.70 7.28 38.80
CA LEU A 121 -17.46 7.85 37.49
C LEU A 121 -17.19 6.75 36.49
N ILE A 122 -16.43 5.72 36.88
CA ILE A 122 -16.07 4.68 35.93
C ILE A 122 -17.32 3.91 35.56
N ASP A 123 -18.10 3.54 36.56
CA ASP A 123 -19.32 2.79 36.36
C ASP A 123 -20.38 3.56 35.59
N THR A 124 -20.66 4.88 35.78
CA THR A 124 -21.71 5.50 34.97
C THR A 124 -21.15 5.84 33.58
N ALA A 125 -19.83 5.98 33.41
CA ALA A 125 -19.23 6.18 32.12
C ALA A 125 -19.39 4.85 31.39
N HIS A 126 -19.16 3.73 32.03
CA HIS A 126 -19.24 2.44 31.33
C HIS A 126 -20.66 2.05 31.01
N ALA A 127 -21.61 2.37 31.90
CA ALA A 127 -23.03 2.09 31.66
C ALA A 127 -23.56 2.82 30.44
N HIS A 128 -22.88 3.91 30.09
CA HIS A 128 -23.24 4.75 28.97
C HIS A 128 -22.26 4.55 27.83
N ASN A 129 -21.56 3.42 27.80
CA ASN A 129 -20.55 3.07 26.80
C ASN A 129 -19.48 4.12 26.54
N ILE A 130 -18.98 4.72 27.60
CA ILE A 130 -17.89 5.68 27.51
C ILE A 130 -16.71 5.10 28.29
N LYS A 131 -15.54 5.25 27.67
CA LYS A 131 -14.27 4.81 28.21
C LYS A 131 -13.63 5.97 28.99
N VAL A 132 -12.80 5.71 30.00
CA VAL A 132 -12.28 6.75 30.88
C VAL A 132 -10.77 6.59 30.84
N ILE A 133 -10.10 7.62 30.36
CA ILE A 133 -8.66 7.76 30.20
C ILE A 133 -8.30 8.73 31.34
N ILE A 134 -7.25 8.44 32.12
CA ILE A 134 -6.75 9.37 33.13
C ILE A 134 -5.37 9.89 32.69
N ASP A 135 -5.07 11.13 33.08
CA ASP A 135 -3.71 11.64 33.01
C ASP A 135 -2.85 10.99 34.07
N PHE A 136 -1.57 10.81 33.79
CA PHE A 136 -0.65 10.21 34.75
C PHE A 136 0.66 10.90 34.43
N ALA A 137 1.27 11.47 35.47
CA ALA A 137 2.46 12.27 35.27
C ALA A 137 3.58 11.76 36.17
N PRO A 138 4.21 10.63 35.83
CA PRO A 138 5.16 9.99 36.72
C PRO A 138 6.56 10.62 36.70
N ASN A 139 6.73 11.75 35.98
CA ASN A 139 7.97 12.47 35.89
C ASN A 139 8.31 13.24 37.16
N HIS A 140 7.34 13.64 37.99
CA HIS A 140 7.64 14.59 39.05
C HIS A 140 6.53 14.57 40.06
N THR A 141 6.82 15.18 41.22
CA THR A 141 5.75 15.46 42.17
C THR A 141 5.30 16.92 42.03
N SER A 142 5.85 17.86 42.81
CA SER A 142 5.33 19.21 42.97
C SER A 142 6.39 20.30 43.01
N PRO A 143 6.11 21.61 42.85
CA PRO A 143 7.05 22.69 43.10
C PRO A 143 7.84 22.54 44.42
N ALA A 144 9.16 22.58 44.30
CA ALA A 144 10.04 22.39 45.46
C ALA A 144 11.32 23.18 45.31
N SER A 145 11.92 23.49 46.44
CA SER A 145 13.20 24.18 46.47
C SER A 145 13.89 23.39 47.56
N SER A 146 15.10 22.91 47.31
CA SER A 146 15.84 22.23 48.36
C SER A 146 16.40 23.30 49.30
N ASP A 147 16.69 24.49 48.77
CA ASP A 147 17.20 25.56 49.59
C ASP A 147 16.19 26.02 50.61
N ASP A 148 14.95 26.20 50.14
CA ASP A 148 13.89 26.66 50.98
C ASP A 148 12.89 25.54 51.28
N PRO A 149 13.02 24.74 52.34
CA PRO A 149 12.07 23.69 52.69
C PRO A 149 10.68 24.14 53.07
N SER A 150 10.40 25.45 53.15
CA SER A 150 9.06 25.84 53.53
C SER A 150 8.23 26.25 52.32
N PHE A 151 8.89 26.32 51.15
CA PHE A 151 8.21 26.64 49.92
C PHE A 151 7.38 25.41 49.53
N ALA A 152 6.10 25.71 49.22
CA ALA A 152 5.08 24.76 48.84
C ALA A 152 5.05 23.55 49.76
N GLU A 153 5.05 22.27 49.33
CA GLU A 153 5.12 21.16 50.26
C GLU A 153 6.46 20.44 50.03
N ASN A 154 7.44 21.16 49.47
CA ASN A 154 8.80 20.64 49.29
C ASN A 154 8.89 19.34 48.51
N GLY A 155 8.05 19.26 47.46
CA GLY A 155 8.01 18.13 46.54
C GLY A 155 7.64 16.84 47.24
N ARG A 156 7.16 16.83 48.48
CA ARG A 156 6.92 15.58 49.19
C ARG A 156 6.03 14.52 48.55
N LEU A 157 6.42 13.26 48.75
CA LEU A 157 5.74 12.12 48.15
C LEU A 157 5.32 11.16 49.24
N TYR A 158 4.08 10.73 49.22
CA TYR A 158 3.54 9.81 50.18
C TYR A 158 3.04 8.53 49.53
N ASP A 159 3.08 7.39 50.22
CA ASP A 159 2.54 6.15 49.74
C ASP A 159 1.32 5.87 50.59
N ASN A 160 0.15 6.20 50.04
CA ASN A 160 -1.15 6.01 50.69
C ASN A 160 -1.19 6.48 52.16
N GLY A 161 -0.66 7.68 52.40
CA GLY A 161 -0.64 8.27 53.73
C GLY A 161 0.76 8.35 54.35
N ASN A 162 1.60 7.38 54.04
CA ASN A 162 2.92 7.29 54.63
C ASN A 162 3.95 8.09 53.86
N LEU A 163 4.53 9.10 54.50
CA LEU A 163 5.58 9.90 53.87
C LEU A 163 6.72 9.05 53.41
N LEU A 164 7.19 9.32 52.20
CA LEU A 164 8.36 8.67 51.70
C LEU A 164 9.41 9.75 51.76
N GLY A 165 9.28 10.99 51.29
CA GLY A 165 10.29 11.98 51.57
C GLY A 165 10.09 13.23 50.75
N GLY A 166 10.92 14.23 51.03
CA GLY A 166 10.88 15.50 50.30
C GLY A 166 12.19 15.79 49.56
N TYR A 167 12.20 17.00 49.01
CA TYR A 167 13.25 17.44 48.13
C TYR A 167 14.45 17.92 48.92
N THR A 168 14.23 18.65 50.01
CA THR A 168 15.29 19.09 50.91
C THR A 168 15.54 17.83 51.71
N ASN A 169 16.80 17.50 52.04
CA ASN A 169 17.15 16.30 52.78
C ASN A 169 16.72 14.96 52.19
N ASP A 170 17.00 14.88 50.89
CA ASP A 170 16.73 13.67 50.18
C ASP A 170 17.90 12.69 50.29
N THR A 171 18.00 12.06 51.46
CA THR A 171 19.07 11.11 51.74
C THR A 171 18.88 9.79 50.99
N GLN A 172 17.63 9.48 50.60
CA GLN A 172 17.27 8.32 49.77
C GLN A 172 17.40 8.57 48.26
N ASN A 173 17.65 9.81 47.80
CA ASN A 173 17.68 10.16 46.39
C ASN A 173 16.46 9.68 45.60
N LEU A 174 15.31 10.09 46.13
CA LEU A 174 14.06 9.78 45.50
C LEU A 174 13.89 10.68 44.30
N PHE A 175 14.63 11.78 44.27
CA PHE A 175 14.51 12.82 43.27
C PHE A 175 15.87 13.09 42.69
N HIS A 176 15.83 13.68 41.50
CA HIS A 176 16.99 14.20 40.81
C HIS A 176 17.37 15.55 41.40
N HIS A 177 18.67 15.81 41.50
CA HIS A 177 19.14 17.08 42.00
C HIS A 177 20.21 17.63 41.12
N TYR A 178 19.85 17.86 39.87
CA TYR A 178 20.83 18.35 38.92
C TYR A 178 20.62 19.78 38.54
N GLY A 179 19.55 20.42 39.00
CA GLY A 179 19.27 21.80 38.62
C GLY A 179 18.13 21.76 37.59
N GLY A 180 17.82 22.82 36.86
CA GLY A 180 16.72 22.83 35.92
C GLY A 180 17.22 22.72 34.48
N THR A 181 16.37 22.16 33.62
CA THR A 181 16.65 22.05 32.21
C THR A 181 16.61 23.44 31.59
N ASP A 182 17.47 23.55 30.58
CA ASP A 182 17.50 24.66 29.65
C ASP A 182 16.93 24.15 28.32
N PHE A 183 16.39 22.93 28.28
CA PHE A 183 15.84 22.26 27.11
C PHE A 183 16.83 22.12 25.95
N SER A 184 18.15 22.18 26.14
CA SER A 184 19.05 22.10 25.02
C SER A 184 19.16 20.70 24.42
N THR A 185 18.99 19.68 25.24
CA THR A 185 19.24 18.31 24.84
C THR A 185 18.15 17.44 25.41
N ILE A 186 17.91 16.29 24.75
CA ILE A 186 16.94 15.33 25.28
C ILE A 186 17.47 14.88 26.63
N GLU A 187 18.76 14.55 26.74
CA GLU A 187 19.36 14.20 28.03
C GLU A 187 19.12 15.25 29.09
N ASN A 188 19.40 16.49 28.71
CA ASN A 188 19.24 17.60 29.63
C ASN A 188 17.80 17.73 30.14
N GLY A 189 16.80 17.47 29.29
CA GLY A 189 15.41 17.60 29.67
C GLY A 189 14.93 16.42 30.49
N ILE A 190 15.62 15.28 30.42
CA ILE A 190 15.26 14.08 31.19
C ILE A 190 15.69 14.11 32.66
N TYR A 191 16.95 14.53 32.85
CA TYR A 191 17.55 14.42 34.15
C TYR A 191 17.53 15.68 34.96
N LYS A 192 17.43 16.81 34.30
CA LYS A 192 17.24 18.06 35.01
C LYS A 192 15.75 18.34 35.25
N ASN A 193 15.44 19.27 36.13
CA ASN A 193 14.07 19.60 36.51
C ASN A 193 13.34 20.37 35.45
N LEU A 194 12.06 20.07 35.29
CA LEU A 194 11.19 20.88 34.45
C LEU A 194 10.74 22.09 35.25
N TYR A 195 11.24 23.27 34.91
CA TYR A 195 10.90 24.50 35.60
C TYR A 195 11.29 24.34 37.07
N ASP A 196 10.38 24.00 37.96
CA ASP A 196 10.66 23.89 39.39
C ASP A 196 10.04 22.65 40.01
N LEU A 197 9.59 21.79 39.11
CA LEU A 197 8.95 20.57 39.53
C LEU A 197 10.01 19.63 40.05
N ALA A 198 9.79 19.01 41.20
CA ALA A 198 10.72 18.07 41.78
C ALA A 198 10.71 16.77 40.98
N ASP A 199 11.76 16.61 40.21
CA ASP A 199 11.97 15.44 39.38
C ASP A 199 12.11 14.12 40.08
N LEU A 200 11.23 13.14 39.85
CA LEU A 200 11.42 11.83 40.41
C LEU A 200 12.61 11.15 39.73
N ASN A 201 13.21 10.31 40.56
CA ASN A 201 14.34 9.48 40.20
C ASN A 201 13.87 8.06 40.01
N HIS A 202 13.66 7.73 38.74
CA HIS A 202 13.08 6.41 38.38
C HIS A 202 14.09 5.31 38.56
N ASN A 203 15.39 5.67 38.63
CA ASN A 203 16.45 4.71 38.92
C ASN A 203 16.41 4.38 40.41
N ASN A 204 15.69 5.05 41.32
CA ASN A 204 15.61 4.57 42.69
C ASN A 204 14.57 3.45 42.71
N SER A 205 14.88 2.22 43.15
CA SER A 205 13.92 1.14 43.17
C SER A 205 12.62 1.41 43.91
N SER A 206 12.60 2.30 44.89
CA SER A 206 11.37 2.58 45.56
C SER A 206 10.49 3.42 44.67
N VAL A 207 11.05 4.38 43.96
CA VAL A 207 10.28 5.19 43.05
C VAL A 207 9.81 4.28 41.94
N ASP A 208 10.70 3.45 41.34
CA ASP A 208 10.35 2.53 40.27
C ASP A 208 9.13 1.71 40.68
N VAL A 209 9.17 0.92 41.77
CA VAL A 209 8.07 0.03 42.07
C VAL A 209 6.86 0.75 42.60
N TYR A 210 6.97 1.84 43.36
CA TYR A 210 5.81 2.57 43.83
C TYR A 210 5.04 3.09 42.61
N LEU A 211 5.68 3.69 41.60
CA LEU A 211 5.02 4.22 40.43
C LEU A 211 4.37 3.08 39.68
N LYS A 212 4.98 1.89 39.68
CA LYS A 212 4.41 0.77 38.99
C LYS A 212 3.30 0.12 39.78
N ASP A 213 3.35 0.20 41.10
CA ASP A 213 2.27 -0.27 41.94
C ASP A 213 1.04 0.60 41.85
N ALA A 214 1.27 1.92 41.74
CA ALA A 214 0.26 2.94 41.64
C ALA A 214 -0.52 2.83 40.34
N ILE A 215 0.12 2.70 39.18
CA ILE A 215 -0.62 2.55 37.94
C ILE A 215 -1.43 1.25 37.94
N LYS A 216 -0.96 0.18 38.57
CA LYS A 216 -1.73 -1.05 38.67
C LYS A 216 -2.95 -0.84 39.50
N MET A 217 -2.85 -0.05 40.56
CA MET A 217 -4.00 0.30 41.36
C MET A 217 -5.07 1.02 40.52
N TRP A 218 -4.72 1.96 39.65
CA TRP A 218 -5.69 2.67 38.85
C TRP A 218 -6.28 1.73 37.79
N LEU A 219 -5.50 0.78 37.29
CA LEU A 219 -5.98 -0.22 36.34
C LEU A 219 -6.93 -1.14 37.07
N ASP A 220 -6.69 -1.47 38.34
CA ASP A 220 -7.61 -2.28 39.13
C ASP A 220 -8.95 -1.64 39.39
N LEU A 221 -8.92 -0.32 39.43
CA LEU A 221 -10.10 0.45 39.65
C LEU A 221 -10.86 0.59 38.32
N GLY A 222 -10.46 -0.04 37.23
CA GLY A 222 -11.24 0.00 36.02
C GLY A 222 -10.90 1.07 35.01
N VAL A 223 -9.83 1.86 35.05
CA VAL A 223 -9.62 2.81 33.97
C VAL A 223 -9.38 2.07 32.64
N ASP A 224 -9.62 2.75 31.51
CA ASP A 224 -9.49 2.14 30.20
C ASP A 224 -8.35 2.72 29.38
N GLY A 225 -7.74 3.85 29.74
CA GLY A 225 -6.70 4.45 28.92
C GLY A 225 -5.84 5.31 29.82
N ILE A 226 -4.63 5.67 29.39
CA ILE A 226 -3.66 6.42 30.17
C ILE A 226 -3.04 7.37 29.20
N ARG A 227 -2.99 8.64 29.56
CA ARG A 227 -2.30 9.63 28.81
C ARG A 227 -1.10 9.89 29.73
N VAL A 228 0.13 9.62 29.31
CA VAL A 228 1.20 9.92 30.23
C VAL A 228 1.91 11.18 29.75
N ASP A 229 2.07 11.96 30.80
CA ASP A 229 2.63 13.28 30.70
C ASP A 229 4.15 13.33 30.53
N ALA A 230 4.66 14.35 29.80
CA ALA A 230 6.08 14.68 29.59
C ALA A 230 7.00 13.51 29.30
N VAL A 231 6.62 12.78 28.26
CA VAL A 231 7.27 11.56 27.78
C VAL A 231 8.71 11.84 27.28
N LYS A 232 8.92 13.06 26.80
CA LYS A 232 10.19 13.58 26.34
C LYS A 232 11.18 13.78 27.50
N ASN A 233 10.65 13.90 28.70
CA ASN A 233 11.42 14.32 29.85
C ASN A 233 11.56 13.14 30.84
N MET A 234 11.39 11.91 30.40
CA MET A 234 11.62 10.73 31.21
C MET A 234 12.56 9.78 30.45
N PRO A 235 13.30 8.84 31.07
CA PRO A 235 14.13 7.85 30.35
C PRO A 235 13.24 6.91 29.54
N PHE A 236 13.52 6.81 28.25
CA PHE A 236 12.75 5.98 27.32
C PHE A 236 12.88 4.52 27.71
N GLY A 237 14.04 4.12 28.24
CA GLY A 237 14.17 2.78 28.74
C GLY A 237 13.30 2.51 29.94
N TRP A 238 13.07 3.52 30.82
CA TRP A 238 12.24 3.30 32.01
C TRP A 238 10.80 3.26 31.50
N GLN A 239 10.42 4.16 30.61
CA GLN A 239 9.09 4.15 30.02
C GLN A 239 8.75 2.82 29.38
N LYS A 240 9.65 2.15 28.67
CA LYS A 240 9.35 0.83 28.11
C LYS A 240 9.13 -0.22 29.20
N SER A 241 9.81 -0.21 30.37
CA SER A 241 9.51 -1.18 31.43
C SER A 241 8.19 -0.85 32.13
N PHE A 242 7.85 0.45 32.18
CA PHE A 242 6.57 0.92 32.71
C PHE A 242 5.50 0.42 31.77
N MET A 243 5.61 0.65 30.46
CA MET A 243 4.68 0.10 29.49
C MET A 243 4.56 -1.41 29.51
N ALA A 244 5.63 -2.17 29.70
CA ALA A 244 5.51 -3.61 29.81
C ALA A 244 4.79 -4.00 31.07
N THR A 245 4.86 -3.20 32.13
CA THR A 245 4.18 -3.47 33.38
C THR A 245 2.70 -3.34 33.10
N ILE A 246 2.20 -2.34 32.39
CA ILE A 246 0.75 -2.28 32.22
C ILE A 246 0.36 -3.32 31.17
N ASN A 247 1.09 -3.49 30.06
CA ASN A 247 0.77 -4.48 29.02
C ASN A 247 0.80 -5.91 29.51
N ASN A 248 1.64 -6.30 30.46
CA ASN A 248 1.62 -7.69 30.92
C ASN A 248 0.67 -7.85 32.08
N TYR A 249 0.11 -6.76 32.59
CA TYR A 249 -0.84 -6.85 33.67
C TYR A 249 -2.26 -6.75 33.12
N LYS A 250 -2.61 -5.57 32.64
CA LYS A 250 -3.94 -5.24 32.16
C LYS A 250 -3.67 -4.26 31.05
N PRO A 251 -3.46 -4.64 29.78
CA PRO A 251 -3.15 -3.67 28.74
C PRO A 251 -4.31 -2.74 28.42
N VAL A 252 -4.08 -1.45 28.43
CA VAL A 252 -5.07 -0.46 28.11
C VAL A 252 -4.30 0.46 27.18
N PHE A 253 -5.04 1.12 26.30
CA PHE A 253 -4.51 2.12 25.38
C PHE A 253 -3.75 3.20 26.15
N THR A 254 -2.45 3.31 25.91
CA THR A 254 -1.64 4.29 26.61
C THR A 254 -1.05 5.15 25.54
N PHE A 255 -1.03 6.48 25.67
CA PHE A 255 -0.40 7.36 24.69
C PHE A 255 0.31 8.47 25.45
N GLY A 256 1.29 9.17 24.90
CA GLY A 256 2.01 10.18 25.66
C GLY A 256 2.15 11.50 24.96
N GLU A 257 2.47 12.54 25.72
CA GLU A 257 2.68 13.85 25.13
C GLU A 257 4.15 14.16 24.88
N TRP A 258 4.54 14.32 23.62
CA TRP A 258 5.87 14.73 23.26
C TRP A 258 5.50 15.92 22.41
N PHE A 259 5.76 17.14 22.85
CA PHE A 259 5.37 18.35 22.14
C PHE A 259 6.22 18.56 20.92
N LEU A 260 5.62 19.03 19.85
CA LEU A 260 6.35 19.24 18.61
C LEU A 260 5.94 20.61 18.15
N GLY A 261 6.93 21.34 17.68
CA GLY A 261 6.75 22.70 17.24
C GLY A 261 6.12 22.73 15.87
N VAL A 262 5.96 23.93 15.36
CA VAL A 262 5.29 24.18 14.08
C VAL A 262 5.76 23.32 12.91
N ASN A 263 7.01 23.44 12.47
CA ASN A 263 7.48 22.64 11.34
C ASN A 263 8.53 21.60 11.69
N GLU A 264 8.48 21.19 12.95
CA GLU A 264 9.47 20.30 13.51
C GLU A 264 9.07 18.88 13.17
N ILE A 265 9.96 18.24 12.42
CA ILE A 265 9.82 16.82 12.13
C ILE A 265 11.00 16.26 12.94
N SER A 266 10.64 15.38 13.86
CA SER A 266 11.61 14.89 14.79
C SER A 266 11.66 13.37 14.70
N PRO A 267 12.87 12.84 14.56
CA PRO A 267 13.16 11.42 14.42
C PRO A 267 12.91 10.64 15.67
N GLU A 268 13.36 11.19 16.80
CA GLU A 268 13.22 10.55 18.10
C GLU A 268 11.77 10.40 18.48
N TYR A 269 10.99 11.45 18.15
CA TYR A 269 9.53 11.45 18.38
C TYR A 269 8.91 10.24 17.68
N HIS A 270 9.23 10.04 16.39
CA HIS A 270 8.67 8.93 15.61
C HIS A 270 9.15 7.61 16.14
N GLN A 271 10.44 7.51 16.46
CA GLN A 271 11.04 6.33 17.08
C GLN A 271 10.36 6.00 18.39
N PHE A 272 10.00 7.03 19.16
CA PHE A 272 9.30 6.84 20.40
C PHE A 272 7.90 6.28 20.14
N ALA A 273 7.09 6.78 19.17
CA ALA A 273 5.76 6.19 18.91
C ALA A 273 5.89 4.76 18.39
N ASN A 274 6.96 4.53 17.62
CA ASN A 274 7.22 3.24 17.00
C ASN A 274 7.79 2.19 17.87
N GLU A 275 8.50 2.57 18.95
CA GLU A 275 9.17 1.58 19.79
C GLU A 275 8.91 1.57 21.26
N SER A 276 8.32 2.59 21.91
CA SER A 276 8.13 2.59 23.35
C SER A 276 7.11 1.62 23.92
N GLY A 277 6.09 1.29 23.10
CA GLY A 277 4.97 0.49 23.58
C GLY A 277 3.75 1.38 23.90
N MET A 278 3.81 2.67 23.66
CA MET A 278 2.69 3.57 23.82
C MET A 278 2.60 4.40 22.53
N SER A 279 1.44 4.95 22.12
CA SER A 279 1.43 5.80 20.96
C SER A 279 1.63 7.23 21.40
N LEU A 280 1.43 8.20 20.53
CA LEU A 280 1.72 9.58 20.84
C LEU A 280 0.58 10.52 20.48
N LEU A 281 0.50 11.69 21.10
CA LEU A 281 -0.46 12.69 20.70
C LEU A 281 0.11 13.18 19.39
N ASP A 282 -0.65 13.15 18.32
CA ASP A 282 -0.18 13.52 17.00
C ASP A 282 -0.09 15.01 16.71
N PHE A 283 0.98 15.56 17.29
CA PHE A 283 1.34 16.94 17.10
C PHE A 283 1.67 17.33 15.70
N ARG A 284 2.14 16.40 14.86
CA ARG A 284 2.46 16.69 13.45
C ARG A 284 1.15 16.96 12.70
N PHE A 285 0.14 16.14 13.03
CA PHE A 285 -1.17 16.30 12.46
C PHE A 285 -1.66 17.63 12.97
N ALA A 286 -1.77 17.78 14.29
CA ALA A 286 -2.24 19.01 14.89
C ALA A 286 -1.59 20.27 14.39
N GLN A 287 -0.27 20.38 14.31
CA GLN A 287 0.33 21.60 13.87
C GLN A 287 0.02 21.82 12.40
N LYS A 288 -0.03 20.82 11.50
CA LYS A 288 -0.29 21.11 10.10
C LYS A 288 -1.76 21.44 9.85
N ALA A 289 -2.67 20.87 10.63
CA ALA A 289 -4.10 21.18 10.55
C ALA A 289 -4.29 22.66 10.86
N ARG A 290 -3.67 23.19 11.90
CA ARG A 290 -3.77 24.60 12.20
C ARG A 290 -3.04 25.45 11.16
N GLN A 291 -1.95 25.03 10.53
CA GLN A 291 -1.33 25.86 9.49
C GLN A 291 -2.24 25.99 8.30
N VAL A 292 -2.91 24.91 7.94
CA VAL A 292 -3.76 24.96 6.76
C VAL A 292 -5.11 25.59 7.09
N PHE A 293 -5.81 25.04 8.09
CA PHE A 293 -7.14 25.47 8.50
C PHE A 293 -7.23 26.67 9.41
N ARG A 294 -6.20 27.15 10.12
CA ARG A 294 -6.36 28.28 11.05
C ARG A 294 -5.60 29.51 10.59
N ASP A 295 -4.32 29.32 10.35
CA ASP A 295 -3.39 30.41 10.12
C ASP A 295 -3.06 30.61 8.67
N ASN A 296 -3.47 29.73 7.78
CA ASN A 296 -3.15 29.78 6.36
C ASN A 296 -1.67 30.02 6.11
N THR A 297 -0.84 29.30 6.85
CA THR A 297 0.58 29.38 6.63
C THR A 297 1.04 28.21 5.76
N ASP A 298 0.11 27.30 5.41
CA ASP A 298 0.40 26.25 4.45
C ASP A 298 -0.91 25.86 3.77
N ASN A 299 -0.87 25.11 2.67
CA ASN A 299 -2.05 24.83 1.89
C ASN A 299 -2.40 23.37 1.82
N MET A 300 -3.29 22.96 0.92
CA MET A 300 -3.71 21.57 0.91
C MET A 300 -2.66 20.58 0.53
N TYR A 301 -1.61 21.02 -0.17
CA TYR A 301 -0.50 20.16 -0.58
C TYR A 301 0.35 19.75 0.60
N GLY A 302 0.49 20.74 1.50
CA GLY A 302 1.08 20.53 2.81
C GLY A 302 0.24 19.57 3.63
N LEU A 303 -1.09 19.72 3.57
CA LEU A 303 -2.01 18.83 4.26
C LEU A 303 -1.83 17.40 3.72
N LYS A 304 -1.90 17.20 2.42
CA LYS A 304 -1.70 15.92 1.73
C LYS A 304 -0.35 15.30 2.09
N ALA A 305 0.75 16.05 1.95
CA ALA A 305 2.09 15.54 2.25
C ALA A 305 2.17 15.06 3.68
N MET A 306 1.57 15.76 4.65
CA MET A 306 1.55 15.29 6.04
C MET A 306 0.70 14.03 6.18
N LEU A 307 -0.45 13.88 5.51
CA LEU A 307 -1.23 12.66 5.74
C LEU A 307 -0.57 11.45 5.10
N GLU A 308 0.09 11.70 3.97
CA GLU A 308 0.76 10.65 3.24
C GLU A 308 2.02 10.24 3.93
N GLY A 309 2.81 11.22 4.32
CA GLY A 309 4.02 10.97 5.05
C GLY A 309 3.78 10.27 6.36
N SER A 310 2.79 10.69 7.14
CA SER A 310 2.61 10.12 8.45
C SER A 310 2.09 8.71 8.40
N GLU A 311 1.47 8.31 7.29
CA GLU A 311 0.98 6.97 7.21
C GLU A 311 2.14 5.97 7.13
N VAL A 312 3.33 6.46 6.74
CA VAL A 312 4.53 5.63 6.64
C VAL A 312 5.42 5.71 7.88
N ASP A 313 5.60 6.93 8.38
CA ASP A 313 6.46 7.18 9.51
C ASP A 313 6.00 6.59 10.83
N TYR A 314 4.71 6.63 11.14
CA TYR A 314 4.23 5.97 12.34
C TYR A 314 4.02 4.59 11.81
N ALA A 315 4.59 3.62 12.51
CA ALA A 315 4.34 2.24 12.21
C ALA A 315 2.86 1.94 12.43
N GLN A 316 2.18 2.50 13.44
CA GLN A 316 0.78 2.20 13.63
C GLN A 316 0.06 3.52 13.66
N VAL A 317 -0.17 4.19 12.52
CA VAL A 317 -0.81 5.51 12.47
C VAL A 317 -2.22 5.49 13.07
N ASN A 318 -2.89 4.32 13.10
CA ASN A 318 -4.21 4.23 13.66
C ASN A 318 -4.22 4.31 15.18
N ASP A 319 -3.04 4.53 15.77
CA ASP A 319 -2.99 4.61 17.22
C ASP A 319 -2.66 5.97 17.77
N GLN A 320 -2.43 6.91 16.88
CA GLN A 320 -2.02 8.21 17.29
C GLN A 320 -3.27 9.01 17.60
N VAL A 321 -3.23 9.82 18.65
CA VAL A 321 -4.41 10.59 19.07
C VAL A 321 -4.33 11.93 18.35
N THR A 322 -5.28 12.33 17.49
CA THR A 322 -5.15 13.56 16.72
C THR A 322 -5.92 14.66 17.41
N PHE A 323 -5.66 15.93 17.17
CA PHE A 323 -6.37 16.99 17.87
C PHE A 323 -6.04 18.27 17.11
N ILE A 324 -6.82 19.32 17.33
CA ILE A 324 -6.53 20.59 16.67
C ILE A 324 -6.12 21.62 17.72
N ASP A 325 -6.34 21.37 19.01
CA ASP A 325 -5.76 22.21 20.04
C ASP A 325 -5.86 21.41 21.32
N ASN A 326 -5.27 21.90 22.39
CA ASN A 326 -5.32 21.20 23.66
C ASN A 326 -4.87 22.22 24.68
N HIS A 327 -4.62 21.76 25.90
CA HIS A 327 -4.16 22.61 26.99
C HIS A 327 -2.78 23.29 26.92
N ASP A 328 -1.99 23.09 25.88
CA ASP A 328 -0.68 23.72 25.73
C ASP A 328 -0.61 24.66 24.55
N MET A 329 -1.72 24.85 23.85
CA MET A 329 -1.77 25.66 22.66
C MET A 329 -2.88 26.66 22.86
N GLU A 330 -2.77 27.76 22.14
CA GLU A 330 -3.83 28.73 22.13
C GLU A 330 -5.01 28.01 21.47
N ARG A 331 -6.24 28.34 21.88
CA ARG A 331 -7.42 27.73 21.31
C ARG A 331 -7.47 28.01 19.82
N PHE A 332 -7.93 27.02 19.06
CA PHE A 332 -7.97 27.07 17.60
C PHE A 332 -8.80 28.26 17.16
N HIS A 333 -9.98 28.39 17.82
CA HIS A 333 -10.90 29.48 17.52
C HIS A 333 -10.37 30.84 18.02
N THR A 334 -10.15 31.82 17.16
CA THR A 334 -9.65 33.12 17.57
C THR A 334 -10.81 34.12 17.75
N SER A 335 -10.53 35.36 18.18
CA SER A 335 -11.55 36.41 18.33
C SER A 335 -12.13 36.86 16.98
N ASN A 336 -11.29 36.97 15.94
CA ASN A 336 -11.69 37.37 14.59
C ASN A 336 -11.67 36.24 13.55
N GLY A 337 -11.57 34.98 13.98
CA GLY A 337 -11.57 33.86 13.08
C GLY A 337 -12.97 33.29 12.90
N ASP A 338 -13.29 33.07 11.63
CA ASP A 338 -14.59 32.56 11.20
C ASP A 338 -14.86 31.19 11.81
N ARG A 339 -16.05 31.00 12.36
CA ARG A 339 -16.40 29.73 12.98
C ARG A 339 -16.33 28.56 12.04
N ARG A 340 -16.35 28.80 10.72
CA ARG A 340 -16.32 27.74 9.73
C ARG A 340 -14.98 27.04 9.82
N LYS A 341 -13.92 27.82 10.05
CA LYS A 341 -12.59 27.27 10.24
C LYS A 341 -12.62 26.21 11.36
N LEU A 342 -13.24 26.47 12.52
CA LEU A 342 -13.27 25.50 13.60
C LEU A 342 -14.05 24.29 13.17
N GLU A 343 -15.22 24.52 12.54
CA GLU A 343 -16.14 23.46 12.17
C GLU A 343 -15.49 22.51 11.17
N GLN A 344 -14.85 22.97 10.10
CA GLN A 344 -14.16 22.12 9.14
C GLN A 344 -13.00 21.37 9.78
N ALA A 345 -12.17 22.09 10.58
CA ALA A 345 -11.01 21.49 11.25
C ALA A 345 -11.44 20.34 12.13
N LEU A 346 -12.58 20.44 12.82
CA LEU A 346 -13.14 19.33 13.60
C LEU A 346 -13.64 18.23 12.69
N ALA A 347 -14.33 18.57 11.58
CA ALA A 347 -14.82 17.56 10.65
C ALA A 347 -13.65 16.72 10.09
N PHE A 348 -12.55 17.42 9.74
CA PHE A 348 -11.32 16.80 9.27
C PHE A 348 -10.82 15.83 10.32
N THR A 349 -10.67 16.28 11.55
CA THR A 349 -10.09 15.44 12.58
C THR A 349 -10.97 14.24 12.86
N LEU A 350 -12.29 14.41 12.76
CA LEU A 350 -13.26 13.33 13.02
C LEU A 350 -13.34 12.23 11.96
N THR A 351 -13.03 12.57 10.70
CA THR A 351 -13.02 11.59 9.64
C THR A 351 -11.60 11.10 9.27
N SER A 352 -10.54 11.63 9.91
CA SER A 352 -9.18 11.21 9.65
C SER A 352 -8.75 10.04 10.49
N ARG A 353 -7.60 9.51 10.10
CA ARG A 353 -7.02 8.34 10.76
C ARG A 353 -6.56 8.64 12.18
N GLY A 354 -6.48 7.66 13.08
CA GLY A 354 -6.02 7.92 14.43
C GLY A 354 -7.13 7.75 15.42
N VAL A 355 -7.05 8.46 16.54
CA VAL A 355 -8.05 8.44 17.61
C VAL A 355 -8.29 9.93 17.81
N PRO A 356 -9.40 10.54 17.39
CA PRO A 356 -9.58 11.97 17.55
C PRO A 356 -9.86 12.36 19.00
N ALA A 357 -9.27 13.45 19.47
CA ALA A 357 -9.52 13.92 20.82
C ALA A 357 -10.01 15.33 20.65
N ILE A 358 -11.07 15.71 21.35
CA ILE A 358 -11.70 17.03 21.25
C ILE A 358 -11.50 17.68 22.59
N TYR A 359 -10.96 18.90 22.60
CA TYR A 359 -10.66 19.59 23.85
C TYR A 359 -12.00 20.14 24.34
N TYR A 360 -12.34 19.96 25.63
CA TYR A 360 -13.61 20.39 26.14
C TYR A 360 -13.93 21.82 25.74
N GLY A 361 -15.19 22.12 25.41
CA GLY A 361 -15.54 23.51 25.07
C GLY A 361 -15.31 23.98 23.63
N SER A 362 -14.72 23.16 22.73
CA SER A 362 -14.57 23.48 21.31
C SER A 362 -15.92 23.73 20.65
N GLU A 363 -16.85 22.83 20.96
CA GLU A 363 -18.23 22.92 20.51
C GLU A 363 -18.90 24.20 21.01
N GLN A 364 -18.34 24.99 21.93
CA GLN A 364 -18.94 26.22 22.37
C GLN A 364 -18.09 27.40 21.95
N TYR A 365 -17.30 27.21 20.90
CA TYR A 365 -16.39 28.19 20.28
C TYR A 365 -15.56 28.98 21.30
N MET A 366 -15.05 28.33 22.35
CA MET A 366 -14.19 29.03 23.28
C MET A 366 -12.93 29.53 22.57
N SER A 367 -12.52 30.76 22.86
CA SER A 367 -11.26 31.28 22.37
C SER A 367 -10.33 31.54 23.56
N GLY A 368 -9.08 31.92 23.36
CA GLY A 368 -8.22 32.24 24.47
C GLY A 368 -6.81 31.78 24.16
N GLY A 369 -5.85 32.58 24.57
CA GLY A 369 -4.45 32.27 24.34
C GLY A 369 -3.95 31.16 25.25
N ASN A 370 -2.65 31.21 25.42
CA ASN A 370 -1.97 30.24 26.23
C ASN A 370 -2.39 30.25 27.69
N ASP A 371 -2.05 29.13 28.31
CA ASP A 371 -2.21 28.87 29.73
C ASP A 371 -1.98 30.12 30.61
N PRO A 372 -2.98 30.46 31.43
CA PRO A 372 -4.17 29.66 31.72
C PRO A 372 -5.42 29.97 30.89
N ASP A 373 -5.32 30.89 29.91
CA ASP A 373 -6.44 31.41 29.17
C ASP A 373 -7.15 30.42 28.29
N ASN A 374 -6.49 29.34 27.89
CA ASN A 374 -7.09 28.20 27.20
C ASN A 374 -7.74 27.19 28.15
N ARG A 375 -7.79 27.44 29.45
CA ARG A 375 -8.44 26.57 30.42
C ARG A 375 -9.51 27.34 31.18
N ALA A 376 -10.39 28.10 30.50
CA ALA A 376 -11.46 28.83 31.18
C ALA A 376 -12.59 27.87 31.55
N ARG A 377 -13.54 28.17 32.43
CA ARG A 377 -14.58 27.20 32.73
C ARG A 377 -15.47 27.20 31.48
N LEU A 378 -16.03 26.08 31.05
CA LEU A 378 -16.73 26.22 29.78
C LEU A 378 -18.07 26.94 29.97
N PRO A 379 -18.35 27.88 29.05
CA PRO A 379 -19.29 28.97 29.28
C PRO A 379 -20.77 28.58 29.23
N SER A 380 -21.14 27.46 28.59
CA SER A 380 -22.50 27.06 28.32
C SER A 380 -22.53 25.58 27.97
N PHE A 381 -23.64 24.91 28.22
CA PHE A 381 -23.78 23.53 27.81
C PHE A 381 -24.83 23.43 26.73
N SER A 382 -24.91 24.41 25.84
CA SER A 382 -25.83 24.47 24.70
C SER A 382 -25.54 23.27 23.80
N THR A 383 -26.61 22.61 23.43
CA THR A 383 -26.59 21.36 22.71
C THR A 383 -27.04 21.53 21.24
N THR A 384 -27.11 22.78 20.78
CA THR A 384 -27.64 23.09 19.48
C THR A 384 -26.66 23.91 18.67
N THR A 385 -25.39 24.08 19.11
CA THR A 385 -24.43 24.86 18.33
C THR A 385 -24.06 24.05 17.08
N THR A 386 -23.61 24.66 15.99
CA THR A 386 -23.20 23.96 14.77
C THR A 386 -22.08 22.99 15.08
N ALA A 387 -21.09 23.39 15.92
CA ALA A 387 -19.99 22.51 16.26
C ALA A 387 -20.44 21.32 17.06
N TYR A 388 -21.40 21.47 18.00
CA TYR A 388 -21.94 20.32 18.74
C TYR A 388 -22.55 19.31 17.76
N GLN A 389 -23.24 19.88 16.78
CA GLN A 389 -23.85 19.11 15.74
C GLN A 389 -22.89 18.42 14.78
N VAL A 390 -21.77 19.00 14.32
CA VAL A 390 -20.90 18.25 13.41
C VAL A 390 -20.28 17.09 14.20
N ILE A 391 -19.97 17.21 15.50
CA ILE A 391 -19.42 16.09 16.25
C ILE A 391 -20.53 15.05 16.46
N GLN A 392 -21.76 15.44 16.79
CA GLN A 392 -22.89 14.52 16.92
C GLN A 392 -23.13 13.64 15.69
N LYS A 393 -23.03 14.25 14.50
CA LYS A 393 -23.22 13.56 13.24
C LYS A 393 -22.06 12.65 12.82
N LEU A 394 -20.83 13.12 13.04
CA LEU A 394 -19.66 12.37 12.60
C LEU A 394 -19.04 11.43 13.62
N ALA A 395 -18.99 11.75 14.92
CA ALA A 395 -18.38 10.85 15.90
C ALA A 395 -18.94 9.43 15.86
N PRO A 396 -20.23 9.13 15.62
CA PRO A 396 -20.68 7.76 15.51
C PRO A 396 -20.18 7.03 14.27
N LEU A 397 -19.69 7.69 13.23
CA LEU A 397 -19.19 7.00 12.07
C LEU A 397 -17.93 6.22 12.39
N ARG A 398 -17.28 6.51 13.52
CA ARG A 398 -16.08 5.81 13.87
C ARG A 398 -16.49 4.45 14.43
N LYS A 399 -17.69 4.34 15.01
CA LYS A 399 -18.13 3.03 15.51
C LYS A 399 -18.80 2.17 14.44
N SER A 400 -19.47 2.84 13.49
CA SER A 400 -20.23 2.15 12.46
C SER A 400 -19.51 1.95 11.13
N ASN A 401 -18.64 2.85 10.70
CA ASN A 401 -17.93 2.68 9.46
C ASN A 401 -16.48 2.26 9.75
N PRO A 402 -16.05 1.02 9.50
CA PRO A 402 -14.69 0.61 9.78
C PRO A 402 -13.71 1.30 8.85
N ALA A 403 -14.12 1.90 7.73
CA ALA A 403 -13.21 2.66 6.90
C ALA A 403 -12.74 3.89 7.66
N ILE A 404 -13.57 4.60 8.45
CA ILE A 404 -13.17 5.80 9.22
C ILE A 404 -12.29 5.35 10.38
N ALA A 405 -12.67 4.28 11.08
CA ALA A 405 -11.86 3.76 12.16
C ALA A 405 -10.51 3.22 11.71
N TYR A 406 -10.44 2.54 10.57
CA TYR A 406 -9.24 1.78 10.22
C TYR A 406 -8.68 1.94 8.84
N GLY A 407 -9.32 2.68 7.96
CA GLY A 407 -8.93 2.71 6.57
C GLY A 407 -7.79 3.62 6.21
N SER A 408 -7.25 3.34 5.03
CA SER A 408 -6.16 4.08 4.47
C SER A 408 -6.72 5.42 4.01
N THR A 409 -5.90 6.39 3.68
CA THR A 409 -6.36 7.71 3.30
C THR A 409 -5.79 7.90 1.89
N HIS A 410 -6.65 8.10 0.90
CA HIS A 410 -6.27 8.28 -0.48
C HIS A 410 -6.71 9.68 -0.91
N GLU A 411 -5.83 10.58 -1.36
CA GLU A 411 -6.31 11.83 -1.89
C GLU A 411 -6.88 11.66 -3.30
N ARG A 412 -8.19 11.88 -3.48
CA ARG A 412 -8.84 11.76 -4.77
C ARG A 412 -8.88 13.06 -5.55
N TRP A 413 -8.86 14.25 -4.93
CA TRP A 413 -8.87 15.50 -5.71
C TRP A 413 -8.19 16.56 -4.86
N ILE A 414 -7.57 17.59 -5.43
CA ILE A 414 -6.87 18.59 -4.65
C ILE A 414 -6.59 19.80 -5.53
N ASN A 415 -6.40 20.91 -4.84
CA ASN A 415 -5.86 22.15 -5.40
C ASN A 415 -5.40 22.90 -4.14
N ASN A 416 -4.94 24.15 -4.19
CA ASN A 416 -4.52 24.90 -3.01
C ASN A 416 -5.49 24.98 -1.83
N ASP A 417 -6.80 24.91 -2.09
CA ASP A 417 -7.81 25.16 -1.09
C ASP A 417 -8.78 24.01 -1.00
N VAL A 418 -8.68 22.95 -1.78
CA VAL A 418 -9.64 21.87 -1.70
C VAL A 418 -8.87 20.57 -1.63
N ILE A 419 -9.34 19.68 -0.77
CA ILE A 419 -8.82 18.34 -0.78
C ILE A 419 -10.07 17.47 -0.66
N ILE A 420 -10.20 16.43 -1.47
CA ILE A 420 -11.25 15.51 -1.15
C ILE A 420 -10.43 14.21 -0.98
N TYR A 421 -10.63 13.49 0.10
CA TYR A 421 -9.87 12.32 0.41
C TYR A 421 -10.87 11.23 0.67
N GLU A 422 -10.38 10.02 0.53
CA GLU A 422 -11.14 8.80 0.63
C GLU A 422 -10.57 7.91 1.72
N ARG A 423 -11.34 7.38 2.63
CA ARG A 423 -10.81 6.45 3.61
C ARG A 423 -11.37 5.15 3.11
N LYS A 424 -10.62 4.06 3.07
CA LYS A 424 -11.10 2.80 2.55
C LYS A 424 -10.70 1.63 3.39
N PHE A 425 -11.62 0.76 3.79
CA PHE A 425 -11.28 -0.44 4.51
C PHE A 425 -12.18 -1.61 4.04
N GLY A 426 -11.60 -2.37 3.14
CA GLY A 426 -12.25 -3.53 2.56
C GLY A 426 -13.19 -2.95 1.57
N ASN A 427 -14.49 -3.16 1.78
CA ASN A 427 -15.42 -2.58 0.85
C ASN A 427 -16.08 -1.33 1.40
N ASN A 428 -15.69 -0.93 2.61
CA ASN A 428 -16.28 0.23 3.25
C ASN A 428 -15.48 1.43 2.79
N VAL A 429 -16.07 2.58 2.54
CA VAL A 429 -15.39 3.77 2.07
C VAL A 429 -16.08 5.00 2.68
N ALA A 430 -15.35 6.08 2.90
CA ALA A 430 -15.95 7.34 3.26
C ALA A 430 -15.21 8.31 2.37
N VAL A 431 -15.84 9.35 1.89
CA VAL A 431 -15.22 10.31 1.04
C VAL A 431 -15.52 11.65 1.68
N VAL A 432 -14.58 12.60 1.81
CA VAL A 432 -14.87 13.89 2.38
C VAL A 432 -14.15 14.89 1.57
N ALA A 433 -14.96 15.91 1.32
CA ALA A 433 -14.50 17.00 0.52
C ALA A 433 -14.62 18.21 1.40
N ILE A 434 -13.63 19.09 1.30
CA ILE A 434 -13.67 20.31 2.05
C ILE A 434 -13.03 21.43 1.23
N ASN A 435 -13.59 22.64 1.27
CA ASN A 435 -13.07 23.76 0.52
C ASN A 435 -12.72 24.75 1.61
N ARG A 436 -11.46 24.89 2.01
CA ARG A 436 -11.16 25.85 3.07
C ARG A 436 -11.33 27.28 2.56
N ASN A 437 -11.61 27.58 1.30
CA ASN A 437 -11.71 28.99 0.89
C ASN A 437 -13.13 29.43 1.19
N MET A 438 -13.29 30.60 1.79
CA MET A 438 -14.62 31.01 2.21
C MET A 438 -15.25 32.01 1.24
N ASN A 439 -14.51 32.49 0.26
CA ASN A 439 -15.06 33.37 -0.77
C ASN A 439 -15.32 32.61 -2.06
N THR A 440 -14.39 31.77 -2.49
CA THR A 440 -14.43 31.12 -3.79
C THR A 440 -14.97 29.70 -3.70
N PRO A 441 -16.10 29.36 -4.35
CA PRO A 441 -16.49 28.01 -4.73
C PRO A 441 -15.48 27.22 -5.54
N ALA A 442 -15.53 25.90 -5.48
CA ALA A 442 -14.65 25.07 -6.28
C ALA A 442 -15.31 24.15 -7.30
N SER A 443 -14.96 24.27 -8.58
CA SER A 443 -15.50 23.40 -9.63
C SER A 443 -14.80 22.03 -9.62
N ILE A 444 -15.43 20.96 -9.10
CA ILE A 444 -14.83 19.63 -9.04
C ILE A 444 -15.19 18.94 -10.35
N THR A 445 -14.23 18.58 -11.19
CA THR A 445 -14.49 17.86 -12.41
C THR A 445 -13.60 16.63 -12.35
N GLY A 446 -14.07 15.42 -12.58
CA GLY A 446 -13.19 14.28 -12.74
C GLY A 446 -12.89 13.53 -11.46
N LEU A 447 -13.76 13.62 -10.48
CA LEU A 447 -13.54 12.92 -9.24
C LEU A 447 -13.86 11.46 -9.45
N VAL A 448 -13.03 10.47 -9.10
CA VAL A 448 -13.51 9.09 -9.13
C VAL A 448 -13.27 8.56 -7.73
N THR A 449 -14.09 7.64 -7.29
CA THR A 449 -14.00 7.18 -5.93
C THR A 449 -14.25 5.68 -5.99
N SER A 450 -14.25 5.04 -4.86
CA SER A 450 -14.49 3.62 -4.76
C SER A 450 -15.91 3.37 -4.35
N LEU A 451 -16.73 4.40 -4.38
CA LEU A 451 -18.11 4.26 -3.99
C LEU A 451 -18.79 3.50 -5.12
N PRO A 452 -19.63 2.50 -4.87
CA PRO A 452 -20.50 1.95 -5.89
C PRO A 452 -21.48 3.02 -6.33
N ARG A 453 -22.12 2.75 -7.45
CA ARG A 453 -23.14 3.61 -7.99
C ARG A 453 -24.24 3.91 -6.97
N GLY A 454 -24.65 5.17 -6.93
CA GLY A 454 -25.67 5.62 -6.00
C GLY A 454 -25.69 7.15 -5.92
N SER A 455 -26.62 7.66 -5.10
CA SER A 455 -26.78 9.08 -4.81
C SER A 455 -26.66 9.26 -3.28
N TYR A 456 -25.42 9.50 -2.90
CA TYR A 456 -25.05 9.58 -1.51
C TYR A 456 -25.39 10.88 -0.87
N ASN A 457 -26.16 10.82 0.21
CA ASN A 457 -26.47 12.01 0.97
C ASN A 457 -25.35 12.32 1.95
N ASP A 458 -24.96 13.59 1.99
CA ASP A 458 -23.99 14.11 2.90
C ASP A 458 -24.43 13.85 4.33
N VAL A 459 -23.60 13.07 5.05
CA VAL A 459 -23.79 12.74 6.46
C VAL A 459 -23.91 14.02 7.28
N LEU A 460 -23.23 15.12 6.94
CA LEU A 460 -23.43 16.35 7.69
C LEU A 460 -24.78 17.05 7.47
N GLY A 461 -25.73 16.50 6.68
CA GLY A 461 -27.04 17.07 6.42
C GLY A 461 -27.01 18.49 5.87
N GLY A 462 -25.99 18.86 5.09
CA GLY A 462 -25.87 20.22 4.61
C GLY A 462 -25.47 21.26 5.68
N ILE A 463 -25.14 21.00 6.97
CA ILE A 463 -24.83 22.13 7.89
C ILE A 463 -23.53 22.84 7.59
N LEU A 464 -22.63 22.22 6.83
CA LEU A 464 -21.42 22.90 6.44
C LEU A 464 -21.42 23.07 4.94
N ASN A 465 -22.61 23.35 4.39
CA ASN A 465 -22.87 23.50 2.95
C ASN A 465 -22.47 22.32 2.06
N GLY A 466 -22.55 21.08 2.57
CA GLY A 466 -22.23 19.90 1.81
C GLY A 466 -23.36 19.60 0.83
N ASN A 467 -23.21 18.57 0.02
CA ASN A 467 -24.20 18.27 -1.00
C ASN A 467 -24.32 16.76 -1.20
N THR A 468 -25.16 16.31 -2.14
CA THR A 468 -25.30 14.91 -2.43
C THR A 468 -24.22 14.55 -3.46
N LEU A 469 -23.77 13.31 -3.45
CA LEU A 469 -22.83 12.83 -4.40
C LEU A 469 -23.53 11.81 -5.28
N THR A 470 -23.51 12.02 -6.58
CA THR A 470 -24.06 11.08 -7.55
C THR A 470 -22.91 10.38 -8.24
N VAL A 471 -22.78 9.12 -7.87
CA VAL A 471 -21.72 8.22 -8.30
C VAL A 471 -22.33 7.29 -9.33
N GLY A 472 -21.78 7.38 -10.53
CA GLY A 472 -22.21 6.59 -11.65
C GLY A 472 -21.40 5.32 -11.79
N ALA A 473 -21.19 5.02 -13.06
CA ALA A 473 -20.45 3.85 -13.48
C ALA A 473 -18.97 3.96 -13.11
N GLY A 474 -18.48 2.91 -12.45
CA GLY A 474 -17.08 2.82 -12.05
C GLY A 474 -16.64 3.86 -11.01
N GLY A 475 -17.49 4.18 -10.01
CA GLY A 475 -17.18 5.12 -8.95
C GLY A 475 -16.98 6.55 -9.40
N ALA A 476 -17.11 6.85 -10.71
CA ALA A 476 -16.97 8.20 -11.24
C ALA A 476 -18.15 9.04 -10.79
N ALA A 477 -17.88 10.21 -10.30
CA ALA A 477 -18.95 11.03 -9.78
C ALA A 477 -19.26 12.18 -10.73
N SER A 478 -20.54 12.59 -10.78
CA SER A 478 -20.95 13.72 -11.58
C SER A 478 -20.37 15.01 -11.00
N ASN A 479 -19.80 15.87 -11.84
CA ASN A 479 -19.26 17.17 -11.46
C ASN A 479 -20.18 18.02 -10.57
N PHE A 480 -19.58 18.77 -9.65
CA PHE A 480 -20.32 19.63 -8.75
C PHE A 480 -19.47 20.82 -8.40
N THR A 481 -20.11 21.82 -7.84
CA THR A 481 -19.38 23.00 -7.40
C THR A 481 -19.40 22.86 -5.88
N LEU A 482 -18.26 22.88 -5.22
CA LEU A 482 -18.24 22.83 -3.79
C LEU A 482 -18.38 24.26 -3.27
N ALA A 483 -19.36 24.51 -2.40
CA ALA A 483 -19.59 25.86 -1.86
C ALA A 483 -18.38 26.40 -1.10
N PRO A 484 -18.14 27.72 -1.10
CA PRO A 484 -17.14 28.37 -0.26
C PRO A 484 -17.41 27.95 1.17
N GLY A 485 -16.38 27.42 1.84
CA GLY A 485 -16.51 26.87 3.19
C GLY A 485 -17.10 25.46 3.24
N GLY A 486 -17.44 24.84 2.10
CA GLY A 486 -18.19 23.59 2.09
C GLY A 486 -17.40 22.41 2.56
N THR A 487 -18.08 21.48 3.22
CA THR A 487 -17.53 20.24 3.73
C THR A 487 -18.67 19.22 3.66
N ALA A 488 -18.38 18.05 3.12
CA ALA A 488 -19.36 17.00 2.94
C ALA A 488 -18.69 15.68 3.16
N VAL A 489 -19.41 14.69 3.68
CA VAL A 489 -18.87 13.39 3.97
C VAL A 489 -19.88 12.44 3.32
N TRP A 490 -19.43 11.50 2.50
CA TRP A 490 -20.30 10.56 1.77
C TRP A 490 -19.85 9.17 2.14
N GLN A 491 -20.66 8.14 2.40
CA GLN A 491 -20.10 6.89 2.86
C GLN A 491 -20.85 5.64 2.40
N TYR A 492 -20.20 4.48 2.47
CA TYR A 492 -20.83 3.24 2.07
C TYR A 492 -20.25 2.11 2.93
N THR A 493 -21.10 1.27 3.52
CA THR A 493 -20.66 0.16 4.37
C THR A 493 -21.29 -1.16 3.95
N THR A 494 -20.47 -2.20 4.11
CA THR A 494 -20.77 -3.58 3.76
C THR A 494 -19.97 -4.54 4.65
N ASP A 495 -20.35 -5.80 4.62
CA ASP A 495 -19.59 -6.89 5.20
C ASP A 495 -18.35 -7.18 4.34
N ALA A 496 -17.27 -7.55 5.04
CA ALA A 496 -16.03 -7.94 4.38
C ALA A 496 -16.01 -9.45 4.48
N THR A 497 -15.59 -10.01 3.37
CA THR A 497 -15.42 -11.45 3.22
C THR A 497 -13.99 -11.90 3.55
N THR A 498 -13.03 -11.05 3.17
CA THR A 498 -11.63 -11.25 3.48
C THR A 498 -11.41 -10.83 4.93
N PRO A 499 -10.57 -11.45 5.77
CA PRO A 499 -10.14 -10.88 7.01
C PRO A 499 -9.33 -9.66 6.64
N ILE A 500 -9.58 -8.53 7.29
CA ILE A 500 -8.81 -7.32 7.14
C ILE A 500 -8.56 -6.95 8.61
N ILE A 501 -7.29 -6.77 8.97
CA ILE A 501 -6.86 -6.31 10.28
C ILE A 501 -6.66 -4.81 10.17
N GLY A 502 -7.33 -4.08 11.06
CA GLY A 502 -7.21 -2.63 11.12
C GLY A 502 -6.42 -2.11 12.31
N ASN A 503 -6.26 -2.91 13.38
CA ASN A 503 -5.56 -2.49 14.59
C ASN A 503 -5.34 -3.66 15.56
N VAL A 504 -4.27 -3.64 16.39
CA VAL A 504 -3.92 -4.70 17.34
C VAL A 504 -3.44 -3.94 18.57
N GLY A 505 -3.73 -4.45 19.75
CA GLY A 505 -3.38 -3.80 20.99
C GLY A 505 -3.33 -4.83 22.09
N PRO A 506 -2.32 -4.86 22.96
CA PRO A 506 -1.10 -4.07 22.87
C PRO A 506 -0.18 -4.52 21.76
N MET A 507 0.86 -3.74 21.47
CA MET A 507 1.81 -3.99 20.42
C MET A 507 3.15 -4.48 20.99
N MET A 508 3.23 -4.79 22.29
CA MET A 508 4.45 -5.22 22.95
C MET A 508 3.99 -6.00 24.18
N ALA A 509 4.29 -7.28 24.34
CA ALA A 509 3.92 -7.98 25.55
C ALA A 509 4.69 -9.28 25.59
N LYS A 510 4.76 -9.88 26.76
CA LYS A 510 5.44 -11.15 26.87
C LYS A 510 4.52 -12.33 26.52
N PRO A 511 5.00 -13.57 26.25
CA PRO A 511 4.15 -14.72 25.98
C PRO A 511 3.12 -15.01 27.06
N GLY A 512 1.92 -15.42 26.66
CA GLY A 512 0.86 -15.59 27.65
C GLY A 512 -0.08 -14.37 27.66
N VAL A 513 0.26 -13.17 27.20
CA VAL A 513 -0.64 -12.03 27.24
C VAL A 513 -1.70 -12.13 26.12
N THR A 514 -2.97 -11.87 26.39
CA THR A 514 -4.01 -11.77 25.39
C THR A 514 -3.96 -10.41 24.65
N ILE A 515 -3.71 -10.51 23.35
CA ILE A 515 -3.66 -9.41 22.42
C ILE A 515 -5.08 -9.35 21.83
N THR A 516 -5.48 -8.16 21.40
CA THR A 516 -6.80 -7.91 20.81
C THR A 516 -6.59 -7.44 19.38
N ILE A 517 -7.11 -8.16 18.41
CA ILE A 517 -6.96 -7.82 17.01
C ILE A 517 -8.36 -7.41 16.58
N ASP A 518 -8.42 -6.21 16.04
CA ASP A 518 -9.68 -5.68 15.57
C ASP A 518 -9.73 -5.48 14.04
N GLY A 519 -10.86 -5.69 13.40
CA GLY A 519 -11.01 -5.42 11.97
C GLY A 519 -12.33 -6.00 11.54
N ARG A 520 -12.40 -6.52 10.31
CA ARG A 520 -13.62 -7.09 9.75
C ARG A 520 -13.28 -8.35 8.97
N GLY A 521 -14.22 -9.26 8.77
CA GLY A 521 -14.00 -10.42 7.89
C GLY A 521 -13.39 -11.64 8.55
N PHE A 522 -13.32 -11.67 9.88
CA PHE A 522 -12.71 -12.80 10.61
C PHE A 522 -13.59 -14.02 10.61
N GLY A 523 -14.89 -13.73 10.47
CA GLY A 523 -15.89 -14.76 10.46
C GLY A 523 -16.16 -15.21 11.88
N SER A 524 -17.20 -16.00 11.98
CA SER A 524 -17.65 -16.42 13.28
C SER A 524 -16.97 -17.68 13.78
N GLY A 525 -16.39 -18.42 12.83
CA GLY A 525 -15.76 -19.69 13.14
C GLY A 525 -14.28 -19.48 13.46
N LYS A 526 -13.85 -20.00 14.62
CA LYS A 526 -12.46 -19.88 15.07
C LYS A 526 -11.45 -20.20 13.95
N GLY A 527 -10.66 -19.25 13.46
CA GLY A 527 -9.68 -19.46 12.40
C GLY A 527 -8.27 -19.64 12.96
N THR A 528 -7.27 -19.01 12.35
CA THR A 528 -5.87 -19.16 12.77
C THR A 528 -5.22 -17.80 12.93
N VAL A 529 -4.37 -17.63 13.94
CA VAL A 529 -3.60 -16.40 14.05
C VAL A 529 -2.10 -16.76 13.89
N TYR A 530 -1.41 -16.02 13.06
CA TYR A 530 -0.02 -16.24 12.74
C TYR A 530 0.82 -15.14 13.37
N PHE A 531 1.81 -15.56 14.15
CA PHE A 531 2.85 -14.68 14.65
C PHE A 531 4.01 -15.22 13.84
N GLY A 532 4.49 -14.48 12.85
CA GLY A 532 5.47 -14.99 11.91
C GLY A 532 4.79 -16.19 11.24
N THR A 533 5.41 -17.35 11.32
CA THR A 533 4.88 -18.58 10.77
C THR A 533 4.41 -19.48 11.89
N THR A 534 4.37 -18.98 13.11
CA THR A 534 3.88 -19.76 14.22
C THR A 534 2.37 -19.51 14.24
N ALA A 535 1.63 -20.59 14.49
CA ALA A 535 0.21 -20.52 14.35
C ALA A 535 -0.46 -20.87 15.68
N VAL A 536 -1.35 -19.98 16.13
CA VAL A 536 -2.13 -20.25 17.31
C VAL A 536 -3.53 -20.48 16.75
N THR A 537 -4.08 -21.55 17.32
CA THR A 537 -5.40 -22.09 17.02
C THR A 537 -5.95 -22.59 18.35
N GLY A 538 -7.16 -23.16 18.29
CA GLY A 538 -7.78 -23.85 19.41
C GLY A 538 -7.97 -22.97 20.62
N ALA A 539 -7.51 -23.50 21.76
CA ALA A 539 -7.70 -22.86 23.05
C ALA A 539 -6.85 -21.63 23.32
N ASP A 540 -5.82 -21.37 22.52
CA ASP A 540 -5.03 -20.18 22.73
C ASP A 540 -5.72 -18.94 22.21
N ILE A 541 -6.71 -19.18 21.35
CA ILE A 541 -7.57 -18.13 20.84
C ILE A 541 -8.56 -18.14 21.99
N VAL A 542 -8.57 -17.05 22.75
CA VAL A 542 -9.50 -17.02 23.85
C VAL A 542 -10.84 -16.55 23.30
N ALA A 543 -10.89 -15.76 22.22
CA ALA A 543 -12.14 -15.29 21.68
C ALA A 543 -12.09 -15.08 20.16
N TRP A 544 -13.14 -15.41 19.39
CA TRP A 544 -13.14 -15.16 17.95
C TRP A 544 -14.53 -14.68 17.53
N GLU A 545 -14.65 -13.60 16.73
CA GLU A 545 -15.92 -13.24 16.08
C GLU A 545 -15.59 -12.32 14.93
N ASP A 546 -16.52 -11.81 14.13
CA ASP A 546 -16.10 -11.13 12.90
C ASP A 546 -15.27 -9.88 13.02
N THR A 547 -15.39 -9.17 14.12
CA THR A 547 -14.70 -7.90 14.27
C THR A 547 -13.51 -7.91 15.21
N GLN A 548 -13.39 -8.98 16.00
CA GLN A 548 -12.41 -9.00 17.04
C GLN A 548 -12.04 -10.40 17.41
N ILE A 549 -10.73 -10.63 17.50
CA ILE A 549 -10.28 -11.88 18.04
C ILE A 549 -9.33 -11.54 19.19
N GLN A 550 -9.36 -12.36 20.24
CA GLN A 550 -8.44 -12.21 21.34
C GLN A 550 -7.71 -13.54 21.48
N VAL A 551 -6.38 -13.42 21.49
CA VAL A 551 -5.50 -14.56 21.45
C VAL A 551 -4.25 -14.36 22.28
N LYS A 552 -3.77 -15.45 22.88
CA LYS A 552 -2.58 -15.44 23.72
C LYS A 552 -1.36 -15.41 22.85
N ILE A 553 -0.39 -14.55 23.17
CA ILE A 553 0.88 -14.51 22.44
C ILE A 553 1.56 -15.86 22.70
N PRO A 554 2.01 -16.58 21.65
CA PRO A 554 2.61 -17.88 21.78
C PRO A 554 4.02 -17.73 22.32
N ALA A 555 4.55 -18.83 22.80
CA ALA A 555 5.88 -18.88 23.40
C ALA A 555 6.98 -18.89 22.34
N VAL A 556 7.12 -17.75 21.70
CA VAL A 556 8.12 -17.53 20.67
C VAL A 556 9.29 -16.74 21.27
N PRO A 557 10.47 -16.88 20.68
CA PRO A 557 11.61 -15.98 20.86
C PRO A 557 11.26 -14.50 20.88
N GLY A 558 11.82 -13.72 21.80
CA GLY A 558 11.61 -12.29 21.81
C GLY A 558 12.06 -11.72 20.48
N GLY A 559 11.40 -10.67 20.03
CA GLY A 559 11.71 -10.04 18.77
C GLY A 559 10.45 -9.43 18.19
N ILE A 560 10.48 -8.93 16.96
CA ILE A 560 9.26 -8.37 16.45
C ILE A 560 8.81 -9.17 15.23
N TYR A 561 7.50 -9.32 15.28
CA TYR A 561 6.70 -10.18 14.42
C TYR A 561 5.61 -9.50 13.60
N ASP A 562 5.34 -10.13 12.45
CA ASP A 562 4.18 -9.72 11.66
C ASP A 562 3.02 -10.61 12.11
N ILE A 563 1.85 -10.03 12.25
CA ILE A 563 0.68 -10.76 12.63
C ILE A 563 -0.18 -10.89 11.37
N ARG A 564 -0.88 -12.02 11.29
CA ARG A 564 -1.73 -12.32 10.16
C ARG A 564 -2.85 -13.21 10.66
N VAL A 565 -4.03 -13.09 10.06
CA VAL A 565 -5.19 -13.85 10.48
C VAL A 565 -5.63 -14.74 9.32
N ALA A 566 -6.16 -15.90 9.59
CA ALA A 566 -6.76 -16.75 8.59
C ALA A 566 -8.13 -17.10 9.13
N ASN A 567 -9.19 -16.90 8.35
CA ASN A 567 -10.51 -17.29 8.85
C ASN A 567 -10.61 -18.79 8.74
N ALA A 568 -11.66 -19.41 9.27
CA ALA A 568 -11.84 -20.86 9.29
C ALA A 568 -11.82 -21.56 7.93
N ALA A 569 -11.96 -20.75 6.87
CA ALA A 569 -11.98 -21.21 5.50
C ALA A 569 -10.62 -21.07 4.87
N GLY A 570 -9.59 -20.76 5.65
CA GLY A 570 -8.25 -20.64 5.13
C GLY A 570 -8.00 -19.32 4.41
N ALA A 571 -8.90 -18.33 4.28
CA ALA A 571 -8.50 -17.06 3.65
C ALA A 571 -7.68 -16.23 4.66
N ALA A 572 -6.55 -15.70 4.22
CA ALA A 572 -5.65 -14.94 5.06
C ALA A 572 -5.65 -13.42 4.86
N SER A 573 -5.45 -12.69 5.98
CA SER A 573 -5.58 -11.26 6.04
C SER A 573 -4.35 -10.55 5.55
N ASN A 574 -4.41 -9.23 5.72
CA ASN A 574 -3.23 -8.38 5.50
C ASN A 574 -2.28 -8.55 6.70
N ILE A 575 -1.05 -8.12 6.50
CA ILE A 575 0.02 -8.30 7.49
C ILE A 575 0.01 -7.10 8.42
N TYR A 576 -0.01 -7.29 9.75
CA TYR A 576 0.12 -6.19 10.68
C TYR A 576 1.51 -6.35 11.31
N ASP A 577 2.46 -5.54 10.89
CA ASP A 577 3.81 -5.70 11.38
C ASP A 577 4.14 -4.96 12.66
N ASN A 578 5.42 -5.02 13.02
CA ASN A 578 5.99 -4.36 14.20
C ASN A 578 5.38 -4.83 15.52
N PHE A 579 4.92 -6.07 15.65
CA PHE A 579 4.45 -6.56 16.95
C PHE A 579 5.66 -6.89 17.79
N GLU A 580 5.91 -6.40 19.00
CA GLU A 580 7.08 -6.83 19.75
C GLU A 580 6.76 -7.89 20.76
N VAL A 581 7.26 -9.13 20.66
CA VAL A 581 7.12 -10.11 21.72
C VAL A 581 8.37 -9.82 22.60
N LEU A 582 8.16 -9.70 23.89
CA LEU A 582 9.21 -9.39 24.85
C LEU A 582 9.75 -10.72 25.34
N THR A 583 11.03 -10.78 25.75
CA THR A 583 11.59 -11.95 26.42
C THR A 583 10.91 -12.21 27.75
N GLY A 584 10.27 -11.22 28.37
CA GLY A 584 9.52 -11.47 29.60
C GLY A 584 9.28 -10.16 30.26
N ASP A 585 9.15 -10.28 31.57
CA ASP A 585 8.93 -9.12 32.40
C ASP A 585 10.18 -8.30 32.35
N GLN A 586 10.01 -6.98 32.42
CA GLN A 586 11.12 -6.06 32.25
C GLN A 586 11.51 -5.43 33.57
N VAL A 587 12.72 -4.87 33.57
CA VAL A 587 13.31 -4.10 34.66
C VAL A 587 14.25 -3.12 33.94
N THR A 588 14.43 -1.92 34.48
CA THR A 588 15.26 -0.94 33.81
C THR A 588 16.57 -0.89 34.60
N VAL A 589 17.65 -1.05 33.83
CA VAL A 589 18.99 -1.18 34.34
C VAL A 589 19.72 0.01 33.74
N ARG A 590 20.49 0.68 34.59
CA ARG A 590 21.40 1.77 34.23
C ARG A 590 22.71 1.10 33.80
N PHE A 591 23.28 1.38 32.63
CA PHE A 591 24.54 0.86 32.14
C PHE A 591 25.47 2.04 32.21
N VAL A 592 26.57 1.97 32.97
CA VAL A 592 27.55 3.06 33.08
C VAL A 592 28.88 2.45 32.57
N ILE A 593 29.56 3.13 31.64
CA ILE A 593 30.78 2.61 31.12
C ILE A 593 31.75 3.75 31.16
N ASN A 594 32.83 3.50 31.85
CA ASN A 594 33.86 4.50 31.97
C ASN A 594 34.87 4.31 30.89
N ASN A 595 35.55 5.42 30.65
CA ASN A 595 36.68 5.53 29.74
C ASN A 595 36.41 5.12 28.30
N ALA A 596 35.21 5.44 27.82
CA ALA A 596 34.87 5.22 26.45
C ALA A 596 35.08 6.56 25.74
N THR A 597 36.32 6.67 25.29
CA THR A 597 36.83 7.83 24.57
C THR A 597 36.31 7.84 23.12
N THR A 598 35.84 8.94 22.53
CA THR A 598 35.29 8.88 21.20
C THR A 598 35.73 10.03 20.32
N ALA A 599 35.96 9.80 19.04
CA ALA A 599 36.29 10.89 18.15
C ALA A 599 35.04 11.71 17.85
N LEU A 600 35.14 12.79 17.07
CA LEU A 600 33.96 13.56 16.72
C LEU A 600 33.09 12.69 15.82
N GLY A 601 31.81 12.70 16.18
CA GLY A 601 30.76 11.98 15.49
C GLY A 601 30.71 10.55 15.98
N GLN A 602 31.42 10.16 17.04
CA GLN A 602 31.40 8.79 17.48
C GLN A 602 30.71 8.69 18.82
N ASN A 603 29.81 7.72 18.97
CA ASN A 603 29.02 7.55 20.18
C ASN A 603 29.08 6.12 20.65
N VAL A 604 28.87 5.85 21.95
CA VAL A 604 28.87 4.48 22.52
C VAL A 604 27.44 3.98 22.45
N PHE A 605 27.29 2.70 22.14
CA PHE A 605 26.02 2.02 22.05
C PHE A 605 26.20 0.76 22.86
N LEU A 606 25.13 0.04 23.11
CA LEU A 606 25.12 -1.20 23.86
C LEU A 606 24.42 -2.24 23.01
N THR A 607 24.82 -3.51 22.90
CA THR A 607 23.99 -4.51 22.24
C THR A 607 24.18 -5.79 23.05
N GLY A 608 23.45 -6.87 22.77
CA GLY A 608 23.49 -8.01 23.68
C GLY A 608 22.70 -9.16 23.15
N ASN A 609 22.57 -10.24 23.89
CA ASN A 609 22.00 -11.44 23.33
C ASN A 609 20.50 -11.61 23.43
N VAL A 610 19.72 -10.56 23.66
CA VAL A 610 18.27 -10.71 23.90
C VAL A 610 17.65 -9.66 22.96
N SER A 611 16.38 -9.77 22.53
CA SER A 611 15.92 -8.84 21.52
C SER A 611 15.82 -7.40 22.01
N GLU A 612 15.69 -7.26 23.32
CA GLU A 612 15.63 -5.97 24.00
C GLU A 612 16.90 -5.20 23.84
N LEU A 613 18.01 -5.92 23.65
CA LEU A 613 19.30 -5.32 23.44
C LEU A 613 19.73 -5.35 21.96
N GLY A 614 18.88 -5.80 21.02
CA GLY A 614 19.22 -5.76 19.60
C GLY A 614 19.75 -7.07 19.07
N ASN A 615 19.84 -8.13 19.88
CA ASN A 615 20.38 -9.44 19.47
C ASN A 615 21.69 -9.39 18.70
N TRP A 616 22.68 -8.76 19.31
CA TRP A 616 24.02 -8.61 18.76
C TRP A 616 24.13 -7.84 17.45
N ASP A 617 23.07 -7.19 17.01
CA ASP A 617 23.13 -6.46 15.77
C ASP A 617 23.48 -5.00 15.99
N PRO A 618 24.62 -4.51 15.49
CA PRO A 618 25.05 -3.13 15.68
C PRO A 618 24.11 -2.04 15.17
N ASN A 619 23.23 -2.42 14.23
CA ASN A 619 22.21 -1.52 13.67
C ASN A 619 21.02 -1.31 14.55
N ASN A 620 20.87 -2.27 15.47
CA ASN A 620 19.78 -2.27 16.44
C ASN A 620 20.30 -2.11 17.85
N ALA A 621 21.50 -1.54 17.99
CA ALA A 621 22.10 -1.29 19.29
C ALA A 621 21.37 -0.18 20.03
N ILE A 622 21.37 -0.33 21.35
CA ILE A 622 20.76 0.60 22.28
C ILE A 622 21.69 1.79 22.39
N GLY A 623 21.25 2.95 21.92
CA GLY A 623 22.02 4.14 22.09
C GLY A 623 21.67 5.18 21.06
N PRO A 624 22.39 6.29 20.86
CA PRO A 624 23.59 6.72 21.60
C PRO A 624 23.45 6.89 23.10
N MET A 625 24.43 6.45 23.89
CA MET A 625 24.37 6.68 25.31
C MET A 625 24.55 8.17 25.60
N TYR A 626 24.28 8.52 26.86
CA TYR A 626 24.43 9.88 27.30
C TYR A 626 25.77 10.04 27.99
N ASN A 627 26.26 11.28 28.13
CA ASN A 627 27.54 11.52 28.77
C ASN A 627 27.67 12.96 29.33
N GLN A 628 26.64 13.58 29.90
CA GLN A 628 26.78 14.97 30.38
C GLN A 628 26.37 15.30 31.80
N VAL A 629 25.18 14.82 32.14
CA VAL A 629 24.48 15.13 33.38
C VAL A 629 24.71 14.17 34.51
N VAL A 630 24.21 12.93 34.48
CA VAL A 630 24.39 12.07 35.62
C VAL A 630 25.87 11.63 35.72
N TYR A 631 26.51 11.52 34.56
CA TYR A 631 27.90 11.15 34.43
C TYR A 631 28.35 11.98 33.26
N GLN A 632 29.63 12.34 33.26
CA GLN A 632 30.20 13.15 32.18
C GLN A 632 31.22 12.28 31.46
N TYR A 633 31.42 12.63 30.20
CA TYR A 633 32.35 11.97 29.31
C TYR A 633 33.77 11.88 29.92
N PRO A 634 34.56 10.83 29.75
CA PRO A 634 34.25 9.65 28.96
C PRO A 634 33.45 8.59 29.66
N THR A 635 32.69 8.91 30.70
CA THR A 635 31.72 7.96 31.22
C THR A 635 30.45 8.24 30.39
N TRP A 636 29.80 7.16 29.94
CA TRP A 636 28.55 7.27 29.21
C TRP A 636 27.55 6.47 30.01
N TYR A 637 26.25 6.79 30.01
CA TYR A 637 25.25 6.04 30.76
C TYR A 637 23.94 6.00 30.00
N TYR A 638 23.08 5.02 30.28
CA TYR A 638 21.80 4.86 29.64
C TYR A 638 20.95 3.93 30.48
N ASP A 639 19.64 4.20 30.59
CA ASP A 639 18.69 3.37 31.33
C ASP A 639 17.98 2.53 30.29
N VAL A 640 18.02 1.21 30.36
CA VAL A 640 17.63 0.34 29.26
C VAL A 640 16.71 -0.66 29.89
N SER A 641 15.53 -0.89 29.28
CA SER A 641 14.58 -1.90 29.72
C SER A 641 15.14 -3.24 29.25
N VAL A 642 15.11 -4.18 30.17
CA VAL A 642 15.82 -5.42 30.02
C VAL A 642 15.04 -6.55 30.71
N PRO A 643 15.13 -7.82 30.29
CA PRO A 643 14.42 -8.97 30.84
C PRO A 643 14.67 -9.11 32.32
N ALA A 644 13.70 -9.39 33.16
CA ALA A 644 13.87 -9.38 34.58
C ALA A 644 14.26 -10.75 35.02
N GLY A 645 15.36 -10.79 35.75
CA GLY A 645 15.79 -12.01 36.42
C GLY A 645 16.44 -13.04 35.52
N GLN A 646 17.33 -12.54 34.68
CA GLN A 646 17.94 -13.33 33.65
C GLN A 646 19.39 -12.93 33.56
N THR A 647 20.24 -13.84 33.11
CA THR A 647 21.59 -13.46 32.82
C THR A 647 21.58 -13.12 31.33
N ILE A 648 21.98 -11.92 30.99
CA ILE A 648 22.06 -11.47 29.60
C ILE A 648 23.55 -11.32 29.26
N GLU A 649 23.95 -11.37 28.00
CA GLU A 649 25.33 -11.15 27.65
C GLU A 649 25.27 -9.90 26.82
N PHE A 650 26.30 -9.08 26.88
CA PHE A 650 26.31 -7.84 26.18
C PHE A 650 27.73 -7.33 26.06
N LYS A 651 27.89 -6.38 25.16
CA LYS A 651 29.13 -5.68 24.98
C LYS A 651 28.79 -4.29 24.52
N PHE A 652 29.70 -3.34 24.64
CA PHE A 652 29.51 -1.99 24.15
C PHE A 652 30.26 -1.89 22.84
N LEU A 653 30.03 -0.77 22.14
CA LEU A 653 30.68 -0.51 20.88
C LEU A 653 30.59 0.97 20.58
N LYS A 654 31.41 1.44 19.67
CA LYS A 654 31.45 2.83 19.27
C LYS A 654 31.00 2.88 17.81
N LYS A 655 30.23 3.86 17.34
CA LYS A 655 29.83 3.91 15.95
C LYS A 655 30.07 5.33 15.48
N GLN A 656 30.71 5.41 14.32
CA GLN A 656 31.10 6.64 13.66
C GLN A 656 30.66 6.36 12.23
N GLY A 657 29.57 6.96 11.74
CA GLY A 657 29.13 6.72 10.36
C GLY A 657 28.88 5.23 10.17
N SER A 658 29.51 4.52 9.22
CA SER A 658 29.32 3.06 9.09
C SER A 658 30.25 2.19 9.94
N THR A 659 31.19 2.77 10.70
CA THR A 659 32.24 2.03 11.35
C THR A 659 31.83 1.76 12.78
N VAL A 660 32.04 0.50 13.12
CA VAL A 660 31.72 -0.08 14.40
C VAL A 660 33.01 -0.50 15.05
N THR A 661 33.22 -0.16 16.32
CA THR A 661 34.37 -0.61 17.08
C THR A 661 33.83 -1.33 18.32
N TRP A 662 33.94 -2.65 18.34
CA TRP A 662 33.46 -3.46 19.44
C TRP A 662 34.46 -3.42 20.55
N GLU A 663 34.09 -3.49 21.83
CA GLU A 663 35.13 -3.55 22.81
C GLU A 663 35.72 -4.94 22.75
N GLY A 664 37.01 -5.08 23.01
CA GLY A 664 37.67 -6.37 23.01
C GLY A 664 37.29 -7.16 24.24
N GLY A 665 37.89 -8.32 24.38
CA GLY A 665 37.55 -9.15 25.49
C GLY A 665 36.35 -10.02 25.20
N ALA A 666 36.04 -10.72 26.27
CA ALA A 666 34.93 -11.62 26.31
C ALA A 666 33.66 -10.78 26.54
N ASN A 667 32.55 -11.46 26.28
CA ASN A 667 31.22 -10.89 26.42
C ASN A 667 31.01 -10.59 27.88
N ARG A 668 30.53 -9.39 28.24
CA ARG A 668 30.24 -9.10 29.63
C ARG A 668 28.95 -9.86 29.87
N THR A 669 28.65 -10.18 31.10
CA THR A 669 27.48 -10.96 31.44
C THR A 669 26.78 -10.21 32.58
N PHE A 670 25.49 -10.35 32.89
CA PHE A 670 24.90 -9.67 34.03
C PHE A 670 23.61 -10.38 34.40
N THR A 671 23.34 -10.70 35.67
CA THR A 671 22.04 -11.27 36.03
C THR A 671 21.04 -10.19 36.51
N THR A 672 20.04 -9.83 35.73
CA THR A 672 19.16 -8.73 36.07
C THR A 672 18.30 -9.02 37.29
N PRO A 673 17.86 -8.02 38.07
CA PRO A 673 16.91 -8.21 39.16
C PRO A 673 15.50 -8.58 38.67
N THR A 674 14.63 -9.15 39.53
CA THR A 674 13.27 -9.50 39.14
C THR A 674 12.30 -8.35 39.20
N SER A 675 12.64 -7.34 40.00
CA SER A 675 11.86 -6.14 40.16
C SER A 675 12.81 -5.06 40.60
N GLY A 676 12.56 -3.82 40.22
CA GLY A 676 13.39 -2.74 40.66
C GLY A 676 14.29 -2.38 39.50
N THR A 677 15.32 -1.76 40.02
CA THR A 677 16.38 -1.18 39.26
C THR A 677 17.71 -1.84 39.61
N ALA A 678 18.70 -1.67 38.71
CA ALA A 678 20.07 -2.09 38.94
C ALA A 678 20.97 -1.18 38.13
N THR A 679 22.22 -1.06 38.56
CA THR A 679 23.23 -0.35 37.80
C THR A 679 24.45 -1.24 37.49
N VAL A 680 24.96 -1.26 36.25
CA VAL A 680 26.15 -2.04 35.95
C VAL A 680 27.16 -0.92 35.70
N ASN A 681 28.26 -0.95 36.44
CA ASN A 681 29.28 0.05 36.26
C ASN A 681 30.52 -0.71 35.81
N VAL A 682 30.99 -0.41 34.60
CA VAL A 682 32.08 -1.14 33.99
C VAL A 682 33.05 -0.20 33.28
N ASN A 683 34.13 -0.74 32.70
CA ASN A 683 35.17 0.09 32.09
C ASN A 683 35.40 -0.40 30.68
N TRP A 684 35.66 0.49 29.71
CA TRP A 684 35.88 0.05 28.34
C TRP A 684 37.02 -0.97 28.27
N GLN A 685 36.69 -2.17 27.76
CA GLN A 685 37.65 -3.27 27.54
C GLN A 685 38.18 -3.01 26.15
N PRO A 686 39.45 -2.70 25.94
CA PRO A 686 39.99 -2.58 24.61
C PRO A 686 40.32 -3.98 24.06
N ALA B 1 22.36 -14.03 -13.13
CA ALA B 1 22.72 -12.84 -13.88
C ALA B 1 21.84 -11.75 -13.25
N PRO B 2 21.98 -10.45 -13.52
CA PRO B 2 21.10 -9.44 -12.98
C PRO B 2 19.79 -9.29 -13.73
N ASP B 3 18.77 -8.71 -13.06
CA ASP B 3 17.44 -8.45 -13.60
C ASP B 3 17.42 -7.80 -15.00
N THR B 4 18.31 -6.90 -15.28
CA THR B 4 18.39 -6.14 -16.52
C THR B 4 19.12 -6.86 -17.68
N SER B 5 19.50 -8.10 -17.44
CA SER B 5 20.22 -8.86 -18.41
C SER B 5 19.37 -9.12 -19.66
N VAL B 6 20.00 -9.31 -20.83
CA VAL B 6 19.24 -9.72 -22.00
C VAL B 6 18.86 -11.18 -21.78
N SER B 7 19.42 -11.99 -20.88
CA SER B 7 18.93 -13.35 -20.73
C SER B 7 17.76 -13.53 -19.79
N ASN B 8 17.16 -12.45 -19.34
CA ASN B 8 16.03 -12.58 -18.43
C ASN B 8 14.81 -12.65 -19.34
N LYS B 9 14.35 -13.85 -19.66
CA LYS B 9 13.22 -13.97 -20.55
C LYS B 9 11.92 -13.86 -19.77
N GLN B 10 11.90 -13.98 -18.42
CA GLN B 10 10.62 -13.98 -17.74
C GLN B 10 9.99 -12.61 -17.52
N ASN B 11 10.78 -11.56 -17.26
CA ASN B 11 10.18 -10.28 -16.91
C ASN B 11 10.83 -9.23 -17.78
N PHE B 12 10.03 -8.27 -18.19
CA PHE B 12 10.51 -7.27 -19.09
C PHE B 12 10.36 -5.85 -18.57
N SER B 13 10.01 -5.58 -17.31
CA SER B 13 9.85 -4.20 -16.83
C SER B 13 11.10 -3.33 -17.05
N THR B 14 12.32 -3.86 -17.14
CA THR B 14 13.49 -3.02 -17.38
C THR B 14 13.74 -2.77 -18.87
N ASP B 15 12.86 -3.23 -19.77
CA ASP B 15 13.06 -3.13 -21.21
C ASP B 15 12.18 -2.09 -21.83
N VAL B 16 12.56 -1.69 -23.04
CA VAL B 16 11.80 -0.81 -23.90
C VAL B 16 11.64 -1.56 -25.22
N ILE B 17 10.45 -2.00 -25.58
CA ILE B 17 10.20 -2.78 -26.77
C ILE B 17 10.03 -1.87 -27.96
N TYR B 18 10.45 -2.37 -29.11
CA TYR B 18 10.26 -1.68 -30.36
C TYR B 18 9.54 -2.68 -31.28
N GLN B 19 8.28 -2.34 -31.55
CA GLN B 19 7.40 -3.08 -32.42
C GLN B 19 7.65 -2.76 -33.90
N ILE B 20 8.14 -3.80 -34.59
CA ILE B 20 8.53 -3.70 -35.98
C ILE B 20 7.54 -4.50 -36.83
N PHE B 21 7.03 -3.90 -37.90
CA PHE B 21 6.25 -4.67 -38.88
C PHE B 21 7.39 -5.12 -39.77
N THR B 22 7.85 -6.37 -39.81
CA THR B 22 9.07 -6.73 -40.52
C THR B 22 9.10 -6.20 -41.96
N ASP B 23 7.98 -6.30 -42.66
CA ASP B 23 7.94 -5.86 -44.04
C ASP B 23 8.16 -4.39 -44.30
N ARG B 24 7.95 -3.51 -43.31
CA ARG B 24 7.91 -2.07 -43.54
C ARG B 24 9.08 -1.37 -42.88
N PHE B 25 10.07 -2.14 -42.46
CA PHE B 25 11.24 -1.62 -41.79
C PHE B 25 12.40 -1.54 -42.77
N SER B 26 13.04 -2.67 -43.10
CA SER B 26 14.17 -2.60 -44.00
C SER B 26 14.36 -3.84 -44.87
N ASP B 27 14.52 -3.65 -46.16
CA ASP B 27 14.79 -4.74 -47.09
C ASP B 27 16.31 -4.98 -47.17
N GLY B 28 16.80 -5.92 -46.36
CA GLY B 28 18.21 -6.27 -46.39
C GLY B 28 18.60 -7.38 -47.37
N ASN B 29 17.60 -8.05 -47.97
CA ASN B 29 17.85 -9.10 -48.93
C ASN B 29 16.75 -9.02 -49.98
N PRO B 30 16.93 -8.37 -51.14
CA PRO B 30 16.00 -8.36 -52.27
C PRO B 30 15.71 -9.71 -52.89
N ALA B 31 16.65 -10.63 -52.91
CA ALA B 31 16.42 -11.94 -53.48
C ALA B 31 15.28 -12.76 -52.88
N ASN B 32 14.74 -12.39 -51.72
CA ASN B 32 13.63 -13.14 -51.13
C ASN B 32 12.36 -12.31 -51.21
N ASN B 33 12.37 -11.25 -52.01
CA ASN B 33 11.22 -10.37 -52.16
C ASN B 33 10.26 -11.09 -53.08
N PRO B 34 8.95 -11.05 -52.75
CA PRO B 34 7.90 -11.59 -53.59
C PRO B 34 7.94 -11.00 -54.98
N THR B 35 7.28 -11.64 -55.95
CA THR B 35 7.36 -11.13 -57.31
C THR B 35 6.02 -10.66 -57.85
N GLY B 36 6.13 -9.68 -58.74
CA GLY B 36 5.04 -9.25 -59.58
C GLY B 36 3.71 -8.86 -58.95
N ALA B 37 2.86 -9.81 -58.54
CA ALA B 37 1.55 -9.45 -58.02
C ALA B 37 1.56 -9.17 -56.54
N ALA B 38 2.35 -9.95 -55.81
CA ALA B 38 2.41 -9.79 -54.38
C ALA B 38 3.33 -8.66 -53.95
N PHE B 39 3.93 -7.87 -54.84
CA PHE B 39 5.01 -6.99 -54.45
C PHE B 39 4.97 -5.61 -55.06
N ASP B 40 5.44 -4.65 -54.28
CA ASP B 40 5.55 -3.27 -54.68
C ASP B 40 6.78 -2.70 -53.96
N GLY B 41 7.88 -2.65 -54.70
CA GLY B 41 9.12 -2.14 -54.18
C GLY B 41 9.00 -0.67 -53.78
N SER B 42 8.12 0.12 -54.38
CA SER B 42 8.01 1.49 -53.93
C SER B 42 7.18 1.58 -52.66
N CYS B 43 6.49 0.49 -52.26
CA CYS B 43 5.64 0.45 -51.07
C CYS B 43 4.65 1.61 -50.96
N THR B 44 4.15 1.93 -52.14
CA THR B 44 3.14 2.97 -52.39
C THR B 44 1.78 2.36 -52.08
N ASN B 45 1.69 1.03 -52.22
CA ASN B 45 0.49 0.27 -52.01
C ASN B 45 0.81 -0.51 -50.75
N LEU B 46 0.19 -0.03 -49.69
CA LEU B 46 0.40 -0.56 -48.37
C LEU B 46 -0.22 -1.92 -48.11
N ARG B 47 -0.73 -2.64 -49.10
CA ARG B 47 -1.35 -3.95 -48.88
C ARG B 47 -0.60 -5.07 -49.54
N LEU B 48 0.47 -4.69 -50.23
CA LEU B 48 1.33 -5.62 -50.93
C LEU B 48 2.67 -5.70 -50.22
N TYR B 49 3.48 -6.73 -50.51
CA TYR B 49 4.79 -6.85 -49.91
C TYR B 49 5.69 -5.73 -50.41
N CYS B 50 6.36 -5.07 -49.47
CA CYS B 50 7.33 -4.05 -49.84
C CYS B 50 8.76 -4.58 -49.81
N GLY B 51 9.02 -5.66 -49.06
CA GLY B 51 10.33 -6.28 -49.11
C GLY B 51 11.13 -6.44 -47.82
N GLY B 52 10.73 -5.69 -46.79
CA GLY B 52 11.35 -5.69 -45.49
C GLY B 52 11.52 -7.07 -44.90
N ASP B 53 12.70 -7.34 -44.35
CA ASP B 53 13.00 -8.68 -43.88
C ASP B 53 13.87 -8.70 -42.64
N TRP B 54 14.09 -9.92 -42.15
CA TRP B 54 14.90 -10.13 -40.97
C TRP B 54 16.34 -9.70 -41.20
N GLN B 55 16.91 -9.90 -42.39
CA GLN B 55 18.23 -9.37 -42.72
C GLN B 55 18.24 -7.84 -42.57
N GLY B 56 17.16 -7.14 -42.89
CA GLY B 56 17.15 -5.71 -42.73
C GLY B 56 17.11 -5.29 -41.27
N ILE B 57 16.54 -6.10 -40.39
CA ILE B 57 16.53 -5.75 -38.98
C ILE B 57 17.95 -5.99 -38.46
N ILE B 58 18.63 -7.05 -38.91
CA ILE B 58 20.00 -7.34 -38.56
C ILE B 58 20.83 -6.13 -38.98
N ASN B 59 20.67 -5.58 -40.19
CA ASN B 59 21.40 -4.39 -40.53
C ASN B 59 21.14 -3.24 -39.59
N LYS B 60 19.93 -3.09 -39.01
CA LYS B 60 19.63 -1.97 -38.15
C LYS B 60 20.05 -2.13 -36.71
N ILE B 61 20.27 -3.35 -36.28
CA ILE B 61 20.89 -3.60 -35.00
C ILE B 61 22.40 -3.28 -35.23
N ASN B 62 22.95 -3.77 -36.33
CA ASN B 62 24.36 -3.62 -36.66
C ASN B 62 24.88 -2.22 -36.96
N ASP B 63 24.17 -1.39 -37.71
CA ASP B 63 24.67 -0.08 -38.04
C ASP B 63 24.41 1.00 -37.02
N GLY B 64 23.84 0.58 -35.90
CA GLY B 64 23.61 1.45 -34.76
C GLY B 64 22.25 2.11 -34.66
N TYR B 65 21.30 1.95 -35.59
CA TYR B 65 20.02 2.64 -35.48
C TYR B 65 19.25 2.20 -34.26
N LEU B 66 19.02 0.90 -34.02
CA LEU B 66 18.23 0.48 -32.88
C LEU B 66 18.91 0.55 -31.52
N THR B 67 20.19 0.19 -31.42
CA THR B 67 20.89 0.19 -30.16
C THR B 67 21.14 1.63 -29.72
N GLY B 68 21.37 2.51 -30.69
CA GLY B 68 21.54 3.93 -30.41
C GLY B 68 20.30 4.55 -29.80
N MET B 69 19.12 3.95 -30.02
CA MET B 69 17.92 4.52 -29.49
C MET B 69 17.66 4.02 -28.09
N GLY B 70 18.38 2.99 -27.63
CA GLY B 70 18.24 2.48 -26.28
C GLY B 70 17.20 1.37 -26.23
N ILE B 71 16.83 0.87 -27.42
CA ILE B 71 15.79 -0.13 -27.49
C ILE B 71 16.36 -1.36 -26.82
N THR B 72 15.64 -2.12 -26.00
CA THR B 72 16.28 -3.31 -25.51
C THR B 72 15.51 -4.57 -25.87
N ALA B 73 14.44 -4.44 -26.68
CA ALA B 73 13.63 -5.58 -27.07
C ALA B 73 12.95 -5.16 -28.34
N ILE B 74 12.66 -6.19 -29.12
CA ILE B 74 12.13 -6.03 -30.46
C ILE B 74 10.96 -7.00 -30.58
N TRP B 75 9.82 -6.57 -31.06
CA TRP B 75 8.67 -7.45 -31.25
C TRP B 75 8.41 -7.36 -32.74
N ILE B 76 8.45 -8.51 -33.40
CA ILE B 76 8.35 -8.62 -34.86
C ILE B 76 7.08 -9.38 -35.33
N SER B 77 6.65 -9.12 -36.58
CA SER B 77 5.52 -9.80 -37.23
C SER B 77 5.64 -11.31 -37.09
N GLN B 78 4.53 -12.08 -37.04
CA GLN B 78 4.58 -13.51 -36.83
C GLN B 78 5.54 -14.16 -37.84
N PRO B 79 6.49 -14.98 -37.37
CA PRO B 79 7.58 -15.51 -38.19
C PRO B 79 7.22 -16.65 -39.17
N VAL B 80 6.12 -17.28 -38.82
CA VAL B 80 5.45 -18.41 -39.44
C VAL B 80 5.09 -18.27 -40.92
N GLU B 81 5.10 -19.41 -41.64
CA GLU B 81 4.76 -19.44 -43.07
C GLU B 81 3.28 -19.11 -43.26
N ASN B 82 3.07 -18.06 -44.07
CA ASN B 82 1.78 -17.51 -44.43
C ASN B 82 1.34 -18.00 -45.80
N ILE B 83 0.07 -17.77 -46.15
CA ILE B 83 -0.40 -18.17 -47.44
C ILE B 83 0.26 -17.28 -48.45
N TYR B 84 0.52 -17.84 -49.62
CA TYR B 84 1.10 -17.09 -50.74
C TYR B 84 0.14 -16.34 -51.65
N SER B 85 -1.19 -16.54 -51.51
CA SER B 85 -2.22 -15.94 -52.35
C SER B 85 -2.27 -14.41 -52.38
N VAL B 86 -2.52 -13.78 -53.53
CA VAL B 86 -2.78 -12.35 -53.57
C VAL B 86 -4.32 -12.38 -53.62
N ILE B 87 -5.00 -11.90 -52.58
CA ILE B 87 -6.44 -11.93 -52.48
C ILE B 87 -6.97 -10.61 -52.98
N ASN B 88 -8.14 -10.67 -53.61
CA ASN B 88 -8.72 -9.51 -54.22
C ASN B 88 -9.59 -8.51 -53.49
N TYR B 89 -10.39 -8.83 -52.48
CA TYR B 89 -11.30 -7.87 -51.81
C TYR B 89 -11.65 -6.53 -52.48
N SER B 90 -12.70 -6.61 -53.31
CA SER B 90 -13.28 -5.47 -54.01
C SER B 90 -12.38 -4.93 -55.11
N GLY B 91 -11.54 -5.74 -55.73
CA GLY B 91 -10.66 -5.21 -56.76
C GLY B 91 -9.51 -4.45 -56.13
N VAL B 92 -9.21 -4.80 -54.89
CA VAL B 92 -8.08 -4.22 -54.18
C VAL B 92 -7.25 -5.45 -53.80
N ASN B 93 -6.10 -5.65 -54.40
CA ASN B 93 -5.31 -6.82 -54.04
C ASN B 93 -4.66 -6.77 -52.65
N ASN B 94 -4.50 -7.93 -51.99
CA ASN B 94 -4.09 -7.99 -50.59
C ASN B 94 -3.19 -9.16 -50.35
N THR B 95 -2.08 -9.00 -49.64
CA THR B 95 -1.18 -10.12 -49.37
C THR B 95 -0.96 -10.32 -47.85
N ALA B 96 -0.32 -11.40 -47.41
CA ALA B 96 -0.01 -11.68 -46.02
C ALA B 96 1.25 -10.99 -45.48
N TYR B 97 1.57 -9.78 -45.91
CA TYR B 97 2.79 -9.07 -45.52
C TYR B 97 2.99 -8.79 -44.02
N HIS B 98 1.81 -8.74 -43.34
CA HIS B 98 1.65 -8.53 -41.91
C HIS B 98 1.95 -9.79 -41.10
N GLY B 99 2.03 -10.95 -41.74
CA GLY B 99 2.39 -12.18 -41.07
C GLY B 99 1.24 -12.88 -40.37
N TYR B 100 0.02 -12.28 -40.37
CA TYR B 100 -1.17 -12.85 -39.69
C TYR B 100 -2.02 -13.95 -40.36
N TRP B 101 -1.70 -14.35 -41.58
CA TRP B 101 -2.50 -15.32 -42.30
C TRP B 101 -1.67 -16.61 -42.35
N ALA B 102 -1.61 -17.40 -41.28
CA ALA B 102 -0.73 -18.55 -41.23
C ALA B 102 -1.23 -19.75 -42.03
N ARG B 103 -0.24 -20.54 -42.42
CA ARG B 103 -0.41 -21.71 -43.28
C ARG B 103 0.25 -22.86 -42.57
N ASP B 104 1.42 -22.57 -41.98
CA ASP B 104 2.21 -23.57 -41.31
C ASP B 104 3.08 -22.89 -40.26
N PHE B 105 2.77 -23.31 -39.05
CA PHE B 105 3.30 -22.74 -37.82
C PHE B 105 4.66 -23.24 -37.44
N LYS B 106 5.29 -23.98 -38.35
CA LYS B 106 6.53 -24.71 -38.12
C LYS B 106 7.53 -24.40 -39.22
N LYS B 107 7.24 -23.47 -40.11
CA LYS B 107 8.14 -23.09 -41.19
C LYS B 107 8.20 -21.60 -41.05
N THR B 108 9.01 -20.93 -41.83
CA THR B 108 9.15 -19.51 -41.74
C THR B 108 8.43 -18.99 -42.94
N ASN B 109 8.16 -17.71 -42.92
CA ASN B 109 7.62 -17.05 -44.08
C ASN B 109 8.86 -16.68 -44.89
N PRO B 110 9.08 -17.31 -46.05
CA PRO B 110 10.22 -17.03 -46.91
C PRO B 110 10.43 -15.58 -47.33
N ALA B 111 9.45 -14.69 -47.20
CA ALA B 111 9.74 -13.32 -47.62
C ALA B 111 10.53 -12.65 -46.52
N TYR B 112 10.38 -13.14 -45.30
CA TYR B 112 11.10 -12.58 -44.19
C TYR B 112 12.48 -13.17 -44.14
N GLY B 113 12.55 -14.48 -44.33
CA GLY B 113 13.83 -15.14 -44.41
C GLY B 113 13.67 -16.61 -44.15
N THR B 114 14.84 -17.25 -44.07
CA THR B 114 14.92 -18.66 -43.81
C THR B 114 15.07 -18.91 -42.31
N MET B 115 14.95 -20.15 -41.83
CA MET B 115 15.25 -20.51 -40.46
C MET B 115 16.66 -20.05 -40.10
N GLN B 116 17.58 -20.20 -41.07
CA GLN B 116 18.94 -19.72 -40.90
C GLN B 116 18.93 -18.20 -40.68
N ASP B 117 18.18 -17.38 -41.41
CA ASP B 117 18.12 -15.96 -41.09
C ASP B 117 17.45 -15.66 -39.77
N PHE B 118 16.56 -16.55 -39.32
CA PHE B 118 15.91 -16.36 -38.04
C PHE B 118 16.92 -16.65 -36.92
N LYS B 119 17.80 -17.64 -37.05
CA LYS B 119 18.84 -17.87 -36.05
C LYS B 119 19.75 -16.65 -36.04
N ASN B 120 20.12 -16.11 -37.19
CA ASN B 120 20.94 -14.92 -37.28
C ASN B 120 20.31 -13.70 -36.61
N LEU B 121 18.98 -13.55 -36.69
CA LEU B 121 18.28 -12.48 -36.01
C LEU B 121 18.40 -12.64 -34.50
N ILE B 122 18.03 -13.82 -33.96
CA ILE B 122 18.12 -14.12 -32.54
C ILE B 122 19.53 -13.80 -32.06
N ASP B 123 20.52 -14.32 -32.78
CA ASP B 123 21.89 -14.15 -32.37
C ASP B 123 22.38 -12.73 -32.50
N THR B 124 22.26 -11.98 -33.59
CA THR B 124 22.67 -10.58 -33.63
C THR B 124 21.99 -9.77 -32.52
N ALA B 125 20.71 -10.02 -32.22
CA ALA B 125 19.95 -9.30 -31.22
C ALA B 125 20.52 -9.54 -29.84
N HIS B 126 20.65 -10.79 -29.47
CA HIS B 126 21.17 -11.16 -28.16
C HIS B 126 22.58 -10.63 -27.98
N ALA B 127 23.42 -10.75 -29.01
CA ALA B 127 24.78 -10.22 -29.02
C ALA B 127 24.79 -8.71 -28.80
N HIS B 128 23.67 -8.03 -29.05
CA HIS B 128 23.58 -6.59 -28.85
C HIS B 128 22.55 -6.26 -27.78
N ASN B 129 22.35 -7.17 -26.84
CA ASN B 129 21.45 -7.02 -25.71
C ASN B 129 19.97 -6.64 -25.95
N ILE B 130 19.45 -7.11 -27.06
CA ILE B 130 18.08 -6.90 -27.46
C ILE B 130 17.42 -8.29 -27.40
N LYS B 131 16.25 -8.33 -26.71
CA LYS B 131 15.39 -9.52 -26.62
C LYS B 131 14.48 -9.62 -27.84
N VAL B 132 14.01 -10.81 -28.22
CA VAL B 132 13.24 -10.99 -29.46
C VAL B 132 11.88 -11.48 -29.05
N ILE B 133 10.84 -10.71 -29.37
CA ILE B 133 9.49 -11.13 -29.07
C ILE B 133 8.85 -11.41 -30.43
N ILE B 134 8.18 -12.54 -30.59
CA ILE B 134 7.49 -12.81 -31.84
C ILE B 134 5.99 -12.81 -31.54
N ASP B 135 5.28 -12.29 -32.52
CA ASP B 135 3.84 -12.39 -32.59
C ASP B 135 3.49 -13.87 -32.78
N PHE B 136 2.45 -14.42 -32.16
CA PHE B 136 2.01 -15.75 -32.47
C PHE B 136 0.50 -15.57 -32.64
N ALA B 137 -0.15 -16.15 -33.66
CA ALA B 137 -1.59 -15.95 -33.91
C ALA B 137 -2.35 -17.28 -33.95
N PRO B 138 -2.56 -17.97 -32.82
CA PRO B 138 -3.09 -19.32 -32.74
C PRO B 138 -4.62 -19.43 -32.83
N ASN B 139 -5.30 -18.32 -33.08
CA ASN B 139 -6.74 -18.37 -33.15
C ASN B 139 -7.19 -18.93 -34.46
N HIS B 140 -6.43 -18.72 -35.51
CA HIS B 140 -6.91 -18.91 -36.84
C HIS B 140 -5.72 -19.16 -37.76
N THR B 141 -6.06 -19.50 -39.01
CA THR B 141 -5.09 -19.72 -40.06
C THR B 141 -5.24 -18.60 -41.11
N SER B 142 -6.10 -18.58 -42.14
CA SER B 142 -6.13 -17.52 -43.12
C SER B 142 -7.55 -17.38 -43.72
N PRO B 143 -7.85 -16.38 -44.56
CA PRO B 143 -9.13 -16.25 -45.29
C PRO B 143 -9.53 -17.55 -45.95
N ALA B 144 -10.73 -18.01 -45.62
CA ALA B 144 -11.23 -19.22 -46.22
C ALA B 144 -12.73 -19.12 -46.40
N SER B 145 -13.25 -19.75 -47.46
CA SER B 145 -14.66 -19.86 -47.70
C SER B 145 -14.90 -21.36 -47.78
N SER B 146 -15.64 -22.05 -46.91
CA SER B 146 -15.94 -23.44 -47.16
C SER B 146 -16.74 -23.69 -48.44
N ASP B 147 -17.58 -22.73 -48.88
CA ASP B 147 -18.38 -22.90 -50.09
C ASP B 147 -17.54 -22.90 -51.35
N ASP B 148 -16.61 -21.96 -51.39
CA ASP B 148 -15.76 -21.80 -52.54
C ASP B 148 -14.32 -22.23 -52.25
N PRO B 149 -13.96 -23.51 -52.40
CA PRO B 149 -12.61 -24.03 -52.21
C PRO B 149 -11.48 -23.37 -52.97
N SER B 150 -11.73 -22.47 -53.92
CA SER B 150 -10.62 -21.86 -54.60
C SER B 150 -10.26 -20.48 -54.06
N PHE B 151 -11.03 -19.98 -53.10
CA PHE B 151 -10.73 -18.68 -52.55
C PHE B 151 -9.51 -18.86 -51.64
N ALA B 152 -8.57 -17.94 -51.83
CA ALA B 152 -7.28 -17.86 -51.15
C ALA B 152 -6.69 -19.27 -51.11
N GLU B 153 -6.32 -19.85 -49.97
CA GLU B 153 -5.79 -21.20 -49.96
C GLU B 153 -6.65 -22.03 -49.07
N ASN B 154 -7.94 -21.70 -49.12
CA ASN B 154 -8.98 -22.38 -48.35
C ASN B 154 -8.63 -22.66 -46.89
N GLY B 155 -7.93 -21.66 -46.32
CA GLY B 155 -7.43 -21.68 -44.95
C GLY B 155 -6.72 -22.96 -44.60
N ARG B 156 -5.95 -23.53 -45.54
CA ARG B 156 -5.30 -24.82 -45.30
C ARG B 156 -4.16 -24.77 -44.29
N LEU B 157 -4.13 -25.78 -43.47
CA LEU B 157 -3.11 -25.86 -42.45
C LEU B 157 -2.16 -27.03 -42.71
N TYR B 158 -0.87 -26.74 -42.74
CA TYR B 158 0.15 -27.74 -42.94
C TYR B 158 0.91 -27.94 -41.66
N ASP B 159 1.44 -29.12 -41.49
CA ASP B 159 2.21 -29.51 -40.37
C ASP B 159 3.54 -29.73 -41.00
N ASN B 160 4.43 -28.75 -40.93
CA ASN B 160 5.77 -28.86 -41.52
C ASN B 160 5.72 -29.40 -42.96
N GLY B 161 4.79 -28.83 -43.75
CA GLY B 161 4.64 -29.19 -45.15
C GLY B 161 3.55 -30.22 -45.37
N ASN B 162 3.32 -31.16 -44.44
CA ASN B 162 2.28 -32.18 -44.48
C ASN B 162 0.90 -31.60 -44.31
N LEU B 163 0.03 -31.68 -45.31
CA LEU B 163 -1.28 -31.08 -45.19
C LEU B 163 -2.10 -31.80 -44.14
N LEU B 164 -2.66 -30.97 -43.24
CA LEU B 164 -3.59 -31.48 -42.25
C LEU B 164 -5.04 -31.40 -42.72
N GLY B 165 -5.46 -30.26 -43.28
CA GLY B 165 -6.83 -30.06 -43.74
C GLY B 165 -7.09 -28.63 -44.18
N GLY B 166 -8.15 -28.50 -44.95
CA GLY B 166 -8.62 -27.24 -45.45
C GLY B 166 -9.98 -26.97 -44.82
N TYR B 167 -10.54 -25.79 -45.07
CA TYR B 167 -11.80 -25.37 -44.46
C TYR B 167 -12.95 -26.05 -45.17
N THR B 168 -12.94 -26.10 -46.51
CA THR B 168 -13.94 -26.82 -47.30
C THR B 168 -13.74 -28.32 -47.00
N ASN B 169 -14.83 -28.98 -46.66
CA ASN B 169 -14.83 -30.42 -46.37
C ASN B 169 -13.83 -30.93 -45.31
N ASP B 170 -13.89 -30.20 -44.21
CA ASP B 170 -13.15 -30.50 -43.00
C ASP B 170 -13.85 -31.65 -42.27
N THR B 171 -13.50 -32.90 -42.56
CA THR B 171 -14.10 -34.08 -41.95
C THR B 171 -13.53 -34.37 -40.54
N GLN B 172 -12.19 -34.27 -40.35
CA GLN B 172 -11.58 -34.37 -39.03
C GLN B 172 -11.70 -32.91 -38.67
N ASN B 173 -12.57 -32.63 -37.71
CA ASN B 173 -13.06 -31.27 -37.51
C ASN B 173 -12.08 -30.23 -36.98
N LEU B 174 -11.13 -29.82 -37.80
CA LEU B 174 -10.08 -28.89 -37.44
C LEU B 174 -10.51 -27.47 -37.20
N PHE B 175 -11.64 -27.05 -37.74
CA PHE B 175 -12.02 -25.67 -37.72
C PHE B 175 -13.44 -25.57 -37.19
N HIS B 176 -13.82 -24.35 -36.86
CA HIS B 176 -15.16 -24.02 -36.43
C HIS B 176 -15.97 -23.65 -37.66
N HIS B 177 -17.18 -24.22 -37.70
CA HIS B 177 -18.14 -24.01 -38.80
C HIS B 177 -19.48 -23.56 -38.24
N TYR B 178 -19.44 -22.41 -37.57
CA TYR B 178 -20.60 -21.78 -36.97
C TYR B 178 -20.88 -20.47 -37.67
N GLY B 179 -20.10 -20.03 -38.66
CA GLY B 179 -20.32 -18.76 -39.29
C GLY B 179 -19.40 -17.66 -38.72
N GLY B 180 -19.63 -16.37 -38.93
CA GLY B 180 -18.74 -15.31 -38.47
C GLY B 180 -19.26 -14.60 -37.23
N THR B 181 -18.38 -13.95 -36.47
CA THR B 181 -18.75 -13.30 -35.24
C THR B 181 -19.22 -11.89 -35.53
N ASP B 182 -20.30 -11.58 -34.82
CA ASP B 182 -20.83 -10.23 -34.82
C ASP B 182 -20.34 -9.55 -33.55
N PHE B 183 -19.44 -10.17 -32.77
CA PHE B 183 -18.90 -9.58 -31.55
C PHE B 183 -19.97 -9.27 -30.50
N SER B 184 -21.12 -9.97 -30.49
CA SER B 184 -22.18 -9.68 -29.54
C SER B 184 -21.82 -10.08 -28.15
N THR B 185 -21.19 -11.23 -28.00
CA THR B 185 -20.80 -11.72 -26.69
C THR B 185 -19.39 -12.25 -26.78
N ILE B 186 -18.79 -12.58 -25.62
CA ILE B 186 -17.46 -13.15 -25.61
C ILE B 186 -17.60 -14.51 -26.29
N GLU B 187 -18.52 -15.37 -25.84
CA GLU B 187 -18.80 -16.69 -26.44
C GLU B 187 -18.90 -16.68 -27.97
N ASN B 188 -19.69 -15.77 -28.53
CA ASN B 188 -19.80 -15.58 -29.99
C ASN B 188 -18.48 -15.14 -30.65
N GLY B 189 -17.70 -14.21 -30.08
CA GLY B 189 -16.41 -13.79 -30.61
C GLY B 189 -15.36 -14.91 -30.56
N ILE B 190 -15.53 -15.89 -29.70
CA ILE B 190 -14.63 -17.02 -29.59
C ILE B 190 -14.84 -18.13 -30.64
N TYR B 191 -16.06 -18.71 -30.63
CA TYR B 191 -16.37 -19.87 -31.44
C TYR B 191 -16.79 -19.56 -32.86
N LYS B 192 -17.17 -18.35 -33.18
CA LYS B 192 -17.46 -18.04 -34.57
C LYS B 192 -16.22 -17.35 -35.08
N ASN B 193 -16.13 -17.24 -36.39
CA ASN B 193 -14.97 -16.73 -37.08
C ASN B 193 -14.76 -15.25 -36.92
N LEU B 194 -13.54 -14.81 -36.75
CA LEU B 194 -13.24 -13.39 -36.67
C LEU B 194 -13.07 -13.07 -38.16
N TYR B 195 -13.93 -12.19 -38.67
CA TYR B 195 -13.90 -11.79 -40.06
C TYR B 195 -13.96 -13.02 -40.99
N ASP B 196 -13.06 -13.26 -41.95
CA ASP B 196 -13.11 -14.42 -42.85
C ASP B 196 -12.09 -15.54 -42.55
N LEU B 197 -11.44 -15.39 -41.40
CA LEU B 197 -10.36 -16.22 -40.99
C LEU B 197 -10.90 -17.55 -40.52
N ALA B 198 -10.42 -18.63 -41.14
CA ALA B 198 -10.83 -19.97 -40.76
C ALA B 198 -10.33 -20.13 -39.35
N ASP B 199 -11.31 -20.24 -38.50
CA ASP B 199 -11.12 -20.28 -37.09
C ASP B 199 -10.73 -21.65 -36.65
N LEU B 200 -9.58 -21.81 -35.99
CA LEU B 200 -9.11 -23.09 -35.56
C LEU B 200 -9.88 -23.61 -34.37
N ASN B 201 -10.08 -24.93 -34.34
CA ASN B 201 -10.75 -25.57 -33.25
C ASN B 201 -9.84 -26.32 -32.28
N HIS B 202 -9.62 -25.60 -31.17
CA HIS B 202 -8.74 -26.00 -30.09
C HIS B 202 -9.22 -27.22 -29.29
N ASN B 203 -10.47 -27.62 -29.55
CA ASN B 203 -11.03 -28.79 -28.91
C ASN B 203 -10.60 -30.02 -29.65
N ASN B 204 -10.04 -29.88 -30.85
CA ASN B 204 -9.59 -31.02 -31.60
C ASN B 204 -8.21 -31.37 -31.10
N SER B 205 -7.97 -32.57 -30.58
CA SER B 205 -6.67 -32.98 -30.04
C SER B 205 -5.54 -32.72 -31.02
N SER B 206 -5.75 -32.91 -32.34
CA SER B 206 -4.74 -32.60 -33.31
C SER B 206 -4.37 -31.13 -33.26
N VAL B 207 -5.31 -30.19 -33.22
CA VAL B 207 -4.93 -28.79 -33.30
C VAL B 207 -4.31 -28.34 -32.00
N ASP B 208 -4.90 -28.81 -30.88
CA ASP B 208 -4.40 -28.51 -29.55
C ASP B 208 -2.92 -28.93 -29.45
N VAL B 209 -2.55 -30.16 -29.85
CA VAL B 209 -1.18 -30.64 -29.77
C VAL B 209 -0.29 -29.97 -30.78
N TYR B 210 -0.67 -29.81 -32.04
CA TYR B 210 0.17 -29.13 -33.02
C TYR B 210 0.54 -27.69 -32.65
N LEU B 211 -0.34 -26.97 -32.01
CA LEU B 211 -0.13 -25.56 -31.72
C LEU B 211 0.85 -25.42 -30.57
N LYS B 212 0.75 -26.33 -29.61
CA LYS B 212 1.67 -26.42 -28.46
C LYS B 212 3.06 -26.89 -28.87
N ASP B 213 3.17 -27.89 -29.77
CA ASP B 213 4.44 -28.30 -30.35
C ASP B 213 5.03 -27.16 -31.15
N ALA B 214 4.26 -26.34 -31.90
CA ALA B 214 4.85 -25.25 -32.68
C ALA B 214 5.37 -24.16 -31.77
N ILE B 215 4.64 -23.80 -30.71
CA ILE B 215 5.16 -22.79 -29.82
C ILE B 215 6.46 -23.29 -29.19
N LYS B 216 6.45 -24.52 -28.67
CA LYS B 216 7.68 -25.08 -28.18
C LYS B 216 8.84 -25.01 -29.18
N MET B 217 8.72 -25.23 -30.49
CA MET B 217 9.89 -25.12 -31.32
C MET B 217 10.34 -23.68 -31.52
N TRP B 218 9.50 -22.67 -31.31
CA TRP B 218 10.06 -21.32 -31.37
C TRP B 218 10.71 -20.98 -30.00
N LEU B 219 10.34 -21.64 -28.89
CA LEU B 219 10.94 -21.44 -27.58
C LEU B 219 12.30 -22.07 -27.70
N ASP B 220 12.36 -23.19 -28.43
CA ASP B 220 13.60 -23.82 -28.79
C ASP B 220 14.47 -23.02 -29.75
N LEU B 221 13.98 -22.13 -30.63
CA LEU B 221 14.88 -21.30 -31.42
C LEU B 221 15.40 -20.07 -30.66
N GLY B 222 15.02 -19.97 -29.39
CA GLY B 222 15.51 -18.94 -28.51
C GLY B 222 14.73 -17.65 -28.48
N VAL B 223 13.42 -17.62 -28.80
CA VAL B 223 12.66 -16.37 -28.69
C VAL B 223 12.54 -16.03 -27.21
N ASP B 224 12.50 -14.74 -26.90
CA ASP B 224 12.44 -14.29 -25.51
C ASP B 224 11.07 -13.90 -25.01
N GLY B 225 10.15 -13.60 -25.93
CA GLY B 225 8.77 -13.26 -25.59
C GLY B 225 7.85 -13.56 -26.78
N ILE B 226 6.56 -13.55 -26.47
CA ILE B 226 5.50 -13.87 -27.41
C ILE B 226 4.36 -12.91 -27.14
N ARG B 227 3.88 -12.25 -28.19
CA ARG B 227 2.69 -11.42 -28.10
C ARG B 227 1.67 -12.38 -28.67
N VAL B 228 0.67 -12.88 -27.92
CA VAL B 228 -0.30 -13.68 -28.66
C VAL B 228 -1.53 -12.81 -28.99
N ASP B 229 -1.81 -12.97 -30.28
CA ASP B 229 -2.87 -12.32 -30.99
C ASP B 229 -4.30 -12.74 -30.61
N ALA B 230 -5.26 -11.78 -30.57
CA ALA B 230 -6.70 -12.04 -30.39
C ALA B 230 -7.08 -13.00 -29.27
N VAL B 231 -6.58 -12.60 -28.10
CA VAL B 231 -6.67 -13.38 -26.88
C VAL B 231 -8.14 -13.45 -26.38
N LYS B 232 -8.91 -12.46 -26.80
CA LYS B 232 -10.35 -12.33 -26.55
C LYS B 232 -11.20 -13.40 -27.26
N ASN B 233 -10.65 -13.85 -28.39
CA ASN B 233 -11.33 -14.69 -29.35
C ASN B 233 -10.94 -16.17 -29.30
N MET B 234 -10.42 -16.61 -28.16
CA MET B 234 -10.09 -17.98 -27.93
C MET B 234 -10.53 -18.25 -26.50
N PRO B 235 -10.88 -19.49 -26.20
CA PRO B 235 -11.27 -19.93 -24.87
C PRO B 235 -10.23 -19.72 -23.77
N PHE B 236 -10.58 -19.04 -22.66
CA PHE B 236 -9.71 -18.84 -21.50
C PHE B 236 -9.03 -20.12 -21.04
N GLY B 237 -9.84 -21.15 -20.84
CA GLY B 237 -9.44 -22.47 -20.39
C GLY B 237 -8.44 -23.05 -21.34
N TRP B 238 -8.59 -22.90 -22.65
CA TRP B 238 -7.59 -23.47 -23.55
C TRP B 238 -6.32 -22.62 -23.46
N GLN B 239 -6.42 -21.28 -23.51
CA GLN B 239 -5.25 -20.42 -23.42
C GLN B 239 -4.49 -20.59 -22.09
N LYS B 240 -5.13 -21.06 -21.03
CA LYS B 240 -4.47 -21.34 -19.78
C LYS B 240 -3.67 -22.63 -19.85
N SER B 241 -4.19 -23.68 -20.53
CA SER B 241 -3.41 -24.90 -20.70
C SER B 241 -2.29 -24.64 -21.70
N PHE B 242 -2.47 -23.70 -22.63
CA PHE B 242 -1.41 -23.24 -23.50
C PHE B 242 -0.39 -22.49 -22.65
N MET B 243 -0.79 -21.58 -21.74
CA MET B 243 0.18 -20.89 -20.90
C MET B 243 0.97 -21.81 -20.04
N ALA B 244 0.31 -22.80 -19.45
CA ALA B 244 0.99 -23.82 -18.65
C ALA B 244 1.99 -24.62 -19.45
N THR B 245 1.72 -24.89 -20.75
CA THR B 245 2.66 -25.53 -21.65
C THR B 245 3.89 -24.67 -21.84
N ILE B 246 3.78 -23.36 -22.07
CA ILE B 246 4.98 -22.54 -22.18
C ILE B 246 5.66 -22.50 -20.81
N ASN B 247 5.02 -22.05 -19.74
CA ASN B 247 5.62 -21.94 -18.41
C ASN B 247 6.13 -23.23 -17.76
N ASN B 248 5.64 -24.42 -18.11
CA ASN B 248 6.20 -25.64 -17.56
C ASN B 248 7.32 -26.18 -18.43
N TYR B 249 7.58 -25.57 -19.58
CA TYR B 249 8.65 -26.03 -20.41
C TYR B 249 9.78 -25.01 -20.51
N LYS B 250 9.59 -23.80 -21.04
CA LYS B 250 10.63 -22.81 -21.15
C LYS B 250 9.98 -21.45 -20.96
N PRO B 251 9.68 -21.01 -19.71
CA PRO B 251 8.95 -19.78 -19.44
C PRO B 251 9.59 -18.57 -20.06
N VAL B 252 8.85 -17.81 -20.86
CA VAL B 252 9.29 -16.55 -21.45
C VAL B 252 8.11 -15.62 -21.21
N PHE B 253 8.30 -14.30 -21.26
CA PHE B 253 7.21 -13.34 -21.08
C PHE B 253 6.15 -13.36 -22.20
N THR B 254 4.90 -13.75 -21.92
CA THR B 254 3.92 -13.72 -22.98
C THR B 254 2.76 -12.82 -22.55
N PHE B 255 2.21 -12.05 -23.47
CA PHE B 255 1.10 -11.13 -23.19
C PHE B 255 0.14 -11.13 -24.35
N GLY B 256 -1.13 -10.90 -24.11
CA GLY B 256 -2.08 -10.94 -25.21
C GLY B 256 -2.64 -9.60 -25.58
N GLU B 257 -3.28 -9.65 -26.77
CA GLU B 257 -4.04 -8.53 -27.27
C GLU B 257 -5.51 -8.80 -27.00
N TRP B 258 -6.12 -7.99 -26.14
CA TRP B 258 -7.53 -8.01 -25.86
C TRP B 258 -7.79 -6.53 -26.04
N PHE B 259 -8.29 -6.21 -27.21
CA PHE B 259 -8.59 -4.86 -27.61
C PHE B 259 -9.63 -4.26 -26.67
N LEU B 260 -9.52 -2.98 -26.44
CA LEU B 260 -10.39 -2.31 -25.51
C LEU B 260 -10.45 -0.91 -26.10
N GLY B 261 -11.63 -0.32 -26.07
CA GLY B 261 -11.88 0.96 -26.67
C GLY B 261 -11.80 2.07 -25.64
N VAL B 262 -12.08 3.29 -26.07
CA VAL B 262 -11.95 4.48 -25.22
C VAL B 262 -12.92 4.43 -24.05
N ASN B 263 -12.50 4.82 -22.83
CA ASN B 263 -13.31 4.78 -21.62
C ASN B 263 -14.00 3.43 -21.38
N GLU B 264 -13.40 2.35 -21.87
CA GLU B 264 -14.01 1.05 -21.74
C GLU B 264 -13.24 0.30 -20.68
N ILE B 265 -13.95 -0.33 -19.76
CA ILE B 265 -13.29 -1.15 -18.77
C ILE B 265 -14.17 -2.41 -18.64
N SER B 266 -13.49 -3.47 -19.03
CA SER B 266 -14.03 -4.80 -18.98
C SER B 266 -13.44 -5.44 -17.72
N PRO B 267 -14.30 -6.07 -16.93
CA PRO B 267 -13.91 -6.97 -15.86
C PRO B 267 -13.30 -8.24 -16.42
N GLU B 268 -13.80 -8.79 -17.54
CA GLU B 268 -13.22 -9.99 -18.12
C GLU B 268 -11.80 -9.77 -18.59
N TYR B 269 -11.46 -8.56 -19.04
CA TYR B 269 -10.12 -8.13 -19.40
C TYR B 269 -9.19 -8.25 -18.18
N HIS B 270 -9.52 -7.61 -17.06
CA HIS B 270 -8.68 -7.70 -15.90
C HIS B 270 -8.70 -9.10 -15.35
N GLN B 271 -9.76 -9.87 -15.45
CA GLN B 271 -9.77 -11.25 -15.00
C GLN B 271 -8.80 -12.10 -15.83
N PHE B 272 -8.74 -11.90 -17.15
CA PHE B 272 -7.81 -12.60 -18.02
C PHE B 272 -6.36 -12.31 -17.58
N ALA B 273 -5.98 -11.04 -17.43
CA ALA B 273 -4.63 -10.65 -17.04
C ALA B 273 -4.21 -11.27 -15.73
N ASN B 274 -5.20 -11.23 -14.85
CA ASN B 274 -4.93 -11.69 -13.51
C ASN B 274 -4.96 -13.17 -13.35
N GLU B 275 -5.63 -13.91 -14.25
CA GLU B 275 -5.76 -15.35 -14.10
C GLU B 275 -5.29 -16.25 -15.23
N SER B 276 -4.91 -15.73 -16.39
CA SER B 276 -4.55 -16.60 -17.50
C SER B 276 -3.16 -17.18 -17.42
N GLY B 277 -2.25 -16.43 -16.79
CA GLY B 277 -0.88 -16.82 -16.78
C GLY B 277 -0.15 -15.93 -17.77
N MET B 278 -0.85 -15.09 -18.55
CA MET B 278 -0.18 -14.15 -19.41
C MET B 278 -0.67 -12.79 -18.97
N SER B 279 0.03 -11.75 -19.37
CA SER B 279 -0.45 -10.44 -19.06
C SER B 279 -1.03 -9.86 -20.33
N LEU B 280 -1.03 -8.55 -20.53
CA LEU B 280 -1.85 -7.97 -21.55
C LEU B 280 -1.24 -6.69 -21.99
N LEU B 281 -1.51 -6.38 -23.23
CA LEU B 281 -1.20 -5.07 -23.77
C LEU B 281 -2.13 -4.15 -22.98
N ASP B 282 -1.69 -3.00 -22.54
CA ASP B 282 -2.46 -2.24 -21.61
C ASP B 282 -3.16 -1.18 -22.38
N PHE B 283 -4.32 -1.62 -22.92
CA PHE B 283 -5.22 -0.77 -23.69
C PHE B 283 -5.87 0.28 -22.78
N ARG B 284 -6.17 -0.06 -21.52
CA ARG B 284 -6.67 0.91 -20.53
C ARG B 284 -5.72 2.11 -20.45
N PHE B 285 -4.42 1.83 -20.37
CA PHE B 285 -3.42 2.85 -20.27
C PHE B 285 -3.39 3.62 -21.54
N ALA B 286 -3.28 2.89 -22.66
CA ALA B 286 -3.08 3.55 -23.95
C ALA B 286 -4.20 4.46 -24.39
N GLN B 287 -5.42 4.04 -24.07
CA GLN B 287 -6.59 4.80 -24.46
C GLN B 287 -6.63 6.10 -23.65
N LYS B 288 -6.46 6.03 -22.32
CA LYS B 288 -6.43 7.26 -21.53
C LYS B 288 -5.23 8.12 -21.92
N ALA B 289 -4.05 7.58 -22.22
CA ALA B 289 -2.91 8.39 -22.65
C ALA B 289 -3.23 9.21 -23.91
N ARG B 290 -3.83 8.57 -24.93
CA ARG B 290 -4.22 9.28 -26.14
C ARG B 290 -5.29 10.32 -25.85
N GLN B 291 -6.24 10.10 -24.93
CA GLN B 291 -7.25 11.14 -24.60
C GLN B 291 -6.67 12.41 -24.03
N VAL B 292 -5.67 12.23 -23.16
CA VAL B 292 -5.02 13.33 -22.47
C VAL B 292 -3.94 14.00 -23.31
N PHE B 293 -3.03 13.28 -23.97
CA PHE B 293 -1.97 13.97 -24.71
C PHE B 293 -2.21 14.13 -26.18
N ARG B 294 -3.11 13.37 -26.80
CA ARG B 294 -3.33 13.49 -28.25
C ARG B 294 -4.61 14.24 -28.57
N ASP B 295 -5.72 13.65 -28.14
CA ASP B 295 -7.05 14.11 -28.50
C ASP B 295 -7.70 15.11 -27.57
N ASN B 296 -7.23 15.40 -26.34
CA ASN B 296 -7.81 16.40 -25.45
C ASN B 296 -9.29 16.15 -25.18
N THR B 297 -9.58 14.91 -24.86
CA THR B 297 -10.93 14.54 -24.52
C THR B 297 -10.95 14.03 -23.09
N ASP B 298 -9.90 14.35 -22.32
CA ASP B 298 -9.82 14.14 -20.88
C ASP B 298 -8.69 15.01 -20.38
N ASN B 299 -8.46 15.08 -19.06
CA ASN B 299 -7.42 15.93 -18.47
C ASN B 299 -6.59 15.20 -17.42
N MET B 300 -5.69 15.87 -16.69
CA MET B 300 -4.84 15.16 -15.75
C MET B 300 -5.50 14.40 -14.66
N TYR B 301 -6.71 14.76 -14.23
CA TYR B 301 -7.35 13.98 -13.17
C TYR B 301 -7.82 12.65 -13.70
N GLY B 302 -8.04 12.57 -15.02
CA GLY B 302 -8.43 11.34 -15.68
C GLY B 302 -7.23 10.41 -15.76
N LEU B 303 -6.10 10.97 -16.16
CA LEU B 303 -4.84 10.24 -16.19
C LEU B 303 -4.57 9.70 -14.80
N LYS B 304 -4.64 10.60 -13.81
CA LYS B 304 -4.49 10.27 -12.40
C LYS B 304 -5.38 9.11 -12.04
N ALA B 305 -6.64 9.12 -12.47
CA ALA B 305 -7.54 8.06 -12.07
C ALA B 305 -7.20 6.72 -12.68
N MET B 306 -6.73 6.77 -13.92
CA MET B 306 -6.31 5.56 -14.62
C MET B 306 -5.09 4.95 -13.94
N LEU B 307 -4.08 5.75 -13.63
CA LEU B 307 -2.89 5.27 -12.95
C LEU B 307 -3.21 4.67 -11.60
N GLU B 308 -3.99 5.38 -10.80
CA GLU B 308 -4.38 4.88 -9.49
C GLU B 308 -5.20 3.60 -9.54
N GLY B 309 -6.17 3.58 -10.45
CA GLY B 309 -7.06 2.46 -10.63
C GLY B 309 -6.44 1.24 -11.25
N SER B 310 -5.52 1.37 -12.22
CA SER B 310 -4.92 0.21 -12.84
C SER B 310 -3.99 -0.47 -11.88
N GLU B 311 -3.41 0.32 -10.98
CA GLU B 311 -2.55 -0.22 -9.96
C GLU B 311 -3.32 -1.16 -9.04
N VAL B 312 -4.62 -1.04 -8.76
CA VAL B 312 -5.28 -2.04 -7.91
C VAL B 312 -6.00 -3.12 -8.74
N ASP B 313 -6.46 -2.80 -9.95
CA ASP B 313 -7.17 -3.75 -10.79
C ASP B 313 -6.28 -4.80 -11.47
N TYR B 314 -5.12 -4.37 -11.96
CA TYR B 314 -4.13 -5.30 -12.50
C TYR B 314 -3.38 -5.85 -11.32
N ALA B 315 -3.53 -7.14 -11.05
CA ALA B 315 -2.83 -7.79 -9.97
C ALA B 315 -1.30 -7.65 -10.11
N GLN B 316 -0.73 -7.68 -11.31
CA GLN B 316 0.69 -7.49 -11.48
C GLN B 316 0.81 -6.41 -12.54
N VAL B 317 0.66 -5.16 -12.12
CA VAL B 317 0.78 -4.06 -13.08
C VAL B 317 2.13 -3.98 -13.77
N ASN B 318 3.23 -4.41 -13.13
CA ASN B 318 4.56 -4.27 -13.72
C ASN B 318 4.76 -5.09 -15.00
N ASP B 319 3.90 -6.08 -15.24
CA ASP B 319 3.90 -6.90 -16.45
C ASP B 319 3.04 -6.45 -17.63
N GLN B 320 2.36 -5.29 -17.56
CA GLN B 320 1.48 -4.86 -18.65
C GLN B 320 2.27 -4.04 -19.63
N VAL B 321 2.01 -4.28 -20.92
CA VAL B 321 2.79 -3.66 -21.95
C VAL B 321 2.08 -2.40 -22.33
N THR B 322 2.70 -1.25 -22.18
CA THR B 322 2.05 0.00 -22.43
C THR B 322 2.49 0.56 -23.76
N PHE B 323 1.74 1.45 -24.35
CA PHE B 323 2.00 2.01 -25.65
C PHE B 323 1.03 3.17 -25.77
N ILE B 324 1.25 4.00 -26.76
CA ILE B 324 0.37 5.09 -27.05
C ILE B 324 -0.23 4.85 -28.44
N ASP B 325 0.31 3.95 -29.26
CA ASP B 325 -0.31 3.63 -30.53
C ASP B 325 0.29 2.35 -31.03
N ASN B 326 -0.36 1.73 -32.03
CA ASN B 326 0.10 0.50 -32.63
C ASN B 326 -0.51 0.36 -34.01
N HIS B 327 -0.39 -0.83 -34.58
CA HIS B 327 -0.97 -1.16 -35.88
C HIS B 327 -2.51 -1.28 -35.96
N ASP B 328 -3.28 -1.24 -34.88
CA ASP B 328 -4.72 -1.33 -35.00
C ASP B 328 -5.38 0.02 -34.75
N MET B 329 -4.61 1.11 -34.65
CA MET B 329 -5.13 2.46 -34.44
C MET B 329 -4.28 3.43 -35.21
N GLU B 330 -4.87 4.59 -35.42
CA GLU B 330 -4.24 5.70 -36.08
C GLU B 330 -2.95 6.06 -35.34
N ARG B 331 -1.98 6.56 -36.09
CA ARG B 331 -0.73 6.89 -35.42
C ARG B 331 -0.92 8.16 -34.62
N PHE B 332 -0.25 8.21 -33.49
CA PHE B 332 -0.33 9.25 -32.51
C PHE B 332 -0.01 10.60 -33.12
N HIS B 333 1.10 10.76 -33.86
CA HIS B 333 1.38 12.06 -34.43
C HIS B 333 0.41 12.26 -35.57
N THR B 334 -0.22 13.40 -35.52
CA THR B 334 -1.14 13.79 -36.55
C THR B 334 -0.31 14.52 -37.59
N SER B 335 -0.72 14.44 -38.85
CA SER B 335 -0.04 15.19 -39.91
C SER B 335 -0.21 16.67 -39.61
N ASN B 336 0.94 17.36 -39.54
CA ASN B 336 0.98 18.77 -39.19
C ASN B 336 0.32 19.09 -37.85
N GLY B 337 0.50 18.12 -36.95
CA GLY B 337 0.10 18.25 -35.56
C GLY B 337 1.36 18.50 -34.73
N ASP B 338 1.20 18.91 -33.48
CA ASP B 338 2.30 19.23 -32.60
C ASP B 338 3.16 18.02 -32.19
N ARG B 339 4.43 18.05 -32.61
CA ARG B 339 5.40 17.01 -32.30
C ARG B 339 5.60 16.82 -30.82
N ARG B 340 5.55 17.92 -30.08
CA ARG B 340 5.69 17.93 -28.63
C ARG B 340 4.68 17.08 -27.92
N LYS B 341 3.57 16.72 -28.54
CA LYS B 341 2.61 15.88 -27.87
C LYS B 341 3.13 14.48 -27.89
N LEU B 342 3.73 14.10 -29.03
CA LEU B 342 4.30 12.77 -29.24
C LEU B 342 5.46 12.60 -28.27
N GLU B 343 6.33 13.59 -28.23
CA GLU B 343 7.53 13.58 -27.39
C GLU B 343 7.15 13.43 -25.92
N GLN B 344 6.19 14.25 -25.49
CA GLN B 344 5.63 14.23 -24.14
C GLN B 344 5.01 12.89 -23.74
N ALA B 345 4.14 12.34 -24.59
CA ALA B 345 3.50 11.06 -24.38
C ALA B 345 4.53 9.95 -24.42
N LEU B 346 5.55 10.03 -25.27
CA LEU B 346 6.62 9.04 -25.34
C LEU B 346 7.35 9.10 -23.98
N ALA B 347 7.67 10.29 -23.48
CA ALA B 347 8.30 10.44 -22.18
C ALA B 347 7.39 9.99 -21.05
N PHE B 348 6.07 10.15 -21.21
CA PHE B 348 5.13 9.71 -20.20
C PHE B 348 5.23 8.18 -20.13
N THR B 349 5.04 7.46 -21.23
CA THR B 349 5.09 6.01 -21.32
C THR B 349 6.41 5.41 -20.84
N LEU B 350 7.54 6.01 -21.27
CA LEU B 350 8.89 5.58 -20.86
C LEU B 350 9.14 5.63 -19.37
N THR B 351 8.56 6.60 -18.65
CA THR B 351 8.79 6.65 -17.21
C THR B 351 7.71 5.99 -16.35
N SER B 352 6.68 5.39 -16.97
CA SER B 352 5.56 4.87 -16.21
C SER B 352 5.72 3.40 -16.01
N ARG B 353 4.89 2.88 -15.11
CA ARG B 353 4.93 1.48 -14.75
C ARG B 353 4.60 0.54 -15.93
N GLY B 354 4.93 -0.75 -15.87
CA GLY B 354 4.64 -1.65 -16.97
C GLY B 354 5.88 -1.91 -17.81
N VAL B 355 5.68 -2.28 -19.07
CA VAL B 355 6.76 -2.64 -19.98
C VAL B 355 6.45 -1.76 -21.18
N PRO B 356 7.07 -0.62 -21.50
CA PRO B 356 6.71 0.21 -22.66
C PRO B 356 7.04 -0.31 -24.05
N ALA B 357 6.13 -0.18 -25.01
CA ALA B 357 6.37 -0.58 -26.37
C ALA B 357 6.25 0.67 -27.24
N ILE B 358 7.13 0.86 -28.22
CA ILE B 358 7.07 1.97 -29.14
C ILE B 358 6.82 1.39 -30.53
N TYR B 359 5.84 1.98 -31.24
CA TYR B 359 5.51 1.54 -32.57
C TYR B 359 6.59 2.09 -33.50
N TYR B 360 7.21 1.22 -34.31
CA TYR B 360 8.30 1.61 -35.18
C TYR B 360 8.04 2.88 -35.95
N GLY B 361 8.98 3.77 -36.13
CA GLY B 361 8.72 4.96 -36.86
C GLY B 361 8.17 6.05 -35.99
N SER B 362 7.77 5.84 -34.72
CA SER B 362 7.31 6.97 -33.89
C SER B 362 8.38 8.05 -33.80
N GLU B 363 9.63 7.60 -33.66
CA GLU B 363 10.77 8.48 -33.56
C GLU B 363 10.97 9.23 -34.86
N GLN B 364 10.28 8.90 -35.95
CA GLN B 364 10.39 9.65 -37.20
C GLN B 364 9.12 10.46 -37.50
N TYR B 365 8.28 10.67 -36.47
CA TYR B 365 6.98 11.36 -36.52
C TYR B 365 6.14 10.91 -37.72
N MET B 366 5.99 9.60 -37.81
CA MET B 366 5.17 9.01 -38.84
C MET B 366 3.70 9.28 -38.51
N SER B 367 3.03 9.76 -39.54
CA SER B 367 1.61 10.00 -39.51
C SER B 367 0.95 8.88 -40.33
N GLY B 368 -0.37 8.75 -40.16
CA GLY B 368 -1.15 7.81 -40.93
C GLY B 368 -2.40 7.39 -40.19
N GLY B 369 -3.47 7.15 -40.95
CA GLY B 369 -4.70 6.69 -40.36
C GLY B 369 -4.67 5.21 -39.97
N ASN B 370 -5.84 4.60 -40.00
CA ASN B 370 -6.02 3.20 -39.66
C ASN B 370 -5.48 2.32 -40.75
N ASP B 371 -5.33 1.04 -40.45
CA ASP B 371 -4.93 -0.03 -41.37
C ASP B 371 -5.38 0.16 -42.82
N PRO B 372 -4.54 0.18 -43.86
CA PRO B 372 -3.10 -0.04 -43.79
C PRO B 372 -2.25 1.23 -43.67
N ASP B 373 -2.84 2.42 -43.49
CA ASP B 373 -2.12 3.69 -43.45
C ASP B 373 -1.13 3.92 -42.30
N ASN B 374 -1.30 3.18 -41.22
CA ASN B 374 -0.43 3.22 -40.06
C ASN B 374 0.71 2.20 -40.22
N ARG B 375 0.84 1.52 -41.36
CA ARG B 375 1.99 0.67 -41.58
C ARG B 375 2.75 0.99 -42.87
N ALA B 376 3.00 2.29 -43.14
CA ALA B 376 3.82 2.75 -44.25
C ALA B 376 5.28 2.35 -43.97
N ARG B 377 6.20 2.35 -44.92
CA ARG B 377 7.58 1.97 -44.64
C ARG B 377 8.21 3.13 -43.85
N LEU B 378 9.11 2.82 -42.91
CA LEU B 378 9.85 3.82 -42.14
C LEU B 378 10.58 4.70 -43.15
N PRO B 379 10.38 6.02 -43.23
CA PRO B 379 10.97 6.90 -44.26
C PRO B 379 12.36 7.46 -43.99
N SER B 380 12.95 7.22 -42.83
CA SER B 380 14.20 7.87 -42.52
C SER B 380 14.77 7.05 -41.40
N PHE B 381 16.10 7.07 -41.39
CA PHE B 381 16.84 6.42 -40.35
C PHE B 381 17.73 7.44 -39.61
N SER B 382 17.13 8.64 -39.51
CA SER B 382 17.69 9.77 -38.80
C SER B 382 17.81 9.47 -37.30
N THR B 383 19.01 9.69 -36.79
CA THR B 383 19.31 9.46 -35.41
C THR B 383 19.22 10.79 -34.64
N THR B 384 18.91 11.91 -35.27
CA THR B 384 18.90 13.16 -34.54
C THR B 384 17.53 13.83 -34.32
N THR B 385 16.45 13.06 -34.39
CA THR B 385 15.16 13.67 -34.17
C THR B 385 14.98 13.82 -32.67
N THR B 386 14.15 14.77 -32.20
CA THR B 386 13.97 14.94 -30.78
C THR B 386 13.27 13.72 -30.22
N ALA B 387 12.33 13.09 -30.95
CA ALA B 387 11.72 11.87 -30.45
C ALA B 387 12.77 10.78 -30.31
N TYR B 388 13.78 10.70 -31.19
CA TYR B 388 14.86 9.72 -31.05
C TYR B 388 15.67 10.00 -29.78
N GLN B 389 16.09 11.25 -29.61
CA GLN B 389 16.83 11.71 -28.45
C GLN B 389 16.08 11.50 -27.14
N VAL B 390 14.75 11.73 -27.09
CA VAL B 390 13.95 11.50 -25.90
C VAL B 390 13.98 10.04 -25.52
N ILE B 391 13.78 9.09 -26.45
CA ILE B 391 13.85 7.66 -26.14
C ILE B 391 15.29 7.30 -25.70
N GLN B 392 16.31 7.80 -26.39
CA GLN B 392 17.70 7.55 -26.02
C GLN B 392 18.00 8.02 -24.60
N LYS B 393 17.44 9.15 -24.15
CA LYS B 393 17.67 9.59 -22.77
C LYS B 393 16.93 8.82 -21.74
N LEU B 394 15.66 8.48 -21.99
CA LEU B 394 14.86 7.84 -20.98
C LEU B 394 14.83 6.33 -20.95
N ALA B 395 14.97 5.66 -22.11
CA ALA B 395 14.96 4.19 -22.16
C ALA B 395 15.99 3.59 -21.23
N PRO B 396 17.25 4.08 -21.15
CA PRO B 396 18.26 3.52 -20.26
C PRO B 396 17.86 3.50 -18.79
N LEU B 397 17.07 4.50 -18.34
CA LEU B 397 16.67 4.65 -16.95
C LEU B 397 15.90 3.47 -16.47
N ARG B 398 15.25 2.70 -17.34
CA ARG B 398 14.50 1.53 -16.86
C ARG B 398 15.46 0.42 -16.46
N LYS B 399 16.69 0.45 -17.01
CA LYS B 399 17.70 -0.50 -16.57
C LYS B 399 18.40 0.09 -15.35
N SER B 400 18.74 1.39 -15.29
CA SER B 400 19.47 1.96 -14.16
C SER B 400 18.71 2.27 -12.86
N ASN B 401 17.53 2.88 -12.95
CA ASN B 401 16.81 3.26 -11.78
C ASN B 401 15.66 2.29 -11.54
N PRO B 402 15.66 1.48 -10.48
CA PRO B 402 14.60 0.52 -10.25
C PRO B 402 13.27 1.16 -9.93
N ALA B 403 13.20 2.45 -9.57
CA ALA B 403 11.92 3.11 -9.31
C ALA B 403 11.13 3.18 -10.63
N ILE B 404 11.74 3.53 -11.75
CA ILE B 404 11.12 3.51 -13.08
C ILE B 404 10.72 2.07 -13.42
N ALA B 405 11.65 1.12 -13.36
CA ALA B 405 11.34 -0.27 -13.72
C ALA B 405 10.32 -0.95 -12.84
N TYR B 406 10.25 -0.75 -11.52
CA TYR B 406 9.35 -1.53 -10.66
C TYR B 406 8.58 -0.71 -9.65
N GLY B 407 8.78 0.60 -9.61
CA GLY B 407 8.23 1.35 -8.51
C GLY B 407 6.76 1.64 -8.65
N SER B 408 6.26 1.98 -7.47
CA SER B 408 4.87 2.38 -7.35
C SER B 408 4.69 3.76 -7.97
N THR B 409 3.50 4.19 -8.41
CA THR B 409 3.29 5.52 -8.96
C THR B 409 2.49 6.28 -7.91
N HIS B 410 2.80 7.56 -7.63
CA HIS B 410 2.08 8.34 -6.61
C HIS B 410 2.04 9.76 -7.11
N GLU B 411 0.86 10.31 -7.38
CA GLU B 411 0.75 11.68 -7.82
C GLU B 411 1.14 12.60 -6.66
N ARG B 412 1.90 13.62 -6.95
CA ARG B 412 2.40 14.52 -5.94
C ARG B 412 1.88 15.92 -6.15
N TRP B 413 1.68 16.32 -7.39
CA TRP B 413 1.11 17.61 -7.68
C TRP B 413 0.21 17.40 -8.88
N ILE B 414 -0.93 18.10 -8.96
CA ILE B 414 -1.81 17.97 -10.10
C ILE B 414 -2.74 19.16 -10.26
N ASN B 415 -3.26 19.25 -11.49
CA ASN B 415 -4.30 20.17 -11.85
C ASN B 415 -4.76 19.75 -13.26
N ASN B 416 -5.76 20.36 -13.87
CA ASN B 416 -6.26 20.07 -15.21
C ASN B 416 -5.21 19.77 -16.32
N ASP B 417 -4.12 20.54 -16.32
CA ASP B 417 -3.09 20.45 -17.33
C ASP B 417 -1.72 19.90 -16.90
N VAL B 418 -1.46 19.60 -15.62
CA VAL B 418 -0.14 19.30 -15.13
C VAL B 418 -0.24 18.10 -14.22
N ILE B 419 0.67 17.15 -14.41
CA ILE B 419 0.79 16.08 -13.43
C ILE B 419 2.28 16.00 -13.12
N ILE B 420 2.66 15.81 -11.85
CA ILE B 420 4.00 15.43 -11.53
C ILE B 420 3.74 14.28 -10.57
N TYR B 421 4.29 13.13 -10.99
CA TYR B 421 4.16 11.86 -10.27
C TYR B 421 5.53 11.38 -9.88
N GLU B 422 5.55 10.48 -8.93
CA GLU B 422 6.79 9.99 -8.44
C GLU B 422 6.69 8.49 -8.43
N ARG B 423 7.76 7.91 -8.94
CA ARG B 423 7.95 6.50 -9.01
C ARG B 423 8.87 6.26 -7.80
N LYS B 424 8.61 5.20 -7.05
CA LYS B 424 9.36 4.98 -5.83
C LYS B 424 9.58 3.50 -5.66
N PHE B 425 10.82 3.06 -5.45
CA PHE B 425 11.13 1.65 -5.20
C PHE B 425 12.31 1.68 -4.23
N GLY B 426 12.09 1.31 -2.98
CA GLY B 426 13.13 1.41 -1.95
C GLY B 426 13.37 2.89 -1.70
N ASN B 427 14.60 3.35 -1.86
CA ASN B 427 14.83 4.77 -1.70
C ASN B 427 15.25 5.34 -3.02
N ASN B 428 15.04 4.57 -4.10
CA ASN B 428 15.31 5.06 -5.45
C ASN B 428 14.07 5.84 -5.82
N VAL B 429 14.17 6.99 -6.44
CA VAL B 429 13.03 7.86 -6.66
C VAL B 429 13.18 8.45 -8.04
N ALA B 430 12.07 8.66 -8.74
CA ALA B 430 12.07 9.42 -9.98
C ALA B 430 10.84 10.29 -9.91
N VAL B 431 10.91 11.55 -10.32
CA VAL B 431 9.76 12.40 -10.25
C VAL B 431 9.73 12.99 -11.66
N VAL B 432 8.57 12.89 -12.31
CA VAL B 432 8.45 13.43 -13.65
C VAL B 432 7.25 14.35 -13.62
N ALA B 433 7.42 15.52 -14.25
CA ALA B 433 6.45 16.58 -14.26
C ALA B 433 6.20 16.92 -15.71
N ILE B 434 4.94 16.95 -16.08
CA ILE B 434 4.55 17.15 -17.46
C ILE B 434 3.52 18.29 -17.46
N ASN B 435 3.67 19.26 -18.36
CA ASN B 435 2.73 20.32 -18.58
C ASN B 435 2.26 20.15 -20.01
N ARG B 436 1.06 19.62 -20.20
CA ARG B 436 0.55 19.36 -21.56
C ARG B 436 0.05 20.61 -22.26
N ASN B 437 -0.18 21.66 -21.48
CA ASN B 437 -0.61 22.88 -22.07
C ASN B 437 0.59 23.48 -22.79
N MET B 438 0.45 23.76 -24.07
CA MET B 438 1.56 24.23 -24.88
C MET B 438 1.66 25.75 -24.91
N ASN B 439 0.87 26.46 -24.10
CA ASN B 439 0.81 27.91 -24.20
C ASN B 439 1.04 28.54 -22.85
N THR B 440 0.56 27.93 -21.77
CA THR B 440 0.59 28.51 -20.46
C THR B 440 1.70 27.85 -19.65
N PRO B 441 2.58 28.64 -19.05
CA PRO B 441 3.52 28.20 -18.01
C PRO B 441 2.77 27.75 -16.77
N ALA B 442 3.35 26.93 -15.91
CA ALA B 442 2.64 26.50 -14.74
C ALA B 442 3.52 26.84 -13.54
N SER B 443 3.03 27.46 -12.45
CA SER B 443 3.82 27.71 -11.23
C SER B 443 3.47 26.67 -10.18
N ILE B 444 4.52 25.94 -9.84
CA ILE B 444 4.46 24.82 -8.93
C ILE B 444 4.98 25.35 -7.61
N THR B 445 4.16 25.09 -6.62
CA THR B 445 4.31 25.52 -5.25
C THR B 445 3.75 24.33 -4.51
N GLY B 446 4.34 23.94 -3.39
CA GLY B 446 3.78 22.86 -2.59
C GLY B 446 4.18 21.48 -3.07
N LEU B 447 5.16 21.41 -3.99
CA LEU B 447 5.61 20.12 -4.44
C LEU B 447 6.43 19.54 -3.32
N VAL B 448 5.99 18.44 -2.74
CA VAL B 448 6.76 17.72 -1.74
C VAL B 448 7.10 16.42 -2.49
N THR B 449 8.34 15.97 -2.31
CA THR B 449 8.86 14.82 -2.98
C THR B 449 9.57 13.88 -2.01
N SER B 450 10.07 12.76 -2.53
CA SER B 450 10.88 11.85 -1.73
C SER B 450 12.35 11.93 -2.09
N LEU B 451 12.75 12.91 -2.90
CA LEU B 451 14.14 13.09 -3.25
C LEU B 451 14.85 13.70 -2.03
N PRO B 452 16.13 13.38 -1.81
CA PRO B 452 17.01 14.04 -0.84
C PRO B 452 17.21 15.52 -1.13
N ARG B 453 17.54 16.34 -0.15
CA ARG B 453 17.71 17.76 -0.46
C ARG B 453 18.90 17.99 -1.41
N GLY B 454 18.77 18.85 -2.42
CA GLY B 454 19.83 19.04 -3.39
C GLY B 454 19.27 19.67 -4.67
N SER B 455 20.03 19.91 -5.73
CA SER B 455 19.46 20.41 -6.97
C SER B 455 19.70 19.34 -8.03
N TYR B 456 18.70 19.15 -8.89
CA TYR B 456 18.57 18.01 -9.76
C TYR B 456 18.50 18.51 -11.17
N ASN B 457 19.32 17.93 -12.00
CA ASN B 457 19.26 18.22 -13.43
C ASN B 457 18.03 17.53 -14.00
N ASP B 458 17.53 18.09 -15.08
CA ASP B 458 16.51 17.41 -15.85
C ASP B 458 17.26 16.33 -16.62
N VAL B 459 16.96 15.03 -16.53
CA VAL B 459 17.80 14.08 -17.27
C VAL B 459 17.57 14.29 -18.76
N LEU B 460 16.43 14.78 -19.21
CA LEU B 460 16.23 15.09 -20.62
C LEU B 460 17.10 16.28 -21.05
N GLY B 461 18.00 16.85 -20.24
CA GLY B 461 18.91 17.91 -20.64
C GLY B 461 18.20 19.16 -21.11
N GLY B 462 16.97 19.33 -20.60
CA GLY B 462 16.11 20.44 -20.98
C GLY B 462 15.63 20.34 -22.43
N ILE B 463 15.63 19.20 -23.15
CA ILE B 463 15.22 19.27 -24.56
C ILE B 463 13.72 19.44 -24.64
N LEU B 464 12.96 18.94 -23.67
CA LEU B 464 11.53 19.18 -23.69
C LEU B 464 11.17 20.30 -22.70
N ASN B 465 12.01 21.36 -22.72
CA ASN B 465 11.90 22.57 -21.90
C ASN B 465 11.79 22.30 -20.40
N GLY B 466 12.45 21.25 -19.93
CA GLY B 466 12.46 20.89 -18.52
C GLY B 466 13.49 21.71 -17.74
N ASN B 467 13.43 21.65 -16.41
CA ASN B 467 14.26 22.54 -15.62
C ASN B 467 15.02 21.78 -14.55
N THR B 468 15.85 22.54 -13.83
CA THR B 468 16.61 22.02 -12.69
C THR B 468 15.75 22.12 -11.43
N LEU B 469 15.63 21.03 -10.67
CA LEU B 469 14.81 21.02 -9.47
C LEU B 469 15.66 21.29 -8.24
N THR B 470 15.27 22.14 -7.27
CA THR B 470 16.02 22.24 -6.02
C THR B 470 15.03 21.80 -4.94
N VAL B 471 15.52 20.93 -4.08
CA VAL B 471 14.78 20.25 -3.03
C VAL B 471 15.47 20.66 -1.75
N GLY B 472 14.64 21.06 -0.80
CA GLY B 472 15.11 21.47 0.50
C GLY B 472 14.77 20.41 1.54
N ALA B 473 14.59 20.95 2.73
CA ALA B 473 14.29 20.15 3.89
C ALA B 473 13.00 19.39 3.71
N GLY B 474 13.07 18.09 4.01
CA GLY B 474 11.89 17.22 4.04
C GLY B 474 11.23 17.02 2.68
N GLY B 475 12.08 17.02 1.65
CA GLY B 475 11.64 16.82 0.28
C GLY B 475 10.83 17.97 -0.28
N ALA B 476 10.58 19.09 0.42
CA ALA B 476 9.80 20.18 -0.17
C ALA B 476 10.66 20.86 -1.22
N ALA B 477 10.16 20.96 -2.44
CA ALA B 477 10.89 21.57 -3.53
C ALA B 477 10.60 23.05 -3.58
N SER B 478 11.53 23.81 -4.09
CA SER B 478 11.38 25.24 -4.24
C SER B 478 10.31 25.59 -5.28
N ASN B 479 9.69 26.77 -5.24
CA ASN B 479 8.65 27.13 -6.22
C ASN B 479 9.31 27.16 -7.58
N PHE B 480 8.64 26.77 -8.65
CA PHE B 480 9.25 26.84 -9.96
C PHE B 480 8.17 26.98 -11.00
N THR B 481 8.60 27.22 -12.21
CA THR B 481 7.67 27.38 -13.29
C THR B 481 7.95 26.32 -14.36
N LEU B 482 7.01 25.39 -14.51
CA LEU B 482 7.11 24.35 -15.49
C LEU B 482 6.72 25.02 -16.79
N ALA B 483 7.63 25.05 -17.76
CA ALA B 483 7.35 25.66 -19.06
C ALA B 483 6.11 25.10 -19.78
N PRO B 484 5.51 25.81 -20.72
CA PRO B 484 4.62 25.25 -21.74
C PRO B 484 5.19 24.04 -22.46
N GLY B 485 4.52 22.91 -22.38
CA GLY B 485 5.03 21.70 -23.01
C GLY B 485 6.27 21.19 -22.27
N GLY B 486 6.44 21.66 -21.03
CA GLY B 486 7.56 21.30 -20.21
C GLY B 486 7.44 19.88 -19.73
N THR B 487 8.51 19.13 -19.85
CA THR B 487 8.55 17.77 -19.35
C THR B 487 9.94 17.67 -18.74
N ALA B 488 9.97 17.17 -17.52
CA ALA B 488 11.17 17.16 -16.75
C ALA B 488 11.19 15.90 -15.94
N VAL B 489 12.36 15.28 -15.82
CA VAL B 489 12.51 14.01 -15.13
C VAL B 489 13.68 14.33 -14.22
N TRP B 490 13.54 14.02 -12.93
CA TRP B 490 14.57 14.24 -11.91
C TRP B 490 14.60 12.91 -11.17
N GLN B 491 15.72 12.42 -10.66
CA GLN B 491 15.82 11.09 -10.06
C GLN B 491 16.86 10.96 -8.96
N TYR B 492 16.79 9.90 -8.15
CA TYR B 492 17.71 9.65 -7.05
C TYR B 492 17.91 8.15 -6.93
N THR B 493 19.10 7.57 -7.05
CA THR B 493 19.24 6.15 -6.83
C THR B 493 20.09 5.88 -5.60
N THR B 494 19.87 4.78 -4.91
CA THR B 494 20.77 4.35 -3.86
C THR B 494 20.50 2.89 -3.62
N ASP B 495 21.54 2.14 -3.27
CA ASP B 495 21.44 0.70 -3.08
C ASP B 495 20.47 0.33 -1.98
N ALA B 496 19.70 -0.72 -2.19
CA ALA B 496 18.73 -1.18 -1.23
C ALA B 496 19.46 -2.22 -0.40
N THR B 497 19.31 -2.07 0.91
CA THR B 497 19.89 -3.00 1.86
C THR B 497 19.04 -4.22 2.22
N THR B 498 17.77 -3.90 2.31
CA THR B 498 16.74 -4.83 2.73
C THR B 498 16.01 -5.23 1.44
N PRO B 499 15.56 -6.49 1.33
CA PRO B 499 15.06 -7.06 0.09
C PRO B 499 13.68 -6.60 -0.35
N ILE B 500 13.58 -6.17 -1.61
CA ILE B 500 12.33 -5.68 -2.17
C ILE B 500 12.08 -6.38 -3.50
N ILE B 501 10.94 -7.02 -3.63
CA ILE B 501 10.49 -7.71 -4.84
C ILE B 501 9.77 -6.69 -5.73
N GLY B 502 10.29 -6.57 -6.93
CA GLY B 502 9.72 -5.74 -7.97
C GLY B 502 9.01 -6.56 -9.02
N ASN B 503 9.37 -7.81 -9.35
CA ASN B 503 8.60 -8.56 -10.34
C ASN B 503 8.88 -10.05 -10.21
N VAL B 504 7.97 -10.94 -10.65
CA VAL B 504 8.12 -12.41 -10.62
C VAL B 504 7.56 -12.88 -11.96
N GLY B 505 8.26 -13.78 -12.64
CA GLY B 505 7.81 -14.40 -13.88
C GLY B 505 8.37 -15.82 -13.94
N PRO B 506 7.67 -16.90 -14.34
CA PRO B 506 6.25 -16.88 -14.64
C PRO B 506 5.41 -16.77 -13.37
N MET B 507 4.13 -16.43 -13.52
CA MET B 507 3.27 -16.33 -12.38
C MET B 507 2.39 -17.53 -12.14
N MET B 508 2.51 -18.60 -12.94
CA MET B 508 1.65 -19.77 -12.87
C MET B 508 2.43 -21.00 -13.33
N ALA B 509 2.56 -22.06 -12.56
CA ALA B 509 3.36 -23.21 -13.00
C ALA B 509 3.29 -24.40 -12.05
N LYS B 510 3.62 -25.58 -12.52
CA LYS B 510 3.57 -26.76 -11.66
C LYS B 510 4.79 -26.79 -10.72
N PRO B 511 4.78 -27.50 -9.59
CA PRO B 511 6.01 -27.83 -8.85
C PRO B 511 7.21 -28.31 -9.68
N GLY B 512 8.42 -27.81 -9.43
CA GLY B 512 9.56 -28.26 -10.17
C GLY B 512 10.09 -27.23 -11.13
N VAL B 513 9.30 -26.26 -11.59
CA VAL B 513 9.88 -25.30 -12.52
C VAL B 513 10.47 -24.11 -11.75
N THR B 514 11.46 -23.51 -12.40
CA THR B 514 12.24 -22.40 -11.91
C THR B 514 11.64 -21.05 -12.23
N ILE B 515 11.29 -20.31 -11.18
CA ILE B 515 10.81 -18.96 -11.36
C ILE B 515 11.89 -17.92 -11.09
N THR B 516 11.77 -16.78 -11.73
CA THR B 516 12.62 -15.61 -11.61
C THR B 516 11.95 -14.48 -10.81
N ILE B 517 12.56 -14.04 -9.70
CA ILE B 517 12.06 -12.99 -8.81
C ILE B 517 13.06 -11.86 -9.02
N ASP B 518 12.66 -10.64 -9.34
CA ASP B 518 13.60 -9.53 -9.54
C ASP B 518 13.28 -8.43 -8.54
N GLY B 519 14.31 -7.66 -8.23
CA GLY B 519 14.14 -6.58 -7.27
C GLY B 519 15.50 -6.03 -6.95
N ARG B 520 15.71 -5.70 -5.69
CA ARG B 520 16.96 -5.15 -5.18
C ARG B 520 17.10 -5.60 -3.73
N GLY B 521 18.29 -5.51 -3.13
CA GLY B 521 18.44 -5.78 -1.71
C GLY B 521 18.40 -7.25 -1.33
N PHE B 522 18.47 -8.20 -2.27
CA PHE B 522 18.43 -9.63 -1.92
C PHE B 522 19.76 -10.06 -1.33
N GLY B 523 20.82 -9.35 -1.68
CA GLY B 523 22.15 -9.63 -1.19
C GLY B 523 22.79 -10.70 -2.06
N SER B 524 24.08 -10.94 -1.81
CA SER B 524 24.85 -11.92 -2.55
C SER B 524 24.81 -13.36 -2.05
N GLY B 525 24.19 -13.62 -0.90
CA GLY B 525 24.20 -14.95 -0.30
C GLY B 525 22.78 -15.43 -0.16
N LYS B 526 22.54 -16.70 -0.48
CA LYS B 526 21.23 -17.32 -0.46
C LYS B 526 20.60 -17.17 0.91
N GLY B 527 19.31 -16.85 0.84
CA GLY B 527 18.45 -16.64 1.99
C GLY B 527 17.29 -17.59 1.85
N THR B 528 16.05 -17.14 2.01
CA THR B 528 14.92 -18.05 2.00
C THR B 528 13.86 -17.47 1.10
N VAL B 529 13.08 -18.33 0.48
CA VAL B 529 11.99 -17.87 -0.35
C VAL B 529 10.82 -18.59 0.28
N TYR B 530 9.73 -17.90 0.53
CA TYR B 530 8.58 -18.55 1.07
C TYR B 530 7.57 -18.57 -0.05
N PHE B 531 6.88 -19.70 -0.11
CA PHE B 531 5.70 -19.88 -0.92
C PHE B 531 4.81 -20.32 0.20
N GLY B 532 3.97 -19.41 0.66
CA GLY B 532 3.12 -19.70 1.80
C GLY B 532 4.01 -19.80 3.04
N THR B 533 3.78 -20.74 3.96
CA THR B 533 4.67 -20.88 5.11
C THR B 533 5.84 -21.80 4.73
N THR B 534 5.95 -22.19 3.44
CA THR B 534 6.96 -23.09 2.94
C THR B 534 8.20 -22.34 2.51
N ALA B 535 9.19 -22.52 3.35
CA ALA B 535 10.51 -21.97 3.13
C ALA B 535 11.25 -22.85 2.14
N VAL B 536 11.83 -22.24 1.12
CA VAL B 536 12.61 -22.90 0.08
C VAL B 536 13.99 -22.31 0.23
N THR B 537 14.95 -23.21 0.34
CA THR B 537 16.31 -22.80 0.47
C THR B 537 17.27 -23.81 -0.19
N GLY B 538 18.55 -23.43 -0.09
CA GLY B 538 19.68 -24.22 -0.56
C GLY B 538 19.61 -24.54 -2.04
N ALA B 539 19.76 -25.83 -2.31
CA ALA B 539 19.77 -26.39 -3.66
C ALA B 539 18.62 -26.02 -4.60
N ASP B 540 17.45 -25.69 -4.05
CA ASP B 540 16.31 -25.31 -4.89
C ASP B 540 16.40 -23.86 -5.27
N ILE B 541 17.19 -23.01 -4.61
CA ILE B 541 17.32 -21.67 -5.11
C ILE B 541 18.45 -21.97 -6.06
N VAL B 542 18.04 -21.91 -7.30
CA VAL B 542 18.91 -22.21 -8.39
C VAL B 542 19.93 -21.08 -8.55
N ALA B 543 19.62 -19.80 -8.29
CA ALA B 543 20.61 -18.73 -8.37
C ALA B 543 20.20 -17.64 -7.40
N TRP B 544 21.09 -16.74 -6.90
CA TRP B 544 20.71 -15.71 -5.94
C TRP B 544 21.78 -14.65 -6.07
N GLU B 545 21.36 -13.44 -6.37
CA GLU B 545 22.24 -12.32 -6.34
C GLU B 545 21.38 -11.15 -5.96
N ASP B 546 21.94 -9.97 -5.84
CA ASP B 546 21.20 -8.88 -5.23
C ASP B 546 19.95 -8.46 -5.95
N THR B 547 19.92 -8.56 -7.27
CA THR B 547 18.76 -8.13 -8.04
C THR B 547 17.93 -9.26 -8.60
N GLN B 548 18.32 -10.53 -8.44
CA GLN B 548 17.61 -11.59 -9.11
C GLN B 548 17.85 -12.91 -8.44
N ILE B 549 16.79 -13.62 -8.12
CA ILE B 549 17.00 -14.95 -7.65
C ILE B 549 16.14 -15.80 -8.58
N GLN B 550 16.49 -17.07 -8.70
CA GLN B 550 15.72 -18.01 -9.48
C GLN B 550 15.60 -19.18 -8.55
N VAL B 551 14.43 -19.80 -8.47
CA VAL B 551 14.24 -20.85 -7.49
C VAL B 551 13.19 -21.83 -8.01
N LYS B 552 13.25 -23.09 -7.62
CA LYS B 552 12.30 -24.08 -8.10
C LYS B 552 11.08 -24.04 -7.24
N ILE B 553 9.92 -24.19 -7.86
CA ILE B 553 8.65 -24.17 -7.15
C ILE B 553 8.53 -25.46 -6.33
N PRO B 554 8.22 -25.31 -5.02
CA PRO B 554 8.09 -26.39 -4.07
C PRO B 554 6.92 -27.28 -4.38
N ALA B 555 7.04 -28.50 -3.88
CA ALA B 555 6.00 -29.49 -3.97
C ALA B 555 4.83 -29.13 -3.06
N VAL B 556 4.20 -27.98 -3.28
CA VAL B 556 3.08 -27.54 -2.47
C VAL B 556 1.81 -27.93 -3.23
N PRO B 557 0.65 -28.05 -2.56
CA PRO B 557 -0.66 -28.22 -3.18
C PRO B 557 -1.01 -27.17 -4.19
N GLY B 558 -1.82 -27.54 -5.17
CA GLY B 558 -2.27 -26.56 -6.13
C GLY B 558 -3.03 -25.47 -5.37
N GLY B 559 -2.71 -24.22 -5.66
CA GLY B 559 -3.35 -23.09 -5.03
C GLY B 559 -2.64 -21.79 -5.39
N ILE B 560 -3.05 -20.65 -4.78
CA ILE B 560 -2.36 -19.42 -5.06
C ILE B 560 -1.66 -19.06 -3.75
N TYR B 561 -0.44 -18.61 -3.94
CA TYR B 561 0.51 -18.41 -2.88
C TYR B 561 1.12 -17.04 -2.92
N ASP B 562 1.45 -16.57 -1.71
CA ASP B 562 2.21 -15.35 -1.55
C ASP B 562 3.67 -15.77 -1.52
N ILE B 563 4.46 -14.94 -2.17
CA ILE B 563 5.87 -15.14 -2.26
C ILE B 563 6.54 -14.06 -1.44
N ARG B 564 7.51 -14.45 -0.62
CA ARG B 564 8.24 -13.51 0.19
C ARG B 564 9.71 -13.97 0.26
N VAL B 565 10.68 -13.07 0.19
CA VAL B 565 12.11 -13.37 0.25
C VAL B 565 12.66 -12.89 1.60
N ALA B 566 13.60 -13.59 2.22
CA ALA B 566 14.24 -13.15 3.43
C ALA B 566 15.71 -13.32 3.06
N ASN B 567 16.47 -12.24 3.00
CA ASN B 567 17.89 -12.37 2.70
C ASN B 567 18.59 -13.17 3.81
N ALA B 568 19.85 -13.57 3.63
CA ALA B 568 20.63 -14.39 4.56
C ALA B 568 20.60 -13.96 6.02
N ALA B 569 20.58 -12.63 6.15
CA ALA B 569 20.52 -11.95 7.43
C ALA B 569 19.11 -11.87 8.01
N GLY B 570 18.12 -12.60 7.47
CA GLY B 570 16.78 -12.63 8.01
C GLY B 570 15.85 -11.47 7.68
N ALA B 571 16.26 -10.35 7.04
CA ALA B 571 15.34 -9.26 6.73
C ALA B 571 14.41 -9.73 5.59
N ALA B 572 13.08 -9.73 5.82
CA ALA B 572 12.11 -10.23 4.84
C ALA B 572 11.58 -9.10 3.97
N SER B 573 11.15 -9.45 2.75
CA SER B 573 10.67 -8.52 1.75
C SER B 573 9.19 -8.17 1.83
N ASN B 574 8.75 -7.34 0.88
CA ASN B 574 7.32 -7.13 0.64
C ASN B 574 6.74 -8.45 0.15
N ILE B 575 5.44 -8.67 0.24
CA ILE B 575 4.80 -9.89 -0.26
C ILE B 575 4.46 -9.73 -1.74
N TYR B 576 4.75 -10.68 -2.63
CA TYR B 576 4.28 -10.61 -4.01
C TYR B 576 3.21 -11.69 -4.03
N ASP B 577 1.96 -11.38 -4.25
CA ASP B 577 0.95 -12.40 -4.12
C ASP B 577 0.37 -12.88 -5.44
N ASN B 578 -0.64 -13.76 -5.41
CA ASN B 578 -1.36 -14.26 -6.60
C ASN B 578 -0.49 -15.11 -7.51
N PHE B 579 0.26 -15.99 -6.88
CA PHE B 579 1.13 -16.86 -7.62
C PHE B 579 0.36 -18.16 -7.77
N GLU B 580 0.21 -18.79 -8.93
CA GLU B 580 -0.52 -20.03 -8.95
C GLU B 580 0.31 -21.28 -9.19
N VAL B 581 0.23 -22.20 -8.24
CA VAL B 581 0.85 -23.50 -8.35
C VAL B 581 -0.20 -24.43 -8.97
N LEU B 582 0.06 -24.93 -10.18
CA LEU B 582 -0.87 -25.83 -10.85
C LEU B 582 -0.72 -27.20 -10.21
N THR B 583 -1.78 -28.01 -10.16
CA THR B 583 -1.68 -29.37 -9.66
C THR B 583 -0.77 -30.25 -10.53
N GLY B 584 -0.52 -29.86 -11.80
CA GLY B 584 0.35 -30.62 -12.66
C GLY B 584 0.29 -29.98 -14.03
N ASP B 585 0.59 -30.80 -15.02
CA ASP B 585 0.49 -30.39 -16.41
C ASP B 585 -0.98 -30.23 -16.72
N GLN B 586 -1.31 -29.47 -17.74
CA GLN B 586 -2.71 -29.16 -17.98
C GLN B 586 -3.29 -29.71 -19.28
N VAL B 587 -4.57 -30.14 -19.30
CA VAL B 587 -5.27 -30.45 -20.55
C VAL B 587 -6.59 -29.68 -20.52
N THR B 588 -7.01 -29.10 -21.63
CA THR B 588 -8.31 -28.45 -21.68
C THR B 588 -9.36 -29.53 -21.89
N VAL B 589 -10.29 -29.73 -20.94
CA VAL B 589 -11.43 -30.63 -21.11
C VAL B 589 -12.69 -29.79 -21.36
N ARG B 590 -13.56 -30.23 -22.27
CA ARG B 590 -14.83 -29.59 -22.53
C ARG B 590 -15.81 -30.24 -21.56
N PHE B 591 -16.52 -29.47 -20.75
CA PHE B 591 -17.52 -30.03 -19.87
C PHE B 591 -18.84 -29.62 -20.49
N VAL B 592 -19.79 -30.56 -20.57
CA VAL B 592 -21.09 -30.33 -21.19
C VAL B 592 -22.11 -30.89 -20.23
N ILE B 593 -23.08 -30.12 -19.76
CA ILE B 593 -24.10 -30.64 -18.84
C ILE B 593 -25.40 -30.36 -19.55
N ASN B 594 -26.27 -31.34 -19.59
CA ASN B 594 -27.53 -31.20 -20.29
C ASN B 594 -28.59 -31.07 -19.22
N ASN B 595 -29.72 -30.53 -19.66
CA ASN B 595 -30.92 -30.34 -18.87
C ASN B 595 -30.74 -29.51 -17.59
N ALA B 596 -29.90 -28.47 -17.70
CA ALA B 596 -29.65 -27.54 -16.63
C ALA B 596 -30.45 -26.25 -16.90
N THR B 597 -31.72 -26.34 -16.53
CA THR B 597 -32.68 -25.24 -16.69
C THR B 597 -32.47 -24.19 -15.61
N THR B 598 -32.29 -22.91 -15.92
CA THR B 598 -32.09 -21.91 -14.91
C THR B 598 -33.25 -20.92 -14.76
N ALA B 599 -33.16 -20.14 -13.68
CA ALA B 599 -34.11 -19.10 -13.32
C ALA B 599 -33.56 -17.75 -13.77
N LEU B 600 -34.18 -16.65 -13.35
CA LEU B 600 -33.73 -15.30 -13.67
C LEU B 600 -32.36 -15.09 -13.03
N GLY B 601 -31.38 -14.97 -13.91
CA GLY B 601 -30.01 -14.71 -13.48
C GLY B 601 -29.35 -15.87 -12.72
N GLN B 602 -29.96 -17.04 -12.78
CA GLN B 602 -29.39 -18.22 -12.18
C GLN B 602 -28.45 -18.74 -13.27
N ASN B 603 -27.18 -18.97 -12.97
CA ASN B 603 -26.25 -19.47 -13.98
C ASN B 603 -25.63 -20.79 -13.55
N VAL B 604 -25.14 -21.64 -14.46
CA VAL B 604 -24.57 -22.94 -14.10
C VAL B 604 -23.06 -22.75 -14.09
N PHE B 605 -22.44 -23.50 -13.20
CA PHE B 605 -21.05 -23.42 -12.83
C PHE B 605 -20.57 -24.83 -12.54
N LEU B 606 -19.24 -24.95 -12.52
CA LEU B 606 -18.51 -26.20 -12.33
C LEU B 606 -17.57 -26.06 -11.14
N THR B 607 -17.48 -27.05 -10.29
CA THR B 607 -16.47 -27.02 -9.27
C THR B 607 -16.06 -28.47 -8.99
N GLY B 608 -14.85 -28.64 -8.49
CA GLY B 608 -14.34 -29.96 -8.19
C GLY B 608 -13.25 -29.88 -7.14
N ASN B 609 -12.60 -31.01 -6.93
CA ASN B 609 -11.62 -31.16 -5.87
C ASN B 609 -10.17 -30.79 -6.18
N VAL B 610 -9.80 -30.26 -7.34
CA VAL B 610 -8.45 -29.77 -7.58
C VAL B 610 -8.48 -28.24 -7.53
N SER B 611 -7.39 -27.50 -7.34
CA SER B 611 -7.49 -26.05 -7.26
C SER B 611 -7.96 -25.42 -8.54
N GLU B 612 -7.65 -26.08 -9.65
CA GLU B 612 -8.12 -25.68 -10.95
C GLU B 612 -9.63 -25.58 -11.06
N LEU B 613 -10.36 -26.32 -10.25
CA LEU B 613 -11.81 -26.30 -10.26
C LEU B 613 -12.40 -25.53 -9.07
N GLY B 614 -11.58 -24.69 -8.44
CA GLY B 614 -12.02 -23.89 -7.30
C GLY B 614 -12.00 -24.65 -5.98
N ASN B 615 -11.61 -25.93 -5.98
CA ASN B 615 -11.52 -26.77 -4.80
C ASN B 615 -12.80 -26.80 -3.98
N TRP B 616 -13.89 -27.05 -4.69
CA TRP B 616 -15.24 -27.11 -4.14
C TRP B 616 -15.73 -25.79 -3.57
N ASP B 617 -15.04 -24.66 -3.72
CA ASP B 617 -15.60 -23.44 -3.21
C ASP B 617 -16.53 -22.86 -4.27
N PRO B 618 -17.84 -22.73 -4.02
CA PRO B 618 -18.79 -22.08 -4.91
C PRO B 618 -18.33 -20.69 -5.29
N ASN B 619 -17.74 -19.92 -4.39
CA ASN B 619 -17.23 -18.60 -4.76
C ASN B 619 -16.07 -18.61 -5.72
N ASN B 620 -15.52 -19.80 -5.98
CA ASN B 620 -14.41 -19.95 -6.91
C ASN B 620 -14.67 -20.90 -8.08
N ALA B 621 -15.92 -21.34 -8.20
CA ALA B 621 -16.33 -22.27 -9.25
C ALA B 621 -16.18 -21.69 -10.65
N ILE B 622 -15.89 -22.58 -11.58
CA ILE B 622 -15.66 -22.26 -12.98
C ILE B 622 -16.97 -21.90 -13.63
N GLY B 623 -17.00 -20.72 -14.25
CA GLY B 623 -18.21 -20.34 -14.92
C GLY B 623 -18.42 -18.84 -14.95
N PRO B 624 -19.59 -18.33 -15.36
CA PRO B 624 -20.74 -19.08 -15.84
C PRO B 624 -20.43 -19.75 -17.17
N MET B 625 -20.82 -21.02 -17.22
CA MET B 625 -20.65 -21.80 -18.42
C MET B 625 -21.42 -21.18 -19.59
N TYR B 626 -21.17 -21.66 -20.79
CA TYR B 626 -21.75 -21.08 -21.98
C TYR B 626 -22.93 -21.91 -22.37
N ASN B 627 -23.78 -21.41 -23.28
CA ASN B 627 -24.97 -22.13 -23.70
C ASN B 627 -25.59 -21.63 -25.00
N GLN B 628 -24.92 -20.84 -25.85
CA GLN B 628 -25.51 -20.43 -27.12
C GLN B 628 -24.96 -21.19 -28.35
N VAL B 629 -23.69 -21.00 -28.72
CA VAL B 629 -23.16 -21.47 -30.00
C VAL B 629 -22.89 -22.96 -30.15
N VAL B 630 -21.97 -23.56 -29.40
CA VAL B 630 -21.62 -24.96 -29.61
C VAL B 630 -22.73 -25.87 -29.12
N TYR B 631 -23.29 -25.53 -27.97
CA TYR B 631 -24.40 -26.27 -27.40
C TYR B 631 -25.42 -25.21 -27.06
N GLN B 632 -26.71 -25.53 -27.09
CA GLN B 632 -27.71 -24.54 -26.77
C GLN B 632 -28.41 -24.89 -25.49
N TYR B 633 -28.83 -23.84 -24.79
CA TYR B 633 -29.54 -23.92 -23.51
C TYR B 633 -30.79 -24.82 -23.62
N PRO B 634 -31.14 -25.75 -22.71
CA PRO B 634 -30.52 -25.94 -21.39
C PRO B 634 -29.31 -26.85 -21.26
N THR B 635 -28.52 -26.94 -22.29
CA THR B 635 -27.24 -27.59 -22.22
C THR B 635 -26.25 -26.43 -22.05
N TRP B 636 -25.30 -26.64 -21.17
CA TRP B 636 -24.27 -25.67 -20.94
C TRP B 636 -22.92 -26.37 -21.19
N TYR B 637 -21.93 -25.66 -21.74
CA TYR B 637 -20.62 -26.21 -22.07
C TYR B 637 -19.52 -25.25 -21.63
N TYR B 638 -18.32 -25.73 -21.24
CA TYR B 638 -17.21 -24.86 -20.89
C TYR B 638 -15.85 -25.56 -21.04
N ASP B 639 -14.88 -24.94 -21.71
CA ASP B 639 -13.53 -25.47 -21.91
C ASP B 639 -12.66 -25.13 -20.73
N VAL B 640 -12.43 -26.06 -19.83
CA VAL B 640 -11.69 -25.78 -18.61
C VAL B 640 -10.30 -26.43 -18.62
N SER B 641 -9.24 -25.70 -18.25
CA SER B 641 -7.90 -26.30 -18.10
C SER B 641 -7.86 -27.11 -16.82
N VAL B 642 -7.50 -28.39 -16.84
CA VAL B 642 -7.51 -29.25 -15.66
C VAL B 642 -6.22 -30.06 -15.58
N PRO B 643 -5.76 -30.57 -14.43
CA PRO B 643 -4.49 -31.29 -14.33
C PRO B 643 -4.60 -32.56 -15.15
N ALA B 644 -3.63 -32.85 -16.00
CA ALA B 644 -3.61 -33.99 -16.89
C ALA B 644 -3.32 -35.30 -16.17
N GLY B 645 -4.05 -36.34 -16.55
CA GLY B 645 -3.75 -37.67 -16.06
C GLY B 645 -4.28 -38.09 -14.72
N GLN B 646 -5.36 -37.56 -14.17
CA GLN B 646 -5.84 -38.05 -12.90
C GLN B 646 -7.35 -37.98 -12.81
N THR B 647 -7.91 -38.72 -11.85
CA THR B 647 -9.35 -38.74 -11.61
C THR B 647 -9.80 -37.51 -10.81
N ILE B 648 -10.36 -36.53 -11.51
CA ILE B 648 -10.89 -35.35 -10.84
C ILE B 648 -12.31 -35.69 -10.40
N GLU B 649 -12.74 -35.07 -9.32
CA GLU B 649 -14.07 -35.27 -8.82
C GLU B 649 -14.65 -33.91 -9.00
N PHE B 650 -15.85 -33.89 -9.54
CA PHE B 650 -16.53 -32.65 -9.83
C PHE B 650 -18.02 -32.81 -9.64
N LYS B 651 -18.64 -31.67 -9.63
CA LYS B 651 -20.08 -31.54 -9.53
C LYS B 651 -20.39 -30.18 -10.19
N PHE B 652 -21.61 -29.94 -10.63
CA PHE B 652 -22.00 -28.66 -11.21
C PHE B 652 -22.97 -28.03 -10.20
N LEU B 653 -23.14 -26.72 -10.25
CA LEU B 653 -24.01 -25.98 -9.34
C LEU B 653 -24.64 -24.85 -10.14
N LYS B 654 -25.72 -24.29 -9.64
CA LYS B 654 -26.32 -23.12 -10.23
C LYS B 654 -26.14 -22.06 -9.15
N LYS B 655 -25.88 -20.81 -9.52
CA LYS B 655 -25.78 -19.74 -8.55
C LYS B 655 -26.75 -18.62 -8.89
N GLN B 656 -27.72 -18.41 -8.00
CA GLN B 656 -28.67 -17.30 -8.09
C GLN B 656 -28.11 -16.25 -7.15
N GLY B 657 -27.13 -15.45 -7.57
CA GLY B 657 -26.54 -14.42 -6.72
C GLY B 657 -25.75 -15.02 -5.56
N SER B 658 -26.41 -15.40 -4.47
CA SER B 658 -25.72 -15.98 -3.34
C SER B 658 -26.33 -17.34 -3.02
N THR B 659 -27.33 -17.77 -3.80
CA THR B 659 -27.93 -19.06 -3.60
C THR B 659 -27.13 -20.00 -4.48
N VAL B 660 -26.75 -21.14 -3.92
CA VAL B 660 -26.04 -22.16 -4.67
C VAL B 660 -27.01 -23.34 -4.70
N THR B 661 -27.53 -23.72 -5.86
CA THR B 661 -28.33 -24.94 -5.92
C THR B 661 -27.30 -25.97 -6.41
N TRP B 662 -26.94 -26.93 -5.58
CA TRP B 662 -26.02 -27.98 -5.97
C TRP B 662 -26.74 -29.12 -6.63
N GLU B 663 -26.03 -29.84 -7.50
CA GLU B 663 -26.56 -31.10 -8.04
C GLU B 663 -26.68 -32.01 -6.85
N GLY B 664 -27.66 -32.86 -6.90
CA GLY B 664 -27.73 -33.90 -5.92
C GLY B 664 -27.01 -35.07 -6.57
N GLY B 665 -27.18 -36.23 -5.97
CA GLY B 665 -26.47 -37.40 -6.42
C GLY B 665 -25.13 -37.42 -5.68
N ALA B 666 -24.14 -38.10 -6.24
CA ALA B 666 -22.84 -38.17 -5.61
C ALA B 666 -21.88 -37.46 -6.56
N ASN B 667 -20.68 -37.19 -6.06
CA ASN B 667 -19.64 -36.48 -6.81
C ASN B 667 -19.24 -37.22 -8.07
N ARG B 668 -19.24 -36.54 -9.21
CA ARG B 668 -18.85 -37.20 -10.43
C ARG B 668 -17.33 -37.33 -10.45
N THR B 669 -16.82 -38.21 -11.29
CA THR B 669 -15.41 -38.48 -11.38
C THR B 669 -15.06 -38.71 -12.85
N PHE B 670 -13.84 -38.37 -13.29
CA PHE B 670 -13.40 -38.46 -14.67
C PHE B 670 -11.90 -38.53 -14.61
N THR B 671 -11.22 -39.37 -15.39
CA THR B 671 -9.77 -39.40 -15.40
C THR B 671 -9.37 -38.59 -16.63
N THR B 672 -8.68 -37.48 -16.42
CA THR B 672 -8.30 -36.66 -17.53
C THR B 672 -7.29 -37.38 -18.42
N PRO B 673 -7.33 -37.08 -19.71
CA PRO B 673 -6.32 -37.46 -20.67
C PRO B 673 -4.95 -36.94 -20.26
N THR B 674 -3.85 -37.53 -20.73
CA THR B 674 -2.54 -37.02 -20.38
C THR B 674 -2.09 -35.91 -21.32
N SER B 675 -2.60 -35.89 -22.56
CA SER B 675 -2.31 -34.86 -23.54
C SER B 675 -3.60 -34.75 -24.37
N GLY B 676 -3.77 -33.72 -25.19
CA GLY B 676 -4.95 -33.62 -26.04
C GLY B 676 -6.18 -33.19 -25.25
N THR B 677 -7.38 -33.33 -25.83
CA THR B 677 -8.57 -32.91 -25.16
C THR B 677 -9.48 -34.10 -24.90
N ALA B 678 -10.61 -33.81 -24.25
CA ALA B 678 -11.67 -34.76 -23.98
C ALA B 678 -12.89 -33.89 -23.73
N THR B 679 -14.08 -34.48 -23.75
CA THR B 679 -15.33 -33.76 -23.60
C THR B 679 -16.11 -34.59 -22.59
N VAL B 680 -16.58 -34.08 -21.46
CA VAL B 680 -17.38 -34.88 -20.56
C VAL B 680 -18.81 -34.37 -20.82
N ASN B 681 -19.75 -35.26 -21.11
CA ASN B 681 -21.10 -34.86 -21.47
C ASN B 681 -22.00 -35.51 -20.44
N VAL B 682 -22.78 -34.77 -19.64
CA VAL B 682 -23.56 -35.31 -18.52
C VAL B 682 -24.94 -34.64 -18.40
N ASN B 683 -25.91 -35.07 -17.57
CA ASN B 683 -27.22 -34.43 -17.45
C ASN B 683 -27.35 -33.98 -16.02
N TRP B 684 -28.08 -32.89 -15.72
CA TRP B 684 -28.22 -32.41 -14.36
C TRP B 684 -28.81 -33.49 -13.47
N GLN B 685 -28.23 -33.51 -12.29
CA GLN B 685 -28.63 -34.42 -11.24
C GLN B 685 -29.30 -33.58 -10.18
N PRO B 686 -30.57 -33.86 -9.85
CA PRO B 686 -31.36 -33.12 -8.87
C PRO B 686 -30.87 -33.36 -7.45
#